data_7V1U
# 
_entry.id   7V1U 
# 
_audit_conform.dict_name       mmcif_pdbx.dic 
_audit_conform.dict_version    5.380 
_audit_conform.dict_location   http://mmcif.pdb.org/dictionaries/ascii/mmcif_pdbx.dic 
# 
loop_
_database_2.database_id 
_database_2.database_code 
_database_2.pdbx_database_accession 
_database_2.pdbx_DOI 
PDB   7V1U         pdb_00007v1u 10.2210/pdb7v1u/pdb 
WWPDB D_1300023774 ?            ?                   
# 
_pdbx_database_status.status_code                     REL 
_pdbx_database_status.status_code_sf                  REL 
_pdbx_database_status.status_code_mr                  ? 
_pdbx_database_status.entry_id                        7V1U 
_pdbx_database_status.recvd_initial_deposition_date   2021-08-06 
_pdbx_database_status.SG_entry                        N 
_pdbx_database_status.deposit_site                    PDBJ 
_pdbx_database_status.process_site                    PDBJ 
_pdbx_database_status.status_code_cs                  ? 
_pdbx_database_status.status_code_nmr_data            ? 
_pdbx_database_status.methods_development_category    ? 
_pdbx_database_status.pdb_format_compatible           Y 
# 
loop_
_audit_author.name 
_audit_author.pdbx_ordinal 
_audit_author.identifier_ORCID 
'Zhang, M.' 1 ? 
'Wang, C.'  2 ? 
'Zhang, C.' 3 ? 
'Zhang, Y.' 4 ? 
'Xu, Y.'    5 ? 
# 
_citation.abstract                  ? 
_citation.abstract_id_CAS           ? 
_citation.book_id_ISBN              ? 
_citation.book_publisher            ? 
_citation.book_publisher_city       ? 
_citation.book_title                ? 
_citation.coordinate_linkage        ? 
_citation.country                   CN 
_citation.database_id_Medline       ? 
_citation.details                   ? 
_citation.id                        primary 
_citation.journal_abbrev            'Acta Pharmacol.Sin.' 
_citation.journal_id_ASTM           ? 
_citation.journal_id_CSD            ? 
_citation.journal_id_ISSN           1745-7254 
_citation.journal_full              ? 
_citation.journal_issue             ? 
_citation.journal_volume            43 
_citation.language                  ? 
_citation.page_first                2735 
_citation.page_last                 2748 
_citation.title                     
;Design, synthesis and pharmacological characterization of N-(3-ethylbenzo[d]isoxazol-5-yl) sulfonamide derivatives as BRD4 inhibitors against acute myeloid leukemia.
;
_citation.year                      2022 
_citation.database_id_CSD           ? 
_citation.pdbx_database_id_DOI      10.1038/s41401-022-00881-y 
_citation.pdbx_database_id_PubMed   35264812 
_citation.pdbx_database_id_patent   ? 
_citation.unpublished_flag          ? 
# 
loop_
_citation_author.citation_id 
_citation_author.name 
_citation_author.ordinal 
_citation_author.identifier_ORCID 
primary 'Zhang, M.F.' 1 ? 
primary 'Luo, X.Y.'   2 ? 
primary 'Zhang, C.'   3 ? 
primary 'Wang, C.'    4 ? 
primary 'Wu, X.S.'    5 ? 
primary 'Xiang, Q.P.' 6 ? 
primary 'Xu, Y.'      7 ? 
primary 'Zhang, Y.'   8 ? 
# 
_cell.angle_alpha                  90.000 
_cell.angle_alpha_esd              ? 
_cell.angle_beta                   90.000 
_cell.angle_beta_esd               ? 
_cell.angle_gamma                  90.000 
_cell.angle_gamma_esd              ? 
_cell.entry_id                     7V1U 
_cell.details                      ? 
_cell.formula_units_Z              ? 
_cell.length_a                     35.730 
_cell.length_a_esd                 ? 
_cell.length_b                     46.810 
_cell.length_b_esd                 ? 
_cell.length_c                     77.380 
_cell.length_c_esd                 ? 
_cell.volume                       ? 
_cell.volume_esd                   ? 
_cell.Z_PDB                        4 
_cell.reciprocal_angle_alpha       ? 
_cell.reciprocal_angle_beta        ? 
_cell.reciprocal_angle_gamma       ? 
_cell.reciprocal_angle_alpha_esd   ? 
_cell.reciprocal_angle_beta_esd    ? 
_cell.reciprocal_angle_gamma_esd   ? 
_cell.reciprocal_length_a          ? 
_cell.reciprocal_length_b          ? 
_cell.reciprocal_length_c          ? 
_cell.reciprocal_length_a_esd      ? 
_cell.reciprocal_length_b_esd      ? 
_cell.reciprocal_length_c_esd      ? 
_cell.pdbx_unique_axis             ? 
# 
_symmetry.entry_id                         7V1U 
_symmetry.cell_setting                     ? 
_symmetry.Int_Tables_number                19 
_symmetry.space_group_name_Hall            ? 
_symmetry.space_group_name_H-M             'P 21 21 21' 
_symmetry.pdbx_full_space_group_name_H-M   ? 
# 
loop_
_entity.id 
_entity.type 
_entity.src_method 
_entity.pdbx_description 
_entity.formula_weight 
_entity.pdbx_number_of_molecules 
_entity.pdbx_ec 
_entity.pdbx_mutation 
_entity.pdbx_fragment 
_entity.details 
1 polymer     man 'Bromodomain-containing protein 4'                                          16767.326 1  ? ? ? 
'Residues 28-43 are His-tag and thrombin cleavage site.' 
2 non-polymer syn '~{N}-(3-ethyl-6-methoxy-1,2-benzoxazol-5-yl)-2-methoxy-benzenesulfonamide' 362.400   1  ? ? ? ? 
3 non-polymer syn 1,2-ETHANEDIOL                                                              62.068    1  ? ? ? ? 
4 water       nat water                                                                       18.015    80 ? ? ? ? 
# 
_entity_name_com.entity_id   1 
_entity_name_com.name        'Protein HUNK1' 
# 
_entity_poly.entity_id                      1 
_entity_poly.type                           'polypeptide(L)' 
_entity_poly.nstd_linkage                   no 
_entity_poly.nstd_monomer                   no 
_entity_poly.pdbx_seq_one_letter_code       
;MKKGHHHHHHLVPRGSNPPPPETSNPNKPKRQTNQLQYLLRVVLKTLWKHQFAWPFQQPVDAVKLNLPDYYKIIKTPMDM
GTIKKRLENNYYWNAQECIQDFNTMFTNCYIYNKPGDDIVLMAEALEKLFLQKINELPTEE
;
_entity_poly.pdbx_seq_one_letter_code_can   
;MKKGHHHHHHLVPRGSNPPPPETSNPNKPKRQTNQLQYLLRVVLKTLWKHQFAWPFQQPVDAVKLNLPDYYKIIKTPMDM
GTIKKRLENNYYWNAQECIQDFNTMFTNCYIYNKPGDDIVLMAEALEKLFLQKINELPTEE
;
_entity_poly.pdbx_strand_id                 A 
_entity_poly.pdbx_target_identifier         ? 
# 
loop_
_entity_poly_seq.entity_id 
_entity_poly_seq.num 
_entity_poly_seq.mon_id 
_entity_poly_seq.hetero 
1 1   MET n 
1 2   LYS n 
1 3   LYS n 
1 4   GLY n 
1 5   HIS n 
1 6   HIS n 
1 7   HIS n 
1 8   HIS n 
1 9   HIS n 
1 10  HIS n 
1 11  LEU n 
1 12  VAL n 
1 13  PRO n 
1 14  ARG n 
1 15  GLY n 
1 16  SER n 
1 17  ASN n 
1 18  PRO n 
1 19  PRO n 
1 20  PRO n 
1 21  PRO n 
1 22  GLU n 
1 23  THR n 
1 24  SER n 
1 25  ASN n 
1 26  PRO n 
1 27  ASN n 
1 28  LYS n 
1 29  PRO n 
1 30  LYS n 
1 31  ARG n 
1 32  GLN n 
1 33  THR n 
1 34  ASN n 
1 35  GLN n 
1 36  LEU n 
1 37  GLN n 
1 38  TYR n 
1 39  LEU n 
1 40  LEU n 
1 41  ARG n 
1 42  VAL n 
1 43  VAL n 
1 44  LEU n 
1 45  LYS n 
1 46  THR n 
1 47  LEU n 
1 48  TRP n 
1 49  LYS n 
1 50  HIS n 
1 51  GLN n 
1 52  PHE n 
1 53  ALA n 
1 54  TRP n 
1 55  PRO n 
1 56  PHE n 
1 57  GLN n 
1 58  GLN n 
1 59  PRO n 
1 60  VAL n 
1 61  ASP n 
1 62  ALA n 
1 63  VAL n 
1 64  LYS n 
1 65  LEU n 
1 66  ASN n 
1 67  LEU n 
1 68  PRO n 
1 69  ASP n 
1 70  TYR n 
1 71  TYR n 
1 72  LYS n 
1 73  ILE n 
1 74  ILE n 
1 75  LYS n 
1 76  THR n 
1 77  PRO n 
1 78  MET n 
1 79  ASP n 
1 80  MET n 
1 81  GLY n 
1 82  THR n 
1 83  ILE n 
1 84  LYS n 
1 85  LYS n 
1 86  ARG n 
1 87  LEU n 
1 88  GLU n 
1 89  ASN n 
1 90  ASN n 
1 91  TYR n 
1 92  TYR n 
1 93  TRP n 
1 94  ASN n 
1 95  ALA n 
1 96  GLN n 
1 97  GLU n 
1 98  CYS n 
1 99  ILE n 
1 100 GLN n 
1 101 ASP n 
1 102 PHE n 
1 103 ASN n 
1 104 THR n 
1 105 MET n 
1 106 PHE n 
1 107 THR n 
1 108 ASN n 
1 109 CYS n 
1 110 TYR n 
1 111 ILE n 
1 112 TYR n 
1 113 ASN n 
1 114 LYS n 
1 115 PRO n 
1 116 GLY n 
1 117 ASP n 
1 118 ASP n 
1 119 ILE n 
1 120 VAL n 
1 121 LEU n 
1 122 MET n 
1 123 ALA n 
1 124 GLU n 
1 125 ALA n 
1 126 LEU n 
1 127 GLU n 
1 128 LYS n 
1 129 LEU n 
1 130 PHE n 
1 131 LEU n 
1 132 GLN n 
1 133 LYS n 
1 134 ILE n 
1 135 ASN n 
1 136 GLU n 
1 137 LEU n 
1 138 PRO n 
1 139 THR n 
1 140 GLU n 
1 141 GLU n 
# 
_entity_src_gen.entity_id                          1 
_entity_src_gen.pdbx_src_id                        1 
_entity_src_gen.pdbx_alt_source_flag               sample 
_entity_src_gen.pdbx_seq_type                      'Biological sequence' 
_entity_src_gen.pdbx_beg_seq_num                   1 
_entity_src_gen.pdbx_end_seq_num                   141 
_entity_src_gen.gene_src_common_name               Human 
_entity_src_gen.gene_src_genus                     ? 
_entity_src_gen.pdbx_gene_src_gene                 'BRD4, HUNK1' 
_entity_src_gen.gene_src_species                   ? 
_entity_src_gen.gene_src_strain                    ? 
_entity_src_gen.gene_src_tissue                    ? 
_entity_src_gen.gene_src_tissue_fraction           ? 
_entity_src_gen.gene_src_details                   ? 
_entity_src_gen.pdbx_gene_src_fragment             ? 
_entity_src_gen.pdbx_gene_src_scientific_name      'Homo sapiens' 
_entity_src_gen.pdbx_gene_src_ncbi_taxonomy_id     9606 
_entity_src_gen.pdbx_gene_src_variant              ? 
_entity_src_gen.pdbx_gene_src_cell_line            ? 
_entity_src_gen.pdbx_gene_src_atcc                 ? 
_entity_src_gen.pdbx_gene_src_organ                ? 
_entity_src_gen.pdbx_gene_src_organelle            ? 
_entity_src_gen.pdbx_gene_src_cell                 ? 
_entity_src_gen.pdbx_gene_src_cellular_location    ? 
_entity_src_gen.host_org_common_name               ? 
_entity_src_gen.pdbx_host_org_scientific_name      'Escherichia coli BL21' 
_entity_src_gen.pdbx_host_org_ncbi_taxonomy_id     511693 
_entity_src_gen.host_org_genus                     ? 
_entity_src_gen.pdbx_host_org_gene                 ? 
_entity_src_gen.pdbx_host_org_organ                ? 
_entity_src_gen.host_org_species                   ? 
_entity_src_gen.pdbx_host_org_tissue               ? 
_entity_src_gen.pdbx_host_org_tissue_fraction      ? 
_entity_src_gen.pdbx_host_org_strain               ? 
_entity_src_gen.pdbx_host_org_variant              ? 
_entity_src_gen.pdbx_host_org_cell_line            ? 
_entity_src_gen.pdbx_host_org_atcc                 ? 
_entity_src_gen.pdbx_host_org_culture_collection   ? 
_entity_src_gen.pdbx_host_org_cell                 ? 
_entity_src_gen.pdbx_host_org_organelle            ? 
_entity_src_gen.pdbx_host_org_cellular_location    ? 
_entity_src_gen.pdbx_host_org_vector_type          ? 
_entity_src_gen.pdbx_host_org_vector               ? 
_entity_src_gen.host_org_details                   ? 
_entity_src_gen.expression_system_id               ? 
_entity_src_gen.plasmid_name                       ? 
_entity_src_gen.plasmid_details                    ? 
_entity_src_gen.pdbx_description                   ? 
# 
_struct_ref.id                         1 
_struct_ref.db_name                    UNP 
_struct_ref.db_code                    BRD4_HUMAN 
_struct_ref.pdbx_db_accession          O60885 
_struct_ref.pdbx_db_isoform            ? 
_struct_ref.entity_id                  1 
_struct_ref.pdbx_seq_one_letter_code   
;NPPPPETSNPNKPKRQTNQLQYLLRVVLKTLWKHQFAWPFQQPVDAVKLNLPDYYKIIKTPMDMGTIKKRLENNYYWNAQ
ECIQDFNTMFTNCYIYNKPGDDIVLMAEALEKLFLQKINELPTEE
;
_struct_ref.pdbx_align_begin           44 
# 
_struct_ref_seq.align_id                      1 
_struct_ref_seq.ref_id                        1 
_struct_ref_seq.pdbx_PDB_id_code              7V1U 
_struct_ref_seq.pdbx_strand_id                A 
_struct_ref_seq.seq_align_beg                 17 
_struct_ref_seq.pdbx_seq_align_beg_ins_code   ? 
_struct_ref_seq.seq_align_end                 141 
_struct_ref_seq.pdbx_seq_align_end_ins_code   ? 
_struct_ref_seq.pdbx_db_accession             O60885 
_struct_ref_seq.db_align_beg                  44 
_struct_ref_seq.pdbx_db_align_beg_ins_code    ? 
_struct_ref_seq.db_align_end                  168 
_struct_ref_seq.pdbx_db_align_end_ins_code    ? 
_struct_ref_seq.pdbx_auth_seq_align_beg       44 
_struct_ref_seq.pdbx_auth_seq_align_end       168 
# 
loop_
_struct_ref_seq_dif.align_id 
_struct_ref_seq_dif.pdbx_pdb_id_code 
_struct_ref_seq_dif.mon_id 
_struct_ref_seq_dif.pdbx_pdb_strand_id 
_struct_ref_seq_dif.seq_num 
_struct_ref_seq_dif.pdbx_pdb_ins_code 
_struct_ref_seq_dif.pdbx_seq_db_name 
_struct_ref_seq_dif.pdbx_seq_db_accession_code 
_struct_ref_seq_dif.db_mon_id 
_struct_ref_seq_dif.pdbx_seq_db_seq_num 
_struct_ref_seq_dif.details 
_struct_ref_seq_dif.pdbx_auth_seq_num 
_struct_ref_seq_dif.pdbx_ordinal 
1 7V1U MET A 1  ? UNP O60885 ? ? 'expression tag' 28 1  
1 7V1U LYS A 2  ? UNP O60885 ? ? 'expression tag' 29 2  
1 7V1U LYS A 3  ? UNP O60885 ? ? 'expression tag' 30 3  
1 7V1U GLY A 4  ? UNP O60885 ? ? 'expression tag' 31 4  
1 7V1U HIS A 5  ? UNP O60885 ? ? 'expression tag' 32 5  
1 7V1U HIS A 6  ? UNP O60885 ? ? 'expression tag' 33 6  
1 7V1U HIS A 7  ? UNP O60885 ? ? 'expression tag' 34 7  
1 7V1U HIS A 8  ? UNP O60885 ? ? 'expression tag' 35 8  
1 7V1U HIS A 9  ? UNP O60885 ? ? 'expression tag' 36 9  
1 7V1U HIS A 10 ? UNP O60885 ? ? 'expression tag' 37 10 
1 7V1U LEU A 11 ? UNP O60885 ? ? 'expression tag' 38 11 
1 7V1U VAL A 12 ? UNP O60885 ? ? 'expression tag' 39 12 
1 7V1U PRO A 13 ? UNP O60885 ? ? 'expression tag' 40 13 
1 7V1U ARG A 14 ? UNP O60885 ? ? 'expression tag' 41 14 
1 7V1U GLY A 15 ? UNP O60885 ? ? 'expression tag' 42 15 
1 7V1U SER A 16 ? UNP O60885 ? ? 'expression tag' 43 16 
# 
loop_
_chem_comp.id 
_chem_comp.type 
_chem_comp.mon_nstd_flag 
_chem_comp.name 
_chem_comp.pdbx_synonyms 
_chem_comp.formula 
_chem_comp.formula_weight 
5E3 non-polymer         . '~{N}-(3-ethyl-6-methoxy-1,2-benzoxazol-5-yl)-2-methoxy-benzenesulfonamide' ?                 
'C17 H18 N2 O5 S' 362.400 
ALA 'L-peptide linking' y ALANINE                                                                     ?                 
'C3 H7 N O2'      89.093  
ARG 'L-peptide linking' y ARGININE                                                                    ?                 
'C6 H15 N4 O2 1'  175.209 
ASN 'L-peptide linking' y ASPARAGINE                                                                  ?                 
'C4 H8 N2 O3'     132.118 
ASP 'L-peptide linking' y 'ASPARTIC ACID'                                                             ?                 
'C4 H7 N O4'      133.103 
CYS 'L-peptide linking' y CYSTEINE                                                                    ?                 
'C3 H7 N O2 S'    121.158 
EDO non-polymer         . 1,2-ETHANEDIOL                                                              'ETHYLENE GLYCOL' 'C2 H6 O2' 
62.068  
GLN 'L-peptide linking' y GLUTAMINE                                                                   ?                 
'C5 H10 N2 O3'    146.144 
GLU 'L-peptide linking' y 'GLUTAMIC ACID'                                                             ?                 
'C5 H9 N O4'      147.129 
GLY 'peptide linking'   y GLYCINE                                                                     ?                 
'C2 H5 N O2'      75.067  
HIS 'L-peptide linking' y HISTIDINE                                                                   ?                 
'C6 H10 N3 O2 1'  156.162 
HOH non-polymer         . WATER                                                                       ?                 'H2 O' 
18.015  
ILE 'L-peptide linking' y ISOLEUCINE                                                                  ?                 
'C6 H13 N O2'     131.173 
LEU 'L-peptide linking' y LEUCINE                                                                     ?                 
'C6 H13 N O2'     131.173 
LYS 'L-peptide linking' y LYSINE                                                                      ?                 
'C6 H15 N2 O2 1'  147.195 
MET 'L-peptide linking' y METHIONINE                                                                  ?                 
'C5 H11 N O2 S'   149.211 
PHE 'L-peptide linking' y PHENYLALANINE                                                               ?                 
'C9 H11 N O2'     165.189 
PRO 'L-peptide linking' y PROLINE                                                                     ?                 
'C5 H9 N O2'      115.130 
SER 'L-peptide linking' y SERINE                                                                      ?                 
'C3 H7 N O3'      105.093 
THR 'L-peptide linking' y THREONINE                                                                   ?                 
'C4 H9 N O3'      119.119 
TRP 'L-peptide linking' y TRYPTOPHAN                                                                  ?                 
'C11 H12 N2 O2'   204.225 
TYR 'L-peptide linking' y TYROSINE                                                                    ?                 
'C9 H11 N O3'     181.189 
VAL 'L-peptide linking' y VALINE                                                                      ?                 
'C5 H11 N O2'     117.146 
# 
_exptl.absorpt_coefficient_mu     ? 
_exptl.absorpt_correction_T_max   ? 
_exptl.absorpt_correction_T_min   ? 
_exptl.absorpt_correction_type    ? 
_exptl.absorpt_process_details    ? 
_exptl.entry_id                   7V1U 
_exptl.crystals_number            1 
_exptl.details                    ? 
_exptl.method                     'X-RAY DIFFRACTION' 
_exptl.method_details             ? 
# 
_exptl_crystal.colour                      ? 
_exptl_crystal.density_diffrn              ? 
_exptl_crystal.density_Matthews            1.93 
_exptl_crystal.density_method              ? 
_exptl_crystal.density_percent_sol         36.26 
_exptl_crystal.description                 ? 
_exptl_crystal.F_000                       ? 
_exptl_crystal.id                          1 
_exptl_crystal.preparation                 ? 
_exptl_crystal.size_max                    ? 
_exptl_crystal.size_mid                    ? 
_exptl_crystal.size_min                    ? 
_exptl_crystal.size_rad                    ? 
_exptl_crystal.colour_lustre               ? 
_exptl_crystal.colour_modifier             ? 
_exptl_crystal.colour_primary              ? 
_exptl_crystal.density_meas                ? 
_exptl_crystal.density_meas_esd            ? 
_exptl_crystal.density_meas_gt             ? 
_exptl_crystal.density_meas_lt             ? 
_exptl_crystal.density_meas_temp           ? 
_exptl_crystal.density_meas_temp_esd       ? 
_exptl_crystal.density_meas_temp_gt        ? 
_exptl_crystal.density_meas_temp_lt        ? 
_exptl_crystal.pdbx_crystal_image_url      ? 
_exptl_crystal.pdbx_crystal_image_format   ? 
_exptl_crystal.pdbx_mosaicity              ? 
_exptl_crystal.pdbx_mosaicity_esd          ? 
# 
_exptl_crystal_grow.apparatus       ? 
_exptl_crystal_grow.atmosphere      ? 
_exptl_crystal_grow.crystal_id      1 
_exptl_crystal_grow.details         ? 
_exptl_crystal_grow.method          'VAPOR DIFFUSION, SITTING DROP' 
_exptl_crystal_grow.method_ref      ? 
_exptl_crystal_grow.pH              ? 
_exptl_crystal_grow.pressure        ? 
_exptl_crystal_grow.pressure_esd    ? 
_exptl_crystal_grow.seeding         ? 
_exptl_crystal_grow.seeding_ref     ? 
_exptl_crystal_grow.temp            277 
_exptl_crystal_grow.temp_details    ? 
_exptl_crystal_grow.temp_esd        ? 
_exptl_crystal_grow.time            ? 
_exptl_crystal_grow.pdbx_details    '30% PEG5000, 0.2M (NH4)2SO4, 0.1M MES monohydrate, PH6.5' 
_exptl_crystal_grow.pdbx_pH_range   ? 
# 
_diffrn.ambient_environment              ? 
_diffrn.ambient_temp                     193 
_diffrn.ambient_temp_details             ? 
_diffrn.ambient_temp_esd                 ? 
_diffrn.crystal_id                       1 
_diffrn.crystal_support                  ? 
_diffrn.crystal_treatment                ? 
_diffrn.details                          ? 
_diffrn.id                               1 
_diffrn.ambient_pressure                 ? 
_diffrn.ambient_pressure_esd             ? 
_diffrn.ambient_pressure_gt              ? 
_diffrn.ambient_pressure_lt              ? 
_diffrn.ambient_temp_gt                  ? 
_diffrn.ambient_temp_lt                  ? 
_diffrn.pdbx_serial_crystal_experiment   N 
# 
_diffrn_detector.details                      ? 
_diffrn_detector.detector                     PIXEL 
_diffrn_detector.diffrn_id                    1 
_diffrn_detector.type                         'DECTRIS PILATUS3 6M' 
_diffrn_detector.area_resol_mean              ? 
_diffrn_detector.dtime                        ? 
_diffrn_detector.pdbx_frames_total            ? 
_diffrn_detector.pdbx_collection_time_total   ? 
_diffrn_detector.pdbx_collection_date         2021-07-08 
_diffrn_detector.pdbx_frequency               ? 
# 
_diffrn_radiation.collimation                      ? 
_diffrn_radiation.diffrn_id                        1 
_diffrn_radiation.filter_edge                      ? 
_diffrn_radiation.inhomogeneity                    ? 
_diffrn_radiation.monochromator                    ? 
_diffrn_radiation.polarisn_norm                    ? 
_diffrn_radiation.polarisn_ratio                   ? 
_diffrn_radiation.probe                            ? 
_diffrn_radiation.type                             ? 
_diffrn_radiation.xray_symbol                      ? 
_diffrn_radiation.wavelength_id                    1 
_diffrn_radiation.pdbx_monochromatic_or_laue_m_l   M 
_diffrn_radiation.pdbx_wavelength_list             ? 
_diffrn_radiation.pdbx_wavelength                  ? 
_diffrn_radiation.pdbx_diffrn_protocol             'SINGLE WAVELENGTH' 
_diffrn_radiation.pdbx_analyzer                    ? 
_diffrn_radiation.pdbx_scattering_type             x-ray 
# 
_diffrn_radiation_wavelength.id           1 
_diffrn_radiation_wavelength.wavelength   0.97852 
_diffrn_radiation_wavelength.wt           1.0 
# 
_diffrn_source.current                     ? 
_diffrn_source.details                     ? 
_diffrn_source.diffrn_id                   1 
_diffrn_source.power                       ? 
_diffrn_source.size                        ? 
_diffrn_source.source                      SYNCHROTRON 
_diffrn_source.target                      ? 
_diffrn_source.type                        'SSRF BEAMLINE BL19U1' 
_diffrn_source.voltage                     ? 
_diffrn_source.take-off_angle              ? 
_diffrn_source.pdbx_wavelength_list        0.97852 
_diffrn_source.pdbx_wavelength             ? 
_diffrn_source.pdbx_synchrotron_beamline   BL19U1 
_diffrn_source.pdbx_synchrotron_site       SSRF 
# 
_reflns.B_iso_Wilson_estimate                          ? 
_reflns.entry_id                                       7V1U 
_reflns.data_reduction_details                         ? 
_reflns.data_reduction_method                          ? 
_reflns.d_resolution_high                              1.820 
_reflns.d_resolution_low                               40.050 
_reflns.details                                        ? 
_reflns.limit_h_max                                    ? 
_reflns.limit_h_min                                    ? 
_reflns.limit_k_max                                    ? 
_reflns.limit_k_min                                    ? 
_reflns.limit_l_max                                    ? 
_reflns.limit_l_min                                    ? 
_reflns.number_all                                     ? 
_reflns.number_obs                                     12201 
_reflns.observed_criterion                             ? 
_reflns.observed_criterion_F_max                       ? 
_reflns.observed_criterion_F_min                       ? 
_reflns.observed_criterion_I_max                       ? 
_reflns.observed_criterion_I_min                       ? 
_reflns.observed_criterion_sigma_F                     ? 
_reflns.observed_criterion_sigma_I                     ? 
_reflns.percent_possible_obs                           99.900 
_reflns.R_free_details                                 ? 
_reflns.Rmerge_F_all                                   ? 
_reflns.Rmerge_F_obs                                   ? 
_reflns.Friedel_coverage                               ? 
_reflns.number_gt                                      ? 
_reflns.threshold_expression                           ? 
_reflns.pdbx_redundancy                                8.100 
_reflns.pdbx_Rmerge_I_obs                              0.090 
_reflns.pdbx_Rmerge_I_all                              ? 
_reflns.pdbx_Rsym_value                                ? 
_reflns.pdbx_netI_over_av_sigmaI                       ? 
_reflns.pdbx_netI_over_sigmaI                          13.900 
_reflns.pdbx_res_netI_over_av_sigmaI_2                 ? 
_reflns.pdbx_res_netI_over_sigmaI_2                    ? 
_reflns.pdbx_chi_squared                               ? 
_reflns.pdbx_scaling_rejects                           887 
_reflns.pdbx_d_res_high_opt                            ? 
_reflns.pdbx_d_res_low_opt                             ? 
_reflns.pdbx_d_res_opt_method                          ? 
_reflns.phase_calculation_details                      ? 
_reflns.pdbx_Rrim_I_all                                0.096 
_reflns.pdbx_Rpim_I_all                                0.034 
_reflns.pdbx_d_opt                                     ? 
_reflns.pdbx_number_measured_all                       99072 
_reflns.pdbx_diffrn_id                                 1 
_reflns.pdbx_ordinal                                   1 
_reflns.pdbx_CC_half                                   0.997 
_reflns.pdbx_CC_star                                   ? 
_reflns.pdbx_R_split                                   ? 
_reflns.pdbx_aniso_diffraction_limit_axis_1_ortho[1]   ? 
_reflns.pdbx_aniso_diffraction_limit_axis_1_ortho[2]   ? 
_reflns.pdbx_aniso_diffraction_limit_axis_1_ortho[3]   ? 
_reflns.pdbx_aniso_diffraction_limit_axis_2_ortho[1]   ? 
_reflns.pdbx_aniso_diffraction_limit_axis_2_ortho[2]   ? 
_reflns.pdbx_aniso_diffraction_limit_axis_2_ortho[3]   ? 
_reflns.pdbx_aniso_diffraction_limit_axis_3_ortho[1]   ? 
_reflns.pdbx_aniso_diffraction_limit_axis_3_ortho[2]   ? 
_reflns.pdbx_aniso_diffraction_limit_axis_3_ortho[3]   ? 
_reflns.pdbx_aniso_diffraction_limit_1                 ? 
_reflns.pdbx_aniso_diffraction_limit_2                 ? 
_reflns.pdbx_aniso_diffraction_limit_3                 ? 
_reflns.pdbx_aniso_B_tensor_eigenvector_1_ortho[1]     ? 
_reflns.pdbx_aniso_B_tensor_eigenvector_1_ortho[2]     ? 
_reflns.pdbx_aniso_B_tensor_eigenvector_1_ortho[3]     ? 
_reflns.pdbx_aniso_B_tensor_eigenvector_2_ortho[1]     ? 
_reflns.pdbx_aniso_B_tensor_eigenvector_2_ortho[2]     ? 
_reflns.pdbx_aniso_B_tensor_eigenvector_2_ortho[3]     ? 
_reflns.pdbx_aniso_B_tensor_eigenvector_3_ortho[1]     ? 
_reflns.pdbx_aniso_B_tensor_eigenvector_3_ortho[2]     ? 
_reflns.pdbx_aniso_B_tensor_eigenvector_3_ortho[3]     ? 
_reflns.pdbx_aniso_B_tensor_eigenvalue_1               ? 
_reflns.pdbx_aniso_B_tensor_eigenvalue_2               ? 
_reflns.pdbx_aniso_B_tensor_eigenvalue_3               ? 
_reflns.pdbx_orthogonalization_convention              ? 
_reflns.pdbx_percent_possible_ellipsoidal              ? 
_reflns.pdbx_percent_possible_spherical                ? 
_reflns.pdbx_percent_possible_ellipsoidal_anomalous    ? 
_reflns.pdbx_percent_possible_spherical_anomalous      ? 
_reflns.pdbx_redundancy_anomalous                      ? 
_reflns.pdbx_CC_half_anomalous                         ? 
_reflns.pdbx_absDiff_over_sigma_anomalous              ? 
_reflns.pdbx_percent_possible_anomalous                ? 
_reflns.pdbx_observed_signal_threshold                 ? 
_reflns.pdbx_signal_type                               ? 
_reflns.pdbx_signal_details                            ? 
_reflns.pdbx_signal_software_id                        ? 
# 
loop_
_reflns_shell.d_res_high 
_reflns_shell.d_res_low 
_reflns_shell.meanI_over_sigI_all 
_reflns_shell.meanI_over_sigI_obs 
_reflns_shell.number_measured_all 
_reflns_shell.number_measured_obs 
_reflns_shell.number_possible 
_reflns_shell.number_unique_all 
_reflns_shell.number_unique_obs 
_reflns_shell.percent_possible_all 
_reflns_shell.percent_possible_obs 
_reflns_shell.Rmerge_F_all 
_reflns_shell.Rmerge_F_obs 
_reflns_shell.Rmerge_I_all 
_reflns_shell.Rmerge_I_obs 
_reflns_shell.meanI_over_sigI_gt 
_reflns_shell.meanI_over_uI_all 
_reflns_shell.meanI_over_uI_gt 
_reflns_shell.number_measured_gt 
_reflns_shell.number_unique_gt 
_reflns_shell.percent_possible_gt 
_reflns_shell.Rmerge_F_gt 
_reflns_shell.Rmerge_I_gt 
_reflns_shell.pdbx_redundancy 
_reflns_shell.pdbx_Rsym_value 
_reflns_shell.pdbx_chi_squared 
_reflns_shell.pdbx_netI_over_sigmaI_all 
_reflns_shell.pdbx_netI_over_sigmaI_obs 
_reflns_shell.pdbx_Rrim_I_all 
_reflns_shell.pdbx_Rpim_I_all 
_reflns_shell.pdbx_rejects 
_reflns_shell.pdbx_ordinal 
_reflns_shell.pdbx_diffrn_id 
_reflns_shell.pdbx_CC_half 
_reflns_shell.pdbx_CC_star 
_reflns_shell.pdbx_R_split 
_reflns_shell.pdbx_percent_possible_ellipsoidal 
_reflns_shell.pdbx_percent_possible_spherical 
_reflns_shell.pdbx_percent_possible_ellipsoidal_anomalous 
_reflns_shell.pdbx_percent_possible_spherical_anomalous 
_reflns_shell.pdbx_redundancy_anomalous 
_reflns_shell.pdbx_CC_half_anomalous 
_reflns_shell.pdbx_absDiff_over_sigma_anomalous 
_reflns_shell.pdbx_percent_possible_anomalous 
1.820 1.860 ? ? ? ? ? ? 707 99.900 ? ? ? ? 0.192 ? ? ? ? ? ? ? ? 8.500 ? ? ? ? 0.205 0.070 ? 1 1 0.990 ? ? ? ? ? ? ? ? ? ? 
1.82  1.86  ? ? ? ? ? ? 129 99.700 ? ? ? ? 0.069 ? ? ? ? ? ? ? ? 7.200 ? ? ? ? 0.074 0.025 ? 2 1 0.996 ? ? ? ? ? ? ? ? ? ? 
# 
_refine.aniso_B[1][1]                            2.9900 
_refine.aniso_B[1][2]                            -0.0000 
_refine.aniso_B[1][3]                            0.0000 
_refine.aniso_B[2][2]                            -1.2800 
_refine.aniso_B[2][3]                            0.0000 
_refine.aniso_B[3][3]                            -1.7000 
_refine.B_iso_max                                60.990 
_refine.B_iso_mean                               22.5500 
_refine.B_iso_min                                11.060 
_refine.correlation_coeff_Fo_to_Fc               0.9550 
_refine.correlation_coeff_Fo_to_Fc_free          0.9150 
_refine.details                                  
'HYDROGENS HAVE BEEN ADDED IN THE RIDING POSITIONS U VALUES      : REFINED INDIVIDUALLY' 
_refine.diff_density_max                         ? 
_refine.diff_density_max_esd                     ? 
_refine.diff_density_min                         ? 
_refine.diff_density_min_esd                     ? 
_refine.diff_density_rms                         ? 
_refine.diff_density_rms_esd                     ? 
_refine.entry_id                                 7V1U 
_refine.pdbx_refine_id                           'X-RAY DIFFRACTION' 
_refine.ls_abs_structure_details                 ? 
_refine.ls_abs_structure_Flack                   ? 
_refine.ls_abs_structure_Flack_esd               ? 
_refine.ls_abs_structure_Rogers                  ? 
_refine.ls_abs_structure_Rogers_esd              ? 
_refine.ls_d_res_high                            1.8200 
_refine.ls_d_res_low                             40.0500 
_refine.ls_extinction_coef                       ? 
_refine.ls_extinction_coef_esd                   ? 
_refine.ls_extinction_expression                 ? 
_refine.ls_extinction_method                     ? 
_refine.ls_goodness_of_fit_all                   ? 
_refine.ls_goodness_of_fit_all_esd               ? 
_refine.ls_goodness_of_fit_obs                   ? 
_refine.ls_goodness_of_fit_obs_esd               ? 
_refine.ls_hydrogen_treatment                    ? 
_refine.ls_matrix_type                           ? 
_refine.ls_number_constraints                    ? 
_refine.ls_number_parameters                     ? 
_refine.ls_number_reflns_all                     ? 
_refine.ls_number_reflns_obs                     11511 
_refine.ls_number_reflns_R_free                  601 
_refine.ls_number_reflns_R_work                  ? 
_refine.ls_number_restraints                     ? 
_refine.ls_percent_reflns_obs                    99.4900 
_refine.ls_percent_reflns_R_free                 5.0000 
_refine.ls_R_factor_all                          ? 
_refine.ls_R_factor_obs                          0.1950 
_refine.ls_R_factor_R_free                       0.2590 
_refine.ls_R_factor_R_free_error                 ? 
_refine.ls_R_factor_R_free_error_details         ? 
_refine.ls_R_factor_R_work                       0.1917 
_refine.ls_R_Fsqd_factor_obs                     ? 
_refine.ls_R_I_factor_obs                        ? 
_refine.ls_redundancy_reflns_all                 ? 
_refine.ls_redundancy_reflns_obs                 ? 
_refine.ls_restrained_S_all                      ? 
_refine.ls_restrained_S_obs                      ? 
_refine.ls_shift_over_esd_max                    ? 
_refine.ls_shift_over_esd_mean                   ? 
_refine.ls_structure_factor_coef                 ? 
_refine.ls_weighting_details                     ? 
_refine.ls_weighting_scheme                      ? 
_refine.ls_wR_factor_all                         ? 
_refine.ls_wR_factor_obs                         ? 
_refine.ls_wR_factor_R_free                      ? 
_refine.ls_wR_factor_R_work                      ? 
_refine.occupancy_max                            ? 
_refine.occupancy_min                            ? 
_refine.solvent_model_details                    MASK 
_refine.solvent_model_param_bsol                 ? 
_refine.solvent_model_param_ksol                 ? 
_refine.pdbx_R_complete                          ? 
_refine.ls_R_factor_gt                           ? 
_refine.ls_goodness_of_fit_gt                    ? 
_refine.ls_goodness_of_fit_ref                   ? 
_refine.ls_shift_over_su_max                     ? 
_refine.ls_shift_over_su_max_lt                  ? 
_refine.ls_shift_over_su_mean                    ? 
_refine.ls_shift_over_su_mean_lt                 ? 
_refine.pdbx_ls_sigma_I                          ? 
_refine.pdbx_ls_sigma_F                          0.000 
_refine.pdbx_ls_sigma_Fsqd                       ? 
_refine.pdbx_data_cutoff_high_absF               ? 
_refine.pdbx_data_cutoff_high_rms_absF           ? 
_refine.pdbx_data_cutoff_low_absF                ? 
_refine.pdbx_isotropic_thermal_model             ? 
_refine.pdbx_ls_cross_valid_method               THROUGHOUT 
_refine.pdbx_method_to_determine_struct          'MOLECULAR REPLACEMENT' 
_refine.pdbx_starting_model                      5Z1S 
_refine.pdbx_stereochemistry_target_values       'MAXIMUM LIKELIHOOD' 
_refine.pdbx_R_Free_selection_details            RANDOM 
_refine.pdbx_stereochem_target_val_spec_case     ? 
_refine.pdbx_overall_ESU_R                       0.1520 
_refine.pdbx_overall_ESU_R_Free                  0.1560 
_refine.pdbx_solvent_vdw_probe_radii             1.2000 
_refine.pdbx_solvent_ion_probe_radii             0.8000 
_refine.pdbx_solvent_shrinkage_radii             0.8000 
_refine.pdbx_real_space_R                        ? 
_refine.pdbx_density_correlation                 ? 
_refine.pdbx_pd_number_of_powder_patterns        ? 
_refine.pdbx_pd_number_of_points                 ? 
_refine.pdbx_pd_meas_number_of_points            ? 
_refine.pdbx_pd_proc_ls_prof_R_factor            ? 
_refine.pdbx_pd_proc_ls_prof_wR_factor           ? 
_refine.pdbx_pd_Marquardt_correlation_coeff      ? 
_refine.pdbx_pd_Fsqrd_R_factor                   ? 
_refine.pdbx_pd_ls_matrix_band_width             ? 
_refine.pdbx_overall_phase_error                 ? 
_refine.pdbx_overall_SU_R_free_Cruickshank_DPI   ? 
_refine.pdbx_overall_SU_R_free_Blow_DPI          ? 
_refine.pdbx_overall_SU_R_Blow_DPI               ? 
_refine.pdbx_TLS_residual_ADP_flag               ? 
_refine.pdbx_diffrn_id                           1 
_refine.overall_SU_B                             3.5080 
_refine.overall_SU_ML                            0.1070 
_refine.overall_SU_R_Cruickshank_DPI             ? 
_refine.overall_SU_R_free                        ? 
_refine.overall_FOM_free_R_set                   ? 
_refine.overall_FOM_work_R_set                   ? 
_refine.pdbx_average_fsc_overall                 ? 
_refine.pdbx_average_fsc_work                    ? 
_refine.pdbx_average_fsc_free                    ? 
# 
_refine_hist.pdbx_refine_id                   'X-RAY DIFFRACTION' 
_refine_hist.cycle_id                         final 
_refine_hist.details                          ? 
_refine_hist.d_res_high                       1.8200 
_refine_hist.d_res_low                        40.0500 
_refine_hist.number_atoms_solvent             80 
_refine_hist.number_atoms_total               1200 
_refine_hist.number_reflns_all                ? 
_refine_hist.number_reflns_obs                ? 
_refine_hist.number_reflns_R_free             ? 
_refine_hist.number_reflns_R_work             ? 
_refine_hist.R_factor_all                     ? 
_refine_hist.R_factor_obs                     ? 
_refine_hist.R_factor_R_free                  ? 
_refine_hist.R_factor_R_work                  ? 
_refine_hist.pdbx_number_residues_total       131 
_refine_hist.pdbx_B_iso_mean_ligand           25.29 
_refine_hist.pdbx_B_iso_mean_solvent          27.15 
_refine_hist.pdbx_number_atoms_protein        1091 
_refine_hist.pdbx_number_atoms_nucleic_acid   0 
_refine_hist.pdbx_number_atoms_ligand         29 
_refine_hist.pdbx_number_atoms_lipid          ? 
_refine_hist.pdbx_number_atoms_carb           ? 
_refine_hist.pdbx_pseudo_atom_details         ? 
# 
loop_
_refine_ls_restr.pdbx_refine_id 
_refine_ls_restr.criterion 
_refine_ls_restr.dev_ideal 
_refine_ls_restr.dev_ideal_target 
_refine_ls_restr.number 
_refine_ls_restr.rejects 
_refine_ls_restr.type 
_refine_ls_restr.weight 
_refine_ls_restr.pdbx_restraint_function 
'X-RAY DIFFRACTION' ? 0.020  0.020  1170 ? r_bond_refined_d       ? ? 
'X-RAY DIFFRACTION' ? 0.002  0.020  1064 ? r_bond_other_d         ? ? 
'X-RAY DIFFRACTION' ? 2.121  1.993  1596 ? r_angle_refined_deg    ? ? 
'X-RAY DIFFRACTION' ? 1.123  3.005  2494 ? r_angle_other_deg      ? ? 
'X-RAY DIFFRACTION' ? 6.617  5.000  134  ? r_dihedral_angle_1_deg ? ? 
'X-RAY DIFFRACTION' ? 38.674 25.536 56   ? r_dihedral_angle_2_deg ? ? 
'X-RAY DIFFRACTION' ? 16.328 15.000 202  ? r_dihedral_angle_3_deg ? ? 
'X-RAY DIFFRACTION' ? 17.622 15.000 4    ? r_dihedral_angle_4_deg ? ? 
'X-RAY DIFFRACTION' ? 0.124  0.200  166  ? r_chiral_restr         ? ? 
'X-RAY DIFFRACTION' ? 0.011  0.021  1267 ? r_gen_planes_refined   ? ? 
'X-RAY DIFFRACTION' ? 0.002  0.020  219  ? r_gen_planes_other     ? ? 
# 
_refine_ls_shell.pdbx_refine_id                   'X-RAY DIFFRACTION' 
_refine_ls_shell.d_res_high                       1.8200 
_refine_ls_shell.d_res_low                        1.8670 
_refine_ls_shell.number_reflns_all                875 
_refine_ls_shell.number_reflns_obs                ? 
_refine_ls_shell.number_reflns_R_free             32 
_refine_ls_shell.number_reflns_R_work             843 
_refine_ls_shell.percent_reflns_obs               99.7700 
_refine_ls_shell.percent_reflns_R_free            ? 
_refine_ls_shell.R_factor_all                     ? 
_refine_ls_shell.R_factor_obs                     ? 
_refine_ls_shell.R_factor_R_free                  0.2350 
_refine_ls_shell.R_factor_R_free_error            0.0000 
_refine_ls_shell.R_factor_R_work                  0.1790 
_refine_ls_shell.redundancy_reflns_all            ? 
_refine_ls_shell.redundancy_reflns_obs            ? 
_refine_ls_shell.wR_factor_all                    ? 
_refine_ls_shell.wR_factor_obs                    ? 
_refine_ls_shell.wR_factor_R_free                 ? 
_refine_ls_shell.wR_factor_R_work                 ? 
_refine_ls_shell.pdbx_R_complete                  ? 
_refine_ls_shell.pdbx_total_number_of_bins_used   20 
_refine_ls_shell.pdbx_phase_error                 ? 
_refine_ls_shell.pdbx_fsc_work                    ? 
_refine_ls_shell.pdbx_fsc_free                    ? 
# 
_struct.entry_id                     7V1U 
_struct.title                        'Crystal Structure of the first bromodomain of human BRD4 in complex with the inhibitor ZJ12' 
_struct.pdbx_model_details           ? 
_struct.pdbx_formula_weight          ? 
_struct.pdbx_formula_weight_method   ? 
_struct.pdbx_model_type_details      ? 
_struct.pdbx_CASP_flag               N 
# 
_struct_keywords.entry_id        7V1U 
_struct_keywords.text            'BRD4(1), Bromodomain, PROTEIN BINDING' 
_struct_keywords.pdbx_keywords   'PROTEIN BINDING' 
# 
loop_
_struct_asym.id 
_struct_asym.pdbx_blank_PDB_chainid_flag 
_struct_asym.pdbx_modified 
_struct_asym.entity_id 
_struct_asym.details 
A N N 1 ? 
B N N 2 ? 
C N N 3 ? 
D N N 4 ? 
# 
loop_
_struct_conf.conf_type_id 
_struct_conf.id 
_struct_conf.pdbx_PDB_helix_id 
_struct_conf.beg_label_comp_id 
_struct_conf.beg_label_asym_id 
_struct_conf.beg_label_seq_id 
_struct_conf.pdbx_beg_PDB_ins_code 
_struct_conf.end_label_comp_id 
_struct_conf.end_label_asym_id 
_struct_conf.end_label_seq_id 
_struct_conf.pdbx_end_PDB_ins_code 
_struct_conf.beg_auth_comp_id 
_struct_conf.beg_auth_asym_id 
_struct_conf.beg_auth_seq_id 
_struct_conf.end_auth_comp_id 
_struct_conf.end_auth_asym_id 
_struct_conf.end_auth_seq_id 
_struct_conf.pdbx_PDB_helix_class 
_struct_conf.details 
_struct_conf.pdbx_PDB_helix_length 
HELX_P HELX_P1 AA1 THR A 33  ? VAL A 42  ? THR A 60  VAL A 69  1 ? 10 
HELX_P HELX_P2 AA2 VAL A 42  ? HIS A 50  ? VAL A 69  HIS A 77  1 ? 9  
HELX_P HELX_P3 AA3 ALA A 53  ? GLN A 57  ? ALA A 80  GLN A 84  5 ? 5  
HELX_P HELX_P4 AA4 ASP A 69  ? ILE A 74  ? ASP A 96  ILE A 101 1 ? 6  
HELX_P HELX_P5 AA5 ASP A 79  ? ASN A 89  ? ASP A 106 ASN A 116 1 ? 11 
HELX_P HELX_P6 AA6 ASN A 94  ? ASN A 113 ? ASN A 121 ASN A 140 1 ? 20 
HELX_P HELX_P7 AA7 ASP A 117 ? GLU A 136 ? ASP A 144 GLU A 163 1 ? 20 
# 
_struct_conf_type.id          HELX_P 
_struct_conf_type.criteria    ? 
_struct_conf_type.reference   ? 
# 
_atom_sites.entry_id                    7V1U 
_atom_sites.Cartn_transf_matrix[1][1]   ? 
_atom_sites.Cartn_transf_matrix[1][2]   ? 
_atom_sites.Cartn_transf_matrix[1][3]   ? 
_atom_sites.Cartn_transf_matrix[2][1]   ? 
_atom_sites.Cartn_transf_matrix[2][2]   ? 
_atom_sites.Cartn_transf_matrix[2][3]   ? 
_atom_sites.Cartn_transf_matrix[3][1]   ? 
_atom_sites.Cartn_transf_matrix[3][2]   ? 
_atom_sites.Cartn_transf_matrix[3][3]   ? 
_atom_sites.Cartn_transf_vector[1]      ? 
_atom_sites.Cartn_transf_vector[2]      ? 
_atom_sites.Cartn_transf_vector[3]      ? 
_atom_sites.fract_transf_matrix[1][1]   0.00513071 
_atom_sites.fract_transf_matrix[1][2]   0.02738003 
_atom_sites.fract_transf_matrix[1][3]   -0.00270890 
_atom_sites.fract_transf_matrix[2][1]   -0.02077044 
_atom_sites.fract_transf_matrix[2][2]   0.00354362 
_atom_sites.fract_transf_matrix[2][3]   -0.00352270 
_atom_sites.fract_transf_matrix[3][1]   -0.00187720 
_atom_sites.fract_transf_matrix[3][2]   0.00160674 
_atom_sites.fract_transf_matrix[3][3]   0.01268458 
_atom_sites.fract_transf_vector[1]      -0.317058 
_atom_sites.fract_transf_vector[2]      -0.045572 
_atom_sites.fract_transf_vector[3]      0.105652 
_atom_sites.solution_primary            ? 
_atom_sites.solution_secondary          ? 
_atom_sites.solution_hydrogens          ? 
_atom_sites.special_details             ? 
# 
loop_
_atom_type.symbol 
C 
N 
O 
S 
# 
loop_
_atom_site.group_PDB 
_atom_site.id 
_atom_site.type_symbol 
_atom_site.label_atom_id 
_atom_site.label_alt_id 
_atom_site.label_comp_id 
_atom_site.label_asym_id 
_atom_site.label_entity_id 
_atom_site.label_seq_id 
_atom_site.pdbx_PDB_ins_code 
_atom_site.Cartn_x 
_atom_site.Cartn_y 
_atom_site.Cartn_z 
_atom_site.occupancy 
_atom_site.B_iso_or_equiv 
_atom_site.pdbx_formal_charge 
_atom_site.auth_seq_id 
_atom_site.auth_comp_id 
_atom_site.auth_asym_id 
_atom_site.auth_atom_id 
_atom_site.pdbx_PDB_model_num 
ATOM   1    N N   . HIS A 1 10  ? -22.691 3.429   -12.647 1.00 33.83 ? 37  HIS A N   1 
ATOM   2    C CA  . HIS A 1 10  ? -22.019 2.708   -11.542 1.00 33.44 ? 37  HIS A CA  1 
ATOM   3    C C   . HIS A 1 10  ? -22.703 1.348   -11.292 1.00 33.00 ? 37  HIS A C   1 
ATOM   4    O O   . HIS A 1 10  ? -23.918 1.242   -11.218 1.00 33.03 ? 37  HIS A O   1 
ATOM   5    C CB  . HIS A 1 10  ? -21.925 3.582   -10.253 1.00 39.72 ? 37  HIS A CB  1 
ATOM   6    C CG  . HIS A 1 10  ? -20.862 4.653   -10.330 1.00 42.23 ? 37  HIS A CG  1 
ATOM   7    N ND1 . HIS A 1 10  ? -19.630 4.453   -10.942 1.00 51.42 ? 37  HIS A ND1 1 
ATOM   8    C CD2 . HIS A 1 10  ? -20.849 5.940   -9.899  1.00 43.60 ? 37  HIS A CD2 1 
ATOM   9    C CE1 . HIS A 1 10  ? -18.907 5.564   -10.867 1.00 44.56 ? 37  HIS A CE1 1 
ATOM   10   N NE2 . HIS A 1 10  ? -19.629 6.481   -10.247 1.00 44.47 ? 37  HIS A NE2 1 
ATOM   11   N N   . LEU A 1 11  ? -21.910 0.290   -11.180 1.00 30.25 ? 38  LEU A N   1 
ATOM   12   C CA  . LEU A 1 11  ? -22.471 -1.092  -11.060 1.00 32.74 ? 38  LEU A CA  1 
ATOM   13   C C   . LEU A 1 11  ? -23.145 -1.359  -9.696  1.00 35.87 ? 38  LEU A C   1 
ATOM   14   O O   . LEU A 1 11  ? -24.043 -2.226  -9.562  1.00 37.53 ? 38  LEU A O   1 
ATOM   15   C CB  . LEU A 1 11  ? -21.361 -2.098  -11.362 1.00 28.84 ? 38  LEU A CB  1 
ATOM   16   C CG  . LEU A 1 11  ? -20.972 -2.081  -12.843 1.00 27.58 ? 38  LEU A CG  1 
ATOM   17   C CD1 . LEU A 1 11  ? -19.564 -2.565  -13.136 1.00 29.84 ? 38  LEU A CD1 1 
ATOM   18   C CD2 . LEU A 1 11  ? -21.998 -2.846  -13.686 1.00 29.46 ? 38  LEU A CD2 1 
ATOM   19   N N   . VAL A 1 12  ? -22.752 -0.552  -8.708  1.00 39.02 ? 39  VAL A N   1 
ATOM   20   C CA  . VAL A 1 12  ? -23.094 -0.793  -7.332  1.00 38.85 ? 39  VAL A CA  1 
ATOM   21   C C   . VAL A 1 12  ? -23.318 0.515   -6.586  1.00 39.17 ? 39  VAL A C   1 
ATOM   22   O O   . VAL A 1 12  ? -22.748 1.574   -6.981  1.00 31.71 ? 39  VAL A O   1 
ATOM   23   C CB  . VAL A 1 12  ? -21.997 -1.716  -6.738  1.00 43.18 ? 39  VAL A CB  1 
ATOM   24   C CG1 . VAL A 1 12  ? -21.770 -1.596  -5.249  1.00 44.46 ? 39  VAL A CG1 1 
ATOM   25   C CG2 . VAL A 1 12  ? -22.320 -3.147  -7.092  1.00 37.69 ? 39  VAL A CG2 1 
ATOM   26   N N   . PRO A 1 13  ? -24.169 0.466   -5.520  1.00 36.53 ? 40  PRO A N   1 
ATOM   27   C CA  . PRO A 1 13  ? -24.446 1.782   -4.910  1.00 36.11 ? 40  PRO A CA  1 
ATOM   28   C C   . PRO A 1 13  ? -23.250 2.358   -4.173  1.00 32.93 ? 40  PRO A C   1 
ATOM   29   O O   . PRO A 1 13  ? -22.398 1.631   -3.695  1.00 36.01 ? 40  PRO A O   1 
ATOM   30   C CB  . PRO A 1 13  ? -25.582 1.491   -3.900  1.00 35.79 ? 40  PRO A CB  1 
ATOM   31   C CG  . PRO A 1 13  ? -26.153 0.172   -4.296  1.00 37.51 ? 40  PRO A CG  1 
ATOM   32   C CD  . PRO A 1 13  ? -25.027 -0.595  -4.931  1.00 37.05 ? 40  PRO A CD  1 
ATOM   33   N N   . ARG A 1 14  ? -23.245 3.668   -4.019  1.00 31.95 ? 41  ARG A N   1 
ATOM   34   C CA  . ARG A 1 14  ? -22.326 4.271   -3.050  1.00 36.82 ? 41  ARG A CA  1 
ATOM   35   C C   . ARG A 1 14  ? -22.547 3.676   -1.634  1.00 34.81 ? 41  ARG A C   1 
ATOM   36   O O   . ARG A 1 14  ? -23.692 3.393   -1.244  1.00 32.14 ? 41  ARG A O   1 
ATOM   37   C CB  . ARG A 1 14  ? -22.500 5.789   -3.040  1.00 35.70 ? 41  ARG A CB  1 
ATOM   38   C CG  . ARG A 1 14  ? -22.278 6.446   -4.381  1.00 40.45 ? 41  ARG A CG  1 
ATOM   39   C CD  . ARG A 1 14  ? -22.544 7.940   -4.341  1.00 44.56 ? 41  ARG A CD  1 
ATOM   40   N NE  . ARG A 1 14  ? -22.353 8.438   -5.706  1.00 47.99 ? 41  ARG A NE  1 
ATOM   41   C CZ  . ARG A 1 14  ? -21.171 8.731   -6.255  1.00 51.17 ? 41  ARG A CZ  1 
ATOM   42   N NH1 . ARG A 1 14  ? -21.115 9.133   -7.540  1.00 52.38 ? 41  ARG A NH1 1 
ATOM   43   N NH2 . ARG A 1 14  ? -20.046 8.640   -5.534  1.00 54.89 ? 41  ARG A NH2 1 
ATOM   44   N N   . GLY A 1 15  ? -21.462 3.507   -0.885  1.00 35.98 ? 42  GLY A N   1 
ATOM   45   C CA  . GLY A 1 15  ? -21.458 2.841   0.448   1.00 37.19 ? 42  GLY A CA  1 
ATOM   46   C C   . GLY A 1 15  ? -20.936 1.389   0.420   1.00 34.77 ? 42  GLY A C   1 
ATOM   47   O O   . GLY A 1 15  ? -20.709 0.776   1.468   1.00 30.50 ? 42  GLY A O   1 
ATOM   48   N N   . SER A 1 16  ? -20.708 0.830   -0.768  1.00 28.88 ? 43  SER A N   1 
ATOM   49   C CA  . SER A 1 16  ? -20.373 -0.570  -0.831  1.00 28.59 ? 43  SER A CA  1 
ATOM   50   C C   . SER A 1 16  ? -18.825 -0.759  -0.615  1.00 24.66 ? 43  SER A C   1 
ATOM   51   O O   . SER A 1 16  ? -18.329 -1.788  -0.881  1.00 30.74 ? 43  SER A O   1 
ATOM   52   C CB  . SER A 1 16  ? -20.854 -1.160  -2.134  1.00 29.92 ? 43  SER A CB  1 
ATOM   53   O OG  . SER A 1 16  ? -22.211 -0.825  -2.410  1.00 30.67 ? 43  SER A OG  1 
ATOM   54   N N   . ASN A 1 17  ? -18.089 0.241   -0.182  1.00 21.65 ? 44  ASN A N   1 
ATOM   55   C CA  . ASN A 1 17  ? -16.671 0.077   0.247   1.00 21.39 ? 44  ASN A CA  1 
ATOM   56   C C   . ASN A 1 17  ? -16.537 -0.375  1.723   1.00 19.62 ? 44  ASN A C   1 
ATOM   57   O O   . ASN A 1 17  ? -17.295 0.062   2.570   1.00 19.68 ? 44  ASN A O   1 
ATOM   58   C CB  . ASN A 1 17  ? -15.899 1.421   0.058   1.00 21.97 ? 44  ASN A CB  1 
ATOM   59   C CG  . ASN A 1 17  ? -15.712 1.770   -1.423  1.00 20.61 ? 44  ASN A CG  1 
ATOM   60   O OD1 . ASN A 1 17  ? -15.412 0.891   -2.199  1.00 21.23 ? 44  ASN A OD1 1 
ATOM   61   N ND2 . ASN A 1 17  ? -15.979 3.033   -1.822  1.00 24.26 ? 44  ASN A ND2 1 
ATOM   62   N N   . PRO A 1 18  ? -15.569 -1.238  2.042   1.00 19.44 ? 45  PRO A N   1 
ATOM   63   C CA  . PRO A 1 18  ? -15.328 -1.512  3.499   1.00 17.89 ? 45  PRO A CA  1 
ATOM   64   C C   . PRO A 1 18  ? -14.718 -0.340  4.236   1.00 19.05 ? 45  PRO A C   1 
ATOM   65   O O   . PRO A 1 18  ? -14.217 0.623   3.593   1.00 18.08 ? 45  PRO A O   1 
ATOM   66   C CB  . PRO A 1 18  ? -14.316 -2.633  3.470   1.00 17.11 ? 45  PRO A CB  1 
ATOM   67   C CG  . PRO A 1 18  ? -13.511 -2.425  2.196   1.00 16.31 ? 45  PRO A CG  1 
ATOM   68   C CD  . PRO A 1 18  ? -14.414 -1.703  1.204   1.00 17.38 ? 45  PRO A CD  1 
ATOM   69   N N   . PRO A 1 19  ? -14.689 -0.407  5.595   1.00 19.76 ? 46  PRO A N   1 
ATOM   70   C CA  . PRO A 1 19  ? -13.915 0.606   6.298   1.00 19.08 ? 46  PRO A CA  1 
ATOM   71   C C   . PRO A 1 19  ? -12.436 0.401   5.926   1.00 20.11 ? 46  PRO A C   1 
ATOM   72   O O   . PRO A 1 19  ? -12.010 -0.734  5.673   1.00 17.18 ? 46  PRO A O   1 
ATOM   73   C CB  . PRO A 1 19  ? -14.239 0.318   7.775   1.00 20.40 ? 46  PRO A CB  1 
ATOM   74   C CG  . PRO A 1 19  ? -14.412 -1.161  7.829   1.00 23.51 ? 46  PRO A CG  1 
ATOM   75   C CD  . PRO A 1 19  ? -15.166 -1.446  6.546   1.00 23.24 ? 46  PRO A CD  1 
ATOM   76   N N   . PRO A 1 20  ? -11.666 1.497   5.807   1.00 19.27 ? 47  PRO A N   1 
ATOM   77   C CA  . PRO A 1 20  ? -10.322 1.352   5.364   1.00 20.55 ? 47  PRO A CA  1 
ATOM   78   C C   . PRO A 1 20  ? -9.499  0.600   6.441   1.00 19.57 ? 47  PRO A C   1 
ATOM   79   O O   . PRO A 1 20  ? -9.949  0.521   7.570   1.00 19.35 ? 47  PRO A O   1 
ATOM   80   C CB  . PRO A 1 20  ? -9.866  2.812   5.158   1.00 20.79 ? 47  PRO A CB  1 
ATOM   81   C CG  . PRO A 1 20  ? -10.690 3.591   6.168   1.00 22.35 ? 47  PRO A CG  1 
ATOM   82   C CD  . PRO A 1 20  ? -12.035 2.880   6.088   1.00 20.23 ? 47  PRO A CD  1 
ATOM   83   N N   . PRO A 1 21  ? -8.308  0.049   6.099   1.00 20.61 ? 48  PRO A N   1 
ATOM   84   C CA  . PRO A 1 21  ? -7.409  -0.488  7.084   1.00 19.74 ? 48  PRO A CA  1 
ATOM   85   C C   . PRO A 1 21  ? -7.033  0.527   8.167   1.00 19.36 ? 48  PRO A C   1 
ATOM   86   O O   . PRO A 1 21  ? -6.938  1.707   7.902   1.00 17.30 ? 48  PRO A O   1 
ATOM   87   C CB  . PRO A 1 21  ? -6.166  -0.922  6.272   1.00 20.60 ? 48  PRO A CB  1 
ATOM   88   C CG  . PRO A 1 21  ? -6.607  -0.932  4.859   1.00 20.22 ? 48  PRO A CG  1 
ATOM   89   C CD  . PRO A 1 21  ? -7.737  -0.010  4.757   1.00 18.23 ? 48  PRO A CD  1 
ATOM   90   N N   . GLU A 1 22  ? -6.855  0.071   9.385   1.00 20.14 ? 49  GLU A N   1 
ATOM   91   C CA  . GLU A 1 22  ? -6.543  1.012   10.490  1.00 21.57 ? 49  GLU A CA  1 
ATOM   92   C C   . GLU A 1 22  ? -5.182  1.719   10.295  1.00 20.67 ? 49  GLU A C   1 
ATOM   93   O O   . GLU A 1 22  ? -4.265  1.166   9.684   1.00 18.21 ? 49  GLU A O   1 
ATOM   94   C CB  . GLU A 1 22  ? -6.567  0.263   11.818  1.00 25.83 ? 49  GLU A CB  1 
ATOM   95   C CG  . GLU A 1 22  ? -5.419  -0.688  11.994  1.00 27.70 ? 49  GLU A CG  1 
ATOM   96   C CD  . GLU A 1 22  ? -5.432  -1.366  13.358  1.00 30.99 ? 49  GLU A CD  1 
ATOM   97   O OE1 . GLU A 1 22  ? -4.473  -2.084  13.680  1.00 27.65 ? 49  GLU A OE1 1 
ATOM   98   O OE2 . GLU A 1 22  ? -6.372  -1.180  14.112  1.00 31.31 ? 49  GLU A OE2 1 
ATOM   99   N N   . THR A 1 23  ? -5.072  2.978   10.646  1.00 18.27 ? 50  THR A N   1 
ATOM   100  C CA  . THR A 1 23  ? -3.752  3.637   10.666  1.00 18.45 ? 50  THR A CA  1 
ATOM   101  C C   . THR A 1 23  ? -3.257  4.000   12.040  1.00 20.05 ? 50  THR A C   1 
ATOM   102  O O   . THR A 1 23  ? -2.147  4.593   12.160  1.00 19.63 ? 50  THR A O   1 
ATOM   103  C CB  . THR A 1 23  ? -3.795  4.868   9.796   1.00 21.06 ? 50  THR A CB  1 
ATOM   104  O OG1 . THR A 1 23  ? -4.823  5.722   10.289  1.00 22.08 ? 50  THR A OG1 1 
ATOM   105  C CG2 . THR A 1 23  ? -4.137  4.408   8.360   1.00 21.60 ? 50  THR A CG2 1 
ATOM   106  N N   A SER A 1 24  ? -4.035  3.609   13.062  0.50 18.24 ? 51  SER A N   1 
ATOM   107  N N   B SER A 1 24  ? -4.026  3.611   13.071  0.50 19.45 ? 51  SER A N   1 
ATOM   108  C CA  A SER A 1 24  ? -3.590  3.685   14.431  0.50 17.59 ? 51  SER A CA  1 
ATOM   109  C CA  B SER A 1 24  ? -3.637  3.819   14.454  0.50 19.56 ? 51  SER A CA  1 
ATOM   110  C C   A SER A 1 24  ? -4.170  2.548   15.212  0.50 17.84 ? 51  SER A C   1 
ATOM   111  C C   B SER A 1 24  ? -4.267  2.725   15.315  0.50 19.20 ? 51  SER A C   1 
ATOM   112  O O   A SER A 1 24  ? -5.171  1.905   14.820  0.50 18.73 ? 51  SER A O   1 
ATOM   113  O O   B SER A 1 24  ? -5.419  2.292   15.060  0.50 20.74 ? 51  SER A O   1 
ATOM   114  C CB  A SER A 1 24  ? -3.991  5.009   15.067  0.50 17.09 ? 51  SER A CB  1 
ATOM   115  C CB  B SER A 1 24  ? -3.999  5.259   14.912  0.50 20.07 ? 51  SER A CB  1 
ATOM   116  O OG  A SER A 1 24  ? -5.368  5.121   15.111  0.50 15.59 ? 51  SER A OG  1 
ATOM   117  O OG  B SER A 1 24  ? -2.841  6.138   14.849  0.50 20.46 ? 51  SER A OG  1 
ATOM   118  N N   . ASN A 1 25  ? -3.508  2.271   16.315  1.00 19.37 ? 52  ASN A N   1 
ATOM   119  C CA  . ASN A 1 25  ? -3.919  1.161   17.190  1.00 20.88 ? 52  ASN A CA  1 
ATOM   120  C C   . ASN A 1 25  ? -3.115  1.352   18.467  1.00 19.24 ? 52  ASN A C   1 
ATOM   121  O O   . ASN A 1 25  ? -2.002  0.897   18.569  1.00 19.61 ? 52  ASN A O   1 
ATOM   122  C CB  . ASN A 1 25  ? -3.710  -0.216  16.578  1.00 22.31 ? 52  ASN A CB  1 
ATOM   123  C CG  . ASN A 1 25  ? -4.216  -1.349  17.497  1.00 24.13 ? 52  ASN A CG  1 
ATOM   124  O OD1 . ASN A 1 25  ? -4.382  -1.174  18.699  1.00 26.29 ? 52  ASN A OD1 1 
ATOM   125  N ND2 . ASN A 1 25  ? -4.497  -2.503  16.902  1.00 27.54 ? 52  ASN A ND2 1 
ATOM   126  N N   . PRO A 1 26  ? -3.678  2.110   19.417  1.00 18.25 ? 53  PRO A N   1 
ATOM   127  C CA  . PRO A 1 26  ? -2.816  2.520   20.558  1.00 18.24 ? 53  PRO A CA  1 
ATOM   128  C C   . PRO A 1 26  ? -2.195  1.372   21.375  1.00 20.01 ? 53  PRO A C   1 
ATOM   129  O O   . PRO A 1 26  ? -1.070  1.504   21.878  1.00 19.05 ? 53  PRO A O   1 
ATOM   130  C CB  . PRO A 1 26  ? -3.781  3.378   21.391  1.00 17.16 ? 53  PRO A CB  1 
ATOM   131  C CG  . PRO A 1 26  ? -4.706  3.953   20.353  1.00 18.29 ? 53  PRO A CG  1 
ATOM   132  C CD  . PRO A 1 26  ? -5.007  2.763   19.494  1.00 19.75 ? 53  PRO A CD  1 
ATOM   133  N N   . ASN A 1 27  ? -2.886  0.239   21.444  1.00 16.80 ? 54  ASN A N   1 
ATOM   134  C CA  . ASN A 1 27  ? -2.330  -0.939  22.140  1.00 20.03 ? 54  ASN A CA  1 
ATOM   135  C C   . ASN A 1 27  ? -1.375  -1.786  21.334  1.00 22.60 ? 54  ASN A C   1 
ATOM   136  O O   . ASN A 1 27  ? -0.824  -2.744  21.899  1.00 27.15 ? 54  ASN A O   1 
ATOM   137  C CB  . ASN A 1 27  ? -3.464  -1.839  22.639  1.00 21.48 ? 54  ASN A CB  1 
ATOM   138  C CG  . ASN A 1 27  ? -4.101  -1.288  23.914  1.00 21.73 ? 54  ASN A CG  1 
ATOM   139  O OD1 . ASN A 1 27  ? -3.398  -0.656  24.760  1.00 21.31 ? 54  ASN A OD1 1 
ATOM   140  N ND2 . ASN A 1 27  ? -5.366  -1.521  24.075  1.00 21.48 ? 54  ASN A ND2 1 
ATOM   141  N N   . LYS A 1 28  ? -1.197  -1.479  20.043  1.00 19.28 ? 55  LYS A N   1 
ATOM   142  C CA  . LYS A 1 28  ? -0.246  -2.201  19.221  1.00 20.68 ? 55  LYS A CA  1 
ATOM   143  C C   . LYS A 1 28  ? 1.128   -1.754  19.586  1.00 20.65 ? 55  LYS A C   1 
ATOM   144  O O   . LYS A 1 28  ? 1.402   -0.506  19.692  1.00 20.83 ? 55  LYS A O   1 
ATOM   145  C CB  . LYS A 1 28  ? -0.421  -1.887  17.730  1.00 21.97 ? 55  LYS A CB  1 
ATOM   146  C CG  . LYS A 1 28  ? 0.462   -2.728  16.827  1.00 22.79 ? 55  LYS A CG  1 
ATOM   147  C CD  . LYS A 1 28  ? 0.191   -2.441  15.358  1.00 21.91 ? 55  LYS A CD  1 
ATOM   148  C CE  . LYS A 1 28  ? 1.220   -3.194  14.449  1.00 22.32 ? 55  LYS A CE  1 
ATOM   149  N NZ  . LYS A 1 28  ? 2.563   -2.646  14.721  1.00 20.06 ? 55  LYS A NZ  1 
ATOM   150  N N   . PRO A 1 29  ? 2.046   -2.702  19.768  1.00 19.77 ? 56  PRO A N   1 
ATOM   151  C CA  . PRO A 1 29  ? 3.437   -2.257  20.014  1.00 20.43 ? 56  PRO A CA  1 
ATOM   152  C C   . PRO A 1 29  ? 4.093   -1.518  18.784  1.00 18.51 ? 56  PRO A C   1 
ATOM   153  O O   . PRO A 1 29  ? 3.871   -1.882  17.625  1.00 18.11 ? 56  PRO A O   1 
ATOM   154  C CB  . PRO A 1 29  ? 4.186   -3.577  20.241  1.00 21.72 ? 56  PRO A CB  1 
ATOM   155  C CG  . PRO A 1 29  ? 3.109   -4.551  20.642  1.00 23.87 ? 56  PRO A CG  1 
ATOM   156  C CD  . PRO A 1 29  ? 1.923   -4.171  19.821  1.00 25.05 ? 56  PRO A CD  1 
ATOM   157  N N   . LYS A 1 30  ? 4.864   -0.483  19.030  1.00 19.73 ? 57  LYS A N   1 
ATOM   158  C CA  . LYS A 1 30  ? 5.568   0.193   17.912  1.00 19.77 ? 57  LYS A CA  1 
ATOM   159  C C   . LYS A 1 30  ? 6.938   0.720   18.360  1.00 20.74 ? 57  LYS A C   1 
ATOM   160  O O   . LYS A 1 30  ? 7.249   0.729   19.550  1.00 16.58 ? 57  LYS A O   1 
ATOM   161  C CB  . LYS A 1 30  ? 4.715   1.313   17.383  1.00 24.02 ? 57  LYS A CB  1 
ATOM   162  C CG  . LYS A 1 30  ? 4.178   2.216   18.505  1.00 25.14 ? 57  LYS A CG  1 
ATOM   163  C CD  . LYS A 1 30  ? 2.914   2.930   18.157  1.00 27.25 ? 57  LYS A CD  1 
ATOM   164  C CE  . LYS A 1 30  ? 1.692   2.077   17.726  1.00 27.97 ? 57  LYS A CE  1 
ATOM   165  N NZ  . LYS A 1 30  ? 0.712   1.907   18.844  1.00 28.67 ? 57  LYS A NZ  1 
ATOM   166  N N   . ARG A 1 31  ? 7.781   1.027   17.389  1.00 20.35 ? 58  ARG A N   1 
ATOM   167  C CA  . ARG A 1 31  ? 9.112   1.604   17.622  1.00 25.96 ? 58  ARG A CA  1 
ATOM   168  C C   . ARG A 1 31  ? 9.493   2.459   16.422  1.00 30.93 ? 58  ARG A C   1 
ATOM   169  O O   . ARG A 1 31  ? 9.175   2.096   15.295  1.00 33.81 ? 58  ARG A O   1 
ATOM   170  C CB  . ARG A 1 31  ? 10.267  0.599   17.719  1.00 26.95 ? 58  ARG A CB  1 
ATOM   171  C CG  . ARG A 1 31  ? 9.993   -0.698  18.361  1.00 28.19 ? 58  ARG A CG  1 
ATOM   172  C CD  . ARG A 1 31  ? 11.274  -1.481  18.570  1.00 32.37 ? 58  ARG A CD  1 
ATOM   173  N NE  . ARG A 1 31  ? 11.595  -2.199  17.382  1.00 33.63 ? 58  ARG A NE  1 
ATOM   174  C CZ  . ARG A 1 31  ? 12.219  -3.359  17.336  1.00 37.38 ? 58  ARG A CZ  1 
ATOM   175  N NH1 . ARG A 1 31  ? 12.373  -3.887  16.139  1.00 41.72 ? 58  ARG A NH1 1 
ATOM   176  N NH2 . ARG A 1 31  ? 12.696  -3.990  18.453  1.00 31.86 ? 58  ARG A NH2 1 
ATOM   177  N N   . GLN A 1 32  ? 10.226  3.537   16.660  1.00 33.01 ? 59  GLN A N   1 
ATOM   178  C CA  . GLN A 1 32  ? 10.822  4.321   15.563  1.00 38.75 ? 59  GLN A CA  1 
ATOM   179  C C   . GLN A 1 32  ? 12.176  3.680   15.367  1.00 34.20 ? 59  GLN A C   1 
ATOM   180  O O   . GLN A 1 32  ? 12.863  3.373   16.355  1.00 35.43 ? 59  GLN A O   1 
ATOM   181  C CB  . GLN A 1 32  ? 10.942  5.786   15.921  1.00 41.62 ? 59  GLN A CB  1 
ATOM   182  C CG  . GLN A 1 32  ? 9.592   6.434   16.209  1.00 45.85 ? 59  GLN A CG  1 
ATOM   183  C CD  . GLN A 1 32  ? 9.517   7.917   15.842  1.00 57.11 ? 59  GLN A CD  1 
ATOM   184  O OE1 . GLN A 1 32  ? 10.171  8.382   14.889  1.00 60.99 ? 59  GLN A OE1 1 
ATOM   185  N NE2 . GLN A 1 32  ? 8.694   8.666   16.582  1.00 56.49 ? 59  GLN A NE2 1 
ATOM   186  N N   . THR A 1 33  ? 12.499  3.325   14.132  1.00 29.45 ? 60  THR A N   1 
ATOM   187  C CA  . THR A 1 33  ? 13.815  2.805   13.798  1.00 30.34 ? 60  THR A CA  1 
ATOM   188  C C   . THR A 1 33  ? 14.277  3.642   12.612  1.00 30.48 ? 60  THR A C   1 
ATOM   189  O O   . THR A 1 33  ? 13.477  4.309   11.930  1.00 23.82 ? 60  THR A O   1 
ATOM   190  C CB  . THR A 1 33  ? 13.878  1.277   13.533  1.00 30.33 ? 60  THR A CB  1 
ATOM   191  O OG1 . THR A 1 33  ? 13.422  0.927   12.204  1.00 30.31 ? 60  THR A OG1 1 
ATOM   192  C CG2 . THR A 1 33  ? 13.035  0.486   14.564  1.00 31.17 ? 60  THR A CG2 1 
ATOM   193  N N   . ASN A 1 34  ? 15.584  3.698   12.430  1.00 26.99 ? 61  ASN A N   1 
ATOM   194  C CA  . ASN A 1 34  ? 16.119  4.457   11.323  1.00 28.13 ? 61  ASN A CA  1 
ATOM   195  C C   . ASN A 1 34  ? 15.616  3.830   10.019  1.00 25.92 ? 61  ASN A C   1 
ATOM   196  O O   . ASN A 1 34  ? 15.448  4.557   9.056   1.00 26.22 ? 61  ASN A O   1 
ATOM   197  C CB  . ASN A 1 34  ? 17.646  4.566   11.374  1.00 29.09 ? 61  ASN A CB  1 
ATOM   198  C CG  . ASN A 1 34  ? 18.323  3.210   11.262  1.00 31.78 ? 61  ASN A CG  1 
ATOM   199  O OD1 . ASN A 1 34  ? 17.879  2.226   11.855  1.00 38.63 ? 61  ASN A OD1 1 
ATOM   200  N ND2 . ASN A 1 34  ? 19.346  3.138   10.438  1.00 36.05 ? 61  ASN A ND2 1 
ATOM   201  N N   . GLN A 1 35  ? 15.356  2.506   10.000  1.00 26.26 ? 62  GLN A N   1 
ATOM   202  C CA  . GLN A 1 35  ? 14.829  1.817   8.819   1.00 24.38 ? 62  GLN A CA  1 
ATOM   203  C C   . GLN A 1 35  ? 13.408  2.169   8.462   1.00 23.26 ? 62  GLN A C   1 
ATOM   204  O O   . GLN A 1 35  ? 13.103  2.450   7.296   1.00 22.19 ? 62  GLN A O   1 
ATOM   205  C CB  . GLN A 1 35  ? 14.855  0.334   8.971   1.00 25.59 ? 62  GLN A CB  1 
ATOM   206  C CG  . GLN A 1 35  ? 16.251  -0.170  9.082   1.00 26.49 ? 62  GLN A CG  1 
ATOM   207  C CD  . GLN A 1 35  ? 16.267  -1.659  9.172   1.00 25.68 ? 62  GLN A CD  1 
ATOM   208  O OE1 . GLN A 1 35  ? 15.326  -2.283  9.712   1.00 26.73 ? 62  GLN A OE1 1 
ATOM   209  N NE2 . GLN A 1 35  ? 17.310  -2.256  8.635   1.00 27.33 ? 62  GLN A NE2 1 
ATOM   210  N N   . LEU A 1 36  ? 12.558  2.203   9.462   1.00 20.47 ? 63  LEU A N   1 
ATOM   211  C CA  . LEU A 1 36  ? 11.260  2.800   9.281   1.00 20.25 ? 63  LEU A CA  1 
ATOM   212  C C   . LEU A 1 36  ? 11.357  4.285   8.826   1.00 21.45 ? 63  LEU A C   1 
ATOM   213  O O   . LEU A 1 36  ? 10.594  4.720   7.973   1.00 20.71 ? 63  LEU A O   1 
ATOM   214  C CB  . LEU A 1 36  ? 10.426  2.634   10.552  1.00 20.79 ? 63  LEU A CB  1 
ATOM   215  C CG  . LEU A 1 36  ? 9.888   1.229   10.744  1.00 19.60 ? 63  LEU A CG  1 
ATOM   216  C CD1 . LEU A 1 36  ? 9.448   0.999   12.190  1.00 20.19 ? 63  LEU A CD1 1 
ATOM   217  C CD2 . LEU A 1 36  ? 8.752   0.943   9.749   1.00 19.67 ? 63  LEU A CD2 1 
ATOM   218  N N   . GLN A 1 37  ? 12.289  5.081   9.381   1.00 20.42 ? 64  GLN A N   1 
ATOM   219  C CA  . GLN A 1 37  ? 12.356  6.481   8.949   1.00 23.13 ? 64  GLN A CA  1 
ATOM   220  C C   . GLN A 1 37  ? 12.703  6.534   7.431   1.00 23.25 ? 64  GLN A C   1 
ATOM   221  O O   . GLN A 1 37  ? 12.207  7.374   6.699   1.00 25.32 ? 64  GLN A O   1 
ATOM   222  C CB  . GLN A 1 37  ? 13.415  7.267   9.790   1.00 26.06 ? 64  GLN A CB  1 
ATOM   223  C CG  . GLN A 1 37  ? 12.950  7.477   11.234  1.00 31.64 ? 64  GLN A CG  1 
ATOM   224  C CD  . GLN A 1 37  ? 14.080  7.796   12.217  1.00 37.38 ? 64  GLN A CD  1 
ATOM   225  O OE1 . GLN A 1 37  ? 15.220  8.010   11.817  1.00 40.05 ? 64  GLN A OE1 1 
ATOM   226  N NE2 . GLN A 1 37  ? 13.760  7.809   13.511  1.00 44.62 ? 64  GLN A NE2 1 
ATOM   227  N N   . TYR A 1 38  ? 13.581  5.653   7.011   1.00 19.72 ? 65  TYR A N   1 
ATOM   228  C CA  . TYR A 1 38  ? 13.983  5.587   5.638   1.00 21.97 ? 65  TYR A CA  1 
ATOM   229  C C   . TYR A 1 38  ? 12.799  5.151   4.743   1.00 20.01 ? 65  TYR A C   1 
ATOM   230  O O   . TYR A 1 38  ? 12.603  5.719   3.652   1.00 21.00 ? 65  TYR A O   1 
ATOM   231  C CB  . TYR A 1 38  ? 15.171  4.659   5.505   1.00 21.77 ? 65  TYR A CB  1 
ATOM   232  C CG  . TYR A 1 38  ? 15.639  4.310   4.097   1.00 22.65 ? 65  TYR A CG  1 
ATOM   233  C CD1 . TYR A 1 38  ? 15.115  3.221   3.435   1.00 23.96 ? 65  TYR A CD1 1 
ATOM   234  C CD2 . TYR A 1 38  ? 16.726  4.990   3.502   1.00 22.69 ? 65  TYR A CD2 1 
ATOM   235  C CE1 . TYR A 1 38  ? 15.551  2.874   2.179   1.00 26.60 ? 65  TYR A CE1 1 
ATOM   236  C CE2 . TYR A 1 38  ? 17.196  4.635   2.257   1.00 24.47 ? 65  TYR A CE2 1 
ATOM   237  C CZ  . TYR A 1 38  ? 16.597  3.569   1.576   1.00 22.44 ? 65  TYR A CZ  1 
ATOM   238  O OH  . TYR A 1 38  ? 17.014  3.113   0.344   1.00 29.22 ? 65  TYR A OH  1 
ATOM   239  N N   . LEU A 1 39  ? 12.014  4.179   5.212   1.00 17.38 ? 66  LEU A N   1 
ATOM   240  C CA  . LEU A 1 39  ? 10.841  3.753   4.492   1.00 18.39 ? 66  LEU A CA  1 
ATOM   241  C C   . LEU A 1 39  ? 9.922   4.904   4.183   1.00 17.06 ? 66  LEU A C   1 
ATOM   242  O O   . LEU A 1 39  ? 9.342   4.927   3.123   1.00 18.12 ? 66  LEU A O   1 
ATOM   243  C CB  . LEU A 1 39  ? 10.127  2.614   5.222   1.00 17.33 ? 66  LEU A CB  1 
ATOM   244  C CG  . LEU A 1 39  ? 10.859  1.313   5.028   1.00 17.43 ? 66  LEU A CG  1 
ATOM   245  C CD1 . LEU A 1 39  ? 10.321  0.202   5.943   1.00 19.21 ? 66  LEU A CD1 1 
ATOM   246  C CD2 . LEU A 1 39  ? 10.752  0.787   3.610   1.00 20.92 ? 66  LEU A CD2 1 
ATOM   247  N N   . LEU A 1 40  ? 9.817   5.858   5.084   1.00 17.99 ? 67  LEU A N   1 
ATOM   248  C CA  . LEU A 1 40  ? 8.975   6.988   4.878   1.00 19.99 ? 67  LEU A CA  1 
ATOM   249  C C   . LEU A 1 40  ? 9.726   8.000   3.985   1.00 22.17 ? 67  LEU A C   1 
ATOM   250  O O   . LEU A 1 40  ? 9.275   8.327   2.919   1.00 23.50 ? 67  LEU A O   1 
ATOM   251  C CB  . LEU A 1 40  ? 8.621   7.632   6.191   1.00 20.30 ? 67  LEU A CB  1 
ATOM   252  C CG  . LEU A 1 40  ? 7.780   8.930   6.114   1.00 20.71 ? 67  LEU A CG  1 
ATOM   253  C CD1 . LEU A 1 40  ? 6.487   8.776   5.323   1.00 21.78 ? 67  LEU A CD1 1 
ATOM   254  C CD2 . LEU A 1 40  ? 7.511   9.417   7.528   1.00 25.94 ? 67  LEU A CD2 1 
ATOM   255  N N   . ARG A 1 41  ? 10.874  8.432   4.475   1.00 23.62 ? 68  ARG A N   1 
ATOM   256  C CA  . ARG A 1 41  ? 11.603  9.575   3.878   1.00 27.42 ? 68  ARG A CA  1 
ATOM   257  C C   . ARG A 1 41  ? 12.016  9.243   2.470   1.00 22.90 ? 68  ARG A C   1 
ATOM   258  O O   . ARG A 1 41  ? 11.842  10.051  1.622   1.00 30.77 ? 68  ARG A O   1 
ATOM   259  C CB  . ARG A 1 41  ? 12.815  9.978   4.785   1.00 30.60 ? 68  ARG A CB  1 
ATOM   260  C CG  . ARG A 1 41  ? 13.598  11.215  4.375   1.00 41.87 ? 68  ARG A CG  1 
ATOM   261  C CD  . ARG A 1 41  ? 14.935  11.328  5.137   1.00 46.41 ? 68  ARG A CD  1 
ATOM   262  N NE  . ARG A 1 41  ? 15.989  10.475  4.508   1.00 53.01 ? 68  ARG A NE  1 
ATOM   263  C CZ  . ARG A 1 41  ? 16.352  9.231   4.875   1.00 53.41 ? 68  ARG A CZ  1 
ATOM   264  N NH1 . ARG A 1 41  ? 15.810  8.617   5.933   1.00 51.34 ? 68  ARG A NH1 1 
ATOM   265  N NH2 . ARG A 1 41  ? 17.316  8.594   4.195   1.00 54.09 ? 68  ARG A NH2 1 
ATOM   266  N N   . VAL A 1 42  ? 12.517  8.061   2.224   1.00 25.36 ? 69  VAL A N   1 
ATOM   267  C CA  . VAL A 1 42  ? 12.963  7.632   0.908   1.00 27.21 ? 69  VAL A CA  1 
ATOM   268  C C   . VAL A 1 42  ? 11.981  6.807   0.095   1.00 31.43 ? 69  VAL A C   1 
ATOM   269  O O   . VAL A 1 42  ? 11.554  7.264   -0.989  1.00 28.72 ? 69  VAL A O   1 
ATOM   270  C CB  . VAL A 1 42  ? 14.275  6.863   1.031   1.00 28.76 ? 69  VAL A CB  1 
ATOM   271  C CG1 . VAL A 1 42  ? 14.763  6.370   -0.341  1.00 32.05 ? 69  VAL A CG1 1 
ATOM   272  C CG2 . VAL A 1 42  ? 15.317  7.812   1.620   1.00 28.49 ? 69  VAL A CG2 1 
ATOM   273  N N   . VAL A 1 43  ? 11.641  5.596   0.587   1.00 27.39 ? 70  VAL A N   1 
ATOM   274  C CA  . VAL A 1 43  ? 10.901  4.641   -0.192  1.00 26.93 ? 70  VAL A CA  1 
ATOM   275  C C   . VAL A 1 43  ? 9.463   5.195   -0.543  1.00 30.35 ? 70  VAL A C   1 
ATOM   276  O O   . VAL A 1 43  ? 9.087   5.332   -1.722  1.00 29.98 ? 70  VAL A O   1 
ATOM   277  C CB  . VAL A 1 43  ? 10.858  3.312   0.551   1.00 27.24 ? 70  VAL A CB  1 
ATOM   278  C CG1 . VAL A 1 43  ? 10.104  2.271   -0.248  1.00 28.84 ? 70  VAL A CG1 1 
ATOM   279  C CG2 . VAL A 1 43  ? 12.294  2.840   0.887   1.00 27.95 ? 70  VAL A CG2 1 
ATOM   280  N N   . LEU A 1 44  ? 8.694   5.555   0.469   1.00 27.04 ? 71  LEU A N   1 
ATOM   281  C CA  . LEU A 1 44  ? 7.359   5.995   0.255   1.00 27.56 ? 71  LEU A CA  1 
ATOM   282  C C   . LEU A 1 44  ? 7.386   7.308   -0.522  1.00 27.60 ? 71  LEU A C   1 
ATOM   283  O O   . LEU A 1 44  ? 6.646   7.450   -1.508  1.00 28.34 ? 71  LEU A O   1 
ATOM   284  C CB  . LEU A 1 44  ? 6.612   6.116   1.589   1.00 24.58 ? 71  LEU A CB  1 
ATOM   285  C CG  . LEU A 1 44  ? 5.111   6.433   1.649   1.00 25.84 ? 71  LEU A CG  1 
ATOM   286  C CD1 . LEU A 1 44  ? 4.804   7.881   1.260   1.00 25.45 ? 71  LEU A CD1 1 
ATOM   287  C CD2 . LEU A 1 44  ? 4.288   5.499   0.766   1.00 28.58 ? 71  LEU A CD2 1 
ATOM   288  N N   . LYS A 1 45  ? 8.238   8.252   -0.149  1.00 30.25 ? 72  LYS A N   1 
ATOM   289  C CA  . LYS A 1 45  ? 8.198   9.550   -0.831  1.00 32.18 ? 72  LYS A CA  1 
ATOM   290  C C   . LYS A 1 45  ? 8.559   9.412   -2.315  1.00 31.51 ? 72  LYS A C   1 
ATOM   291  O O   . LYS A 1 45  ? 8.029   10.162  -3.122  1.00 31.82 ? 72  LYS A O   1 
ATOM   292  C CB  . LYS A 1 45  ? 9.097   10.583  -0.146  1.00 34.95 ? 72  LYS A CB  1 
ATOM   293  C CG  . LYS A 1 45  ? 8.468   11.268  1.069   1.00 38.83 ? 72  LYS A CG  1 
ATOM   294  C CD  . LYS A 1 45  ? 9.120   12.643  1.334   1.00 47.59 ? 72  LYS A CD  1 
ATOM   295  C CE  . LYS A 1 45  ? 8.150   13.621  2.001   1.00 52.48 ? 72  LYS A CE  1 
ATOM   296  N NZ  . LYS A 1 45  ? 7.563   12.998  3.227   1.00 55.02 ? 72  LYS A NZ  1 
ATOM   297  N N   . THR A 1 46  ? 9.416   8.460   -2.694  1.00 29.45 ? 73  THR A N   1 
ATOM   298  C CA  . THR A 1 46  ? 9.804   8.397   -4.094  1.00 32.30 ? 73  THR A CA  1 
ATOM   299  C C   . THR A 1 46  ? 8.690   7.677   -4.885  1.00 30.54 ? 73  THR A C   1 
ATOM   300  O O   . THR A 1 46  ? 8.333   8.108   -5.998  1.00 27.93 ? 73  THR A O   1 
ATOM   301  C CB  . THR A 1 46  ? 11.226  7.826   -4.381  1.00 37.55 ? 73  THR A CB  1 
ATOM   302  O OG1 . THR A 1 46  ? 11.278  6.404   -4.220  1.00 39.54 ? 73  THR A OG1 1 
ATOM   303  C CG2 . THR A 1 46  ? 12.275  8.467   -3.559  1.00 36.78 ? 73  THR A CG2 1 
ATOM   304  N N   . LEU A 1 47  ? 8.112   6.611   -4.333  1.00 24.35 ? 74  LEU A N   1 
ATOM   305  C CA  . LEU A 1 47  ? 7.022   5.945   -5.069  1.00 24.80 ? 74  LEU A CA  1 
ATOM   306  C C   . LEU A 1 47  ? 5.840   6.838   -5.124  1.00 21.21 ? 74  LEU A C   1 
ATOM   307  O O   . LEU A 1 47  ? 5.156   6.839   -6.138  1.00 25.18 ? 74  LEU A O   1 
ATOM   308  C CB  . LEU A 1 47  ? 6.588   4.613   -4.452  1.00 26.27 ? 74  LEU A CB  1 
ATOM   309  C CG  . LEU A 1 47  ? 7.551   3.492   -4.163  1.00 31.84 ? 74  LEU A CG  1 
ATOM   310  C CD1 . LEU A 1 47  ? 6.717   2.230   -3.905  1.00 33.11 ? 74  LEU A CD1 1 
ATOM   311  C CD2 . LEU A 1 47  ? 8.538   3.258   -5.263  1.00 33.84 ? 74  LEU A CD2 1 
ATOM   312  N N   . TRP A 1 48  ? 5.588   7.611   -4.078  1.00 21.82 ? 75  TRP A N   1 
ATOM   313  C CA  . TRP A 1 48  ? 4.426   8.453   -3.998  1.00 21.87 ? 75  TRP A CA  1 
ATOM   314  C C   . TRP A 1 48  ? 4.328   9.436   -5.124  1.00 24.84 ? 75  TRP A C   1 
ATOM   315  O O   . TRP A 1 48  ? 3.247   9.703   -5.604  1.00 22.01 ? 75  TRP A O   1 
ATOM   316  C CB  . TRP A 1 48  ? 4.403   9.204   -2.677  1.00 22.46 ? 75  TRP A CB  1 
ATOM   317  C CG  . TRP A 1 48  ? 3.155   9.958   -2.369  1.00 22.42 ? 75  TRP A CG  1 
ATOM   318  C CD1 . TRP A 1 48  ? 2.914   11.277  -2.616  1.00 21.54 ? 75  TRP A CD1 1 
ATOM   319  C CD2 . TRP A 1 48  ? 1.971   9.441   -1.762  1.00 19.19 ? 75  TRP A CD2 1 
ATOM   320  N NE1 . TRP A 1 48  ? 1.676   11.624  -2.179  1.00 22.32 ? 75  TRP A NE1 1 
ATOM   321  C CE2 . TRP A 1 48  ? 1.054   10.506  -1.669  1.00 22.20 ? 75  TRP A CE2 1 
ATOM   322  C CE3 . TRP A 1 48  ? 1.593   8.175   -1.291  1.00 21.59 ? 75  TRP A CE3 1 
ATOM   323  C CZ2 . TRP A 1 48  ? -0.217  10.359  -1.104  1.00 23.17 ? 75  TRP A CZ2 1 
ATOM   324  C CZ3 . TRP A 1 48  ? 0.338   8.020   -0.730  1.00 18.05 ? 75  TRP A CZ3 1 
ATOM   325  C CH2 . TRP A 1 48  ? -0.555  9.112   -0.626  1.00 21.13 ? 75  TRP A CH2 1 
ATOM   326  N N   . LYS A 1 49  ? 5.449   10.010  -5.517  1.00 25.15 ? 76  LYS A N   1 
ATOM   327  C CA  . LYS A 1 49  ? 5.395   11.058  -6.547  1.00 28.85 ? 76  LYS A CA  1 
ATOM   328  C C   . LYS A 1 49  ? 5.567   10.515  -7.949  1.00 24.59 ? 76  LYS A C   1 
ATOM   329  O O   . LYS A 1 49  ? 5.437   11.252  -8.893  1.00 28.26 ? 76  LYS A O   1 
ATOM   330  C CB  . LYS A 1 49  ? 6.343   12.226  -6.276  1.00 31.84 ? 76  LYS A CB  1 
ATOM   331  C CG  . LYS A 1 49  ? 7.776   11.955  -5.988  1.00 38.81 ? 76  LYS A CG  1 
ATOM   332  C CD  . LYS A 1 49  ? 8.205   13.028  -4.990  1.00 41.51 ? 76  LYS A CD  1 
ATOM   333  C CE  . LYS A 1 49  ? 9.698   13.130  -4.804  1.00 45.12 ? 76  LYS A CE  1 
ATOM   334  N NZ  . LYS A 1 49  ? 9.925   14.319  -3.936  1.00 43.85 ? 76  LYS A NZ  1 
ATOM   335  N N   . HIS A 1 50  ? 5.830   9.222   -8.100  1.00 20.49 ? 77  HIS A N   1 
ATOM   336  C CA  . HIS A 1 50  ? 5.846   8.599   -9.385  1.00 20.63 ? 77  HIS A CA  1 
ATOM   337  C C   . HIS A 1 50  ? 4.522   8.793   -10.163 1.00 20.33 ? 77  HIS A C   1 
ATOM   338  O O   . HIS A 1 50  ? 3.469   8.866   -9.582  1.00 21.26 ? 77  HIS A O   1 
ATOM   339  C CB  . HIS A 1 50  ? 6.186   7.073   -9.210  1.00 20.42 ? 77  HIS A CB  1 
ATOM   340  C CG  . HIS A 1 50  ? 6.582   6.408   -10.457 1.00 20.97 ? 77  HIS A CG  1 
ATOM   341  N ND1 . HIS A 1 50  ? 5.648   5.956   -11.376 1.00 19.75 ? 77  HIS A ND1 1 
ATOM   342  C CD2 . HIS A 1 50  ? 7.797   6.126   -10.973 1.00 20.74 ? 77  HIS A CD2 1 
ATOM   343  C CE1 . HIS A 1 50  ? 6.288   5.403   -12.386 1.00 19.47 ? 77  HIS A CE1 1 
ATOM   344  N NE2 . HIS A 1 50  ? 7.586   5.457   -12.157 1.00 21.44 ? 77  HIS A NE2 1 
ATOM   345  N N   . GLN A 1 51  ? 4.626   8.959   -11.482 1.00 19.15 ? 78  GLN A N   1 
ATOM   346  C CA  . GLN A 1 51  ? 3.456   9.120   -12.354 1.00 20.66 ? 78  GLN A CA  1 
ATOM   347  C C   . GLN A 1 51  ? 2.460   7.946   -12.313 1.00 19.41 ? 78  GLN A C   1 
ATOM   348  O O   . GLN A 1 51  ? 1.331   8.117   -12.737 1.00 17.30 ? 78  GLN A O   1 
ATOM   349  C CB  . GLN A 1 51  ? 3.861   9.355   -13.836 1.00 22.16 ? 78  GLN A CB  1 
ATOM   350  C CG  . GLN A 1 51  ? 4.476   8.133   -14.548 1.00 22.64 ? 78  GLN A CG  1 
ATOM   351  C CD  . GLN A 1 51  ? 4.481   8.275   -16.059 1.00 27.40 ? 78  GLN A CD  1 
ATOM   352  O OE1 . GLN A 1 51  ? 3.468   8.668   -16.670 1.00 36.67 ? 78  GLN A OE1 1 
ATOM   353  N NE2 . GLN A 1 51  ? 5.577   7.882   -16.681 1.00 24.24 ? 78  GLN A NE2 1 
ATOM   354  N N   . PHE A 1 52  ? 2.883   6.755   -11.852 1.00 18.45 ? 79  PHE A N   1 
ATOM   355  C CA  . PHE A 1 52  ? 1.998   5.548   -11.723 1.00 18.98 ? 79  PHE A CA  1 
ATOM   356  C C   . PHE A 1 52  ? 1.447   5.280   -10.312 1.00 19.96 ? 79  PHE A C   1 
ATOM   357  O O   . PHE A 1 52  ? 0.763   4.251   -10.057 1.00 17.18 ? 79  PHE A O   1 
ATOM   358  C CB  . PHE A 1 52  ? 2.735   4.282   -12.131 1.00 18.75 ? 79  PHE A CB  1 
ATOM   359  C CG  . PHE A 1 52  ? 3.084   4.168   -13.583 1.00 20.66 ? 79  PHE A CG  1 
ATOM   360  C CD1 . PHE A 1 52  ? 2.521   4.994   -14.594 1.00 19.15 ? 79  PHE A CD1 1 
ATOM   361  C CD2 . PHE A 1 52  ? 3.963   3.158   -13.974 1.00 21.00 ? 79  PHE A CD2 1 
ATOM   362  C CE1 . PHE A 1 52  ? 2.867   4.824   -15.909 1.00 18.35 ? 79  PHE A CE1 1 
ATOM   363  C CE2 . PHE A 1 52  ? 4.369   3.037   -15.294 1.00 20.13 ? 79  PHE A CE2 1 
ATOM   364  C CZ  . PHE A 1 52  ? 3.782   3.837   -16.256 1.00 20.92 ? 79  PHE A CZ  1 
ATOM   365  N N   . ALA A 1 53  ? 1.748   6.181   -9.390  1.00 19.10 ? 80  ALA A N   1 
ATOM   366  C CA  . ALA A 1 53  ? 1.357   6.045   -7.998  1.00 18.68 ? 80  ALA A CA  1 
ATOM   367  C C   . ALA A 1 53  ? -0.125  6.261   -7.739  1.00 16.33 ? 80  ALA A C   1 
ATOM   368  O O   . ALA A 1 53  ? -0.643  5.811   -6.737  1.00 15.15 ? 80  ALA A O   1 
ATOM   369  C CB  . ALA A 1 53  ? 2.153   7.104   -7.175  1.00 18.32 ? 80  ALA A CB  1 
ATOM   370  N N   . TRP A 1 54  ? -0.767  7.091   -8.581  1.00 14.13 ? 81  TRP A N   1 
ATOM   371  C CA  . TRP A 1 54  ? -2.048  7.662   -8.200  1.00 16.39 ? 81  TRP A CA  1 
ATOM   372  C C   . TRP A 1 54  ? -3.123  6.636   -7.882  1.00 13.69 ? 81  TRP A C   1 
ATOM   373  O O   . TRP A 1 54  ? -3.869  6.873   -6.950  1.00 15.26 ? 81  TRP A O   1 
ATOM   374  C CB  . TRP A 1 54  ? -2.552  8.724   -9.239  1.00 17.73 ? 81  TRP A CB  1 
ATOM   375  C CG  . TRP A 1 54  ? -2.719  8.237   -10.657 1.00 17.45 ? 81  TRP A CG  1 
ATOM   376  C CD1 . TRP A 1 54  ? -1.785  8.303   -11.635 1.00 17.68 ? 81  TRP A CD1 1 
ATOM   377  C CD2 . TRP A 1 54  ? -3.843  7.500   -11.226 1.00 18.21 ? 81  TRP A CD2 1 
ATOM   378  N NE1 . TRP A 1 54  ? -2.245  7.709   -12.797 1.00 18.60 ? 81  TRP A NE1 1 
ATOM   379  C CE2 . TRP A 1 54  ? -3.499  7.192   -12.554 1.00 18.30 ? 81  TRP A CE2 1 
ATOM   380  C CE3 . TRP A 1 54  ? -5.109  7.069   -10.730 1.00 15.80 ? 81  TRP A CE3 1 
ATOM   381  C CZ2 . TRP A 1 54  ? -4.378  6.521   -13.406 1.00 16.59 ? 81  TRP A CZ2 1 
ATOM   382  C CZ3 . TRP A 1 54  ? -5.954  6.389   -11.556 1.00 14.72 ? 81  TRP A CZ3 1 
ATOM   383  C CH2 . TRP A 1 54  ? -5.597  6.113   -12.877 1.00 16.24 ? 81  TRP A CH2 1 
ATOM   384  N N   . PRO A 1 55  ? -3.156  5.453   -8.585  1.00 14.59 ? 82  PRO A N   1 
ATOM   385  C CA  . PRO A 1 55  ? -4.172  4.448   -8.193  1.00 15.51 ? 82  PRO A CA  1 
ATOM   386  C C   . PRO A 1 55  ? -3.929  3.804   -6.841  1.00 14.15 ? 82  PRO A C   1 
ATOM   387  O O   . PRO A 1 55  ? -4.852  3.218   -6.309  1.00 15.37 ? 82  PRO A O   1 
ATOM   388  C CB  . PRO A 1 55  ? -4.049  3.310   -9.237  1.00 14.09 ? 82  PRO A CB  1 
ATOM   389  C CG  . PRO A 1 55  ? -3.265  3.953   -10.353 1.00 14.77 ? 82  PRO A CG  1 
ATOM   390  C CD  . PRO A 1 55  ? -2.386  5.010   -9.740  1.00 14.25 ? 82  PRO A CD  1 
ATOM   391  N N   . PHE A 1 56  ? -2.698  3.899   -6.358  1.00 14.30 ? 83  PHE A N   1 
ATOM   392  C CA  . PHE A 1 56  ? -2.217  3.284   -5.117  1.00 14.37 ? 83  PHE A CA  1 
ATOM   393  C C   . PHE A 1 56  ? -2.196  4.235   -3.921  1.00 15.01 ? 83  PHE A C   1 
ATOM   394  O O   . PHE A 1 56  ? -1.849  3.830   -2.787  1.00 15.77 ? 83  PHE A O   1 
ATOM   395  C CB  . PHE A 1 56  ? -0.855  2.643   -5.394  1.00 13.75 ? 83  PHE A CB  1 
ATOM   396  C CG  . PHE A 1 56  ? -0.874  1.676   -6.558  1.00 15.31 ? 83  PHE A CG  1 
ATOM   397  C CD1 . PHE A 1 56  ? -1.289  0.360   -6.371  1.00 17.17 ? 83  PHE A CD1 1 
ATOM   398  C CD2 . PHE A 1 56  ? -0.484  2.065   -7.839  1.00 16.06 ? 83  PHE A CD2 1 
ATOM   399  C CE1 . PHE A 1 56  ? -1.344  -0.525  -7.442  1.00 17.44 ? 83  PHE A CE1 1 
ATOM   400  C CE2 . PHE A 1 56  ? -0.571  1.187   -8.901  1.00 16.22 ? 83  PHE A CE2 1 
ATOM   401  C CZ  . PHE A 1 56  ? -0.945  -0.118  -8.703  1.00 15.32 ? 83  PHE A CZ  1 
ATOM   402  N N   . GLN A 1 57  ? -2.657  5.494   -4.121  1.00 13.31 ? 84  GLN A N   1 
ATOM   403  C CA  . GLN A 1 57  ? -2.549  6.511   -3.055  1.00 15.39 ? 84  GLN A CA  1 
ATOM   404  C C   . GLN A 1 57  ? -3.660  6.564   -2.064  1.00 15.94 ? 84  GLN A C   1 
ATOM   405  O O   . GLN A 1 57  ? -3.645  7.374   -1.109  1.00 13.91 ? 84  GLN A O   1 
ATOM   406  C CB  . GLN A 1 57  ? -2.327  7.920   -3.654  1.00 16.31 ? 84  GLN A CB  1 
ATOM   407  C CG  . GLN A 1 57  ? -0.998  8.066   -4.341  1.00 16.20 ? 84  GLN A CG  1 
ATOM   408  C CD  . GLN A 1 57  ? -0.861  9.481   -5.035  1.00 18.36 ? 84  GLN A CD  1 
ATOM   409  O OE1 . GLN A 1 57  ? -1.837  10.037  -5.434  1.00 19.86 ? 84  GLN A OE1 1 
ATOM   410  N NE2 . GLN A 1 57  ? 0.357   10.002  -5.155  1.00 17.40 ? 84  GLN A NE2 1 
ATOM   411  N N   . GLN A 1 58  ? -4.595  5.615   -2.190  1.00 15.20 ? 85  GLN A N   1 
ATOM   412  C CA  . GLN A 1 58  ? -5.781  5.565   -1.343  1.00 16.19 ? 85  GLN A CA  1 
ATOM   413  C C   . GLN A 1 58  ? -6.378  4.192   -1.487  1.00 16.48 ? 85  GLN A C   1 
ATOM   414  O O   . GLN A 1 58  ? -6.132  3.517   -2.473  1.00 14.46 ? 85  GLN A O   1 
ATOM   415  C CB  . GLN A 1 58  ? -6.855  6.686   -1.694  1.00 17.27 ? 85  GLN A CB  1 
ATOM   416  C CG  . GLN A 1 58  ? -7.430  6.776   -3.112  1.00 17.12 ? 85  GLN A CG  1 
ATOM   417  C CD  . GLN A 1 58  ? -6.449  7.123   -4.167  1.00 18.60 ? 85  GLN A CD  1 
ATOM   418  O OE1 . GLN A 1 58  ? -5.831  8.196   -4.121  1.00 19.33 ? 85  GLN A OE1 1 
ATOM   419  N NE2 . GLN A 1 58  ? -6.268  6.222   -5.147  1.00 16.64 ? 85  GLN A NE2 1 
ATOM   420  N N   . PRO A 1 59  ? -7.190  3.781   -0.526  1.00 17.32 ? 86  PRO A N   1 
ATOM   421  C CA  . PRO A 1 59  ? -7.926  2.557   -0.689  1.00 16.06 ? 86  PRO A CA  1 
ATOM   422  C C   . PRO A 1 59  ? -8.721  2.470   -1.982  1.00 17.36 ? 86  PRO A C   1 
ATOM   423  O O   . PRO A 1 59  ? -9.311  3.452   -2.433  1.00 16.26 ? 86  PRO A O   1 
ATOM   424  C CB  . PRO A 1 59  ? -8.857  2.549   0.547   1.00 17.88 ? 86  PRO A CB  1 
ATOM   425  C CG  . PRO A 1 59  ? -8.050  3.237   1.558   1.00 17.43 ? 86  PRO A CG  1 
ATOM   426  C CD  . PRO A 1 59  ? -7.390  4.353   0.804   1.00 19.22 ? 86  PRO A CD  1 
ATOM   427  N N   . VAL A 1 60  ? -8.741  1.264   -2.559  1.00 16.00 ? 87  VAL A N   1 
ATOM   428  C CA  . VAL A 1 60  ? -9.564  1.009   -3.739  1.00 18.14 ? 87  VAL A CA  1 
ATOM   429  C C   . VAL A 1 60  ? -11.030 1.388   -3.494  1.00 17.55 ? 87  VAL A C   1 
ATOM   430  O O   . VAL A 1 60  ? -11.675 0.902   -2.576  1.00 17.04 ? 87  VAL A O   1 
ATOM   431  C CB  . VAL A 1 60  ? -9.419  -0.428  -4.231  1.00 17.22 ? 87  VAL A CB  1 
ATOM   432  C CG1 . VAL A 1 60  ? -10.443 -0.711  -5.331  1.00 21.04 ? 87  VAL A CG1 1 
ATOM   433  C CG2 . VAL A 1 60  ? -7.987  -0.731  -4.686  1.00 15.55 ? 87  VAL A CG2 1 
ATOM   434  N N   . ASP A 1 61  ? -11.538 2.339   -4.314  1.00 19.74 ? 88  ASP A N   1 
ATOM   435  C CA  . ASP A 1 61  ? -12.913 2.817   -4.193  1.00 20.12 ? 88  ASP A CA  1 
ATOM   436  C C   . ASP A 1 61  ? -13.642 2.005   -5.226  1.00 20.97 ? 88  ASP A C   1 
ATOM   437  O O   . ASP A 1 61  ? -13.693 2.362   -6.403  1.00 22.31 ? 88  ASP A O   1 
ATOM   438  C CB  . ASP A 1 61  ? -13.010 4.303   -4.482  1.00 21.08 ? 88  ASP A CB  1 
ATOM   439  C CG  . ASP A 1 61  ? -14.409 4.905   -4.207  1.00 21.99 ? 88  ASP A CG  1 
ATOM   440  O OD1 . ASP A 1 61  ? -15.421 4.224   -4.331  1.00 19.50 ? 88  ASP A OD1 1 
ATOM   441  O OD2 . ASP A 1 61  ? -14.432 6.121   -3.932  1.00 27.10 ? 88  ASP A OD2 1 
ATOM   442  N N   . ALA A 1 62  ? -14.185 0.880   -4.785  1.00 17.88 ? 89  ALA A N   1 
ATOM   443  C CA  . ALA A 1 62  ? -14.841 -0.055  -5.686  1.00 19.93 ? 89  ALA A CA  1 
ATOM   444  C C   . ALA A 1 62  ? -16.097 0.510   -6.366  1.00 20.46 ? 89  ALA A C   1 
ATOM   445  O O   . ALA A 1 62  ? -16.488 0.061   -7.444  1.00 21.40 ? 89  ALA A O   1 
ATOM   446  C CB  . ALA A 1 62  ? -15.167 -1.362  -4.955  1.00 18.63 ? 89  ALA A CB  1 
ATOM   447  N N   . VAL A 1 63  ? -16.758 1.426   -5.653  1.00 20.63 ? 90  VAL A N   1 
ATOM   448  C CA  . VAL A 1 63  ? -17.904 2.116   -6.166  1.00 22.14 ? 90  VAL A CA  1 
ATOM   449  C C   . VAL A 1 63  ? -17.514 3.065   -7.297  1.00 24.65 ? 90  VAL A C   1 
ATOM   450  O O   . VAL A 1 63  ? -17.957 2.888   -8.435  1.00 21.74 ? 90  VAL A O   1 
ATOM   451  C CB  . VAL A 1 63  ? -18.633 2.873   -5.030  1.00 24.54 ? 90  VAL A CB  1 
ATOM   452  C CG1 . VAL A 1 63  ? -19.732 3.800   -5.569  1.00 21.06 ? 90  VAL A CG1 1 
ATOM   453  C CG2 . VAL A 1 63  ? -19.159 1.876   -4.008  1.00 23.77 ? 90  VAL A CG2 1 
ATOM   454  N N   . LYS A 1 64  ? -16.683 4.063   -6.987  1.00 21.81 ? 91  LYS A N   1 
ATOM   455  C CA  . LYS A 1 64  ? -16.269 5.046   -8.018  1.00 22.81 ? 91  LYS A CA  1 
ATOM   456  C C   . LYS A 1 64  ? -15.680 4.351   -9.252  1.00 24.36 ? 91  LYS A C   1 
ATOM   457  O O   . LYS A 1 64  ? -15.947 4.735   -10.386 1.00 25.79 ? 91  LYS A O   1 
ATOM   458  C CB  . LYS A 1 64  ? -15.239 6.019   -7.425  1.00 23.70 ? 91  LYS A CB  1 
ATOM   459  C CG  . LYS A 1 64  ? -14.883 7.189   -8.342  1.00 24.57 ? 91  LYS A CG  1 
ATOM   460  C CD  . LYS A 1 64  ? -13.971 8.171   -7.679  1.00 27.41 ? 91  LYS A CD  1 
ATOM   461  C CE  . LYS A 1 64  ? -13.516 9.163   -8.733  1.00 31.37 ? 91  LYS A CE  1 
ATOM   462  N NZ  . LYS A 1 64  ? -12.840 10.352  -8.142  1.00 29.59 ? 91  LYS A NZ  1 
ATOM   463  N N   . LEU A 1 65  ? -14.879 3.303   -9.069  1.00 19.46 ? 92  LEU A N   1 
ATOM   464  C CA  . LEU A 1 65  ? -14.093 2.706   -10.160 1.00 19.53 ? 92  LEU A CA  1 
ATOM   465  C C   . LEU A 1 65  ? -14.795 1.528   -10.810 1.00 17.51 ? 92  LEU A C   1 
ATOM   466  O O   . LEU A 1 65  ? -14.212 0.841   -11.674 1.00 20.35 ? 92  LEU A O   1 
ATOM   467  C CB  . LEU A 1 65  ? -12.706 2.227   -9.622  1.00 19.86 ? 92  LEU A CB  1 
ATOM   468  C CG  . LEU A 1 65  ? -11.843 3.290   -8.885  1.00 18.77 ? 92  LEU A CG  1 
ATOM   469  C CD1 . LEU A 1 65  ? -10.530 2.721   -8.309  1.00 19.08 ? 92  LEU A CD1 1 
ATOM   470  C CD2 . LEU A 1 65  ? -11.490 4.532   -9.699  1.00 22.33 ? 92  LEU A CD2 1 
ATOM   471  N N   . ASN A 1 66  ? -16.028 1.261   -10.403 1.00 19.94 ? 93  ASN A N   1 
ATOM   472  C CA  . ASN A 1 66  ? -16.762 0.084   -10.942 1.00 21.55 ? 93  ASN A CA  1 
ATOM   473  C C   . ASN A 1 66  ? -16.107 -1.196  -10.856 1.00 21.96 ? 93  ASN A C   1 
ATOM   474  O O   . ASN A 1 66  ? -15.975 -1.881  -11.857 1.00 20.52 ? 93  ASN A O   1 
ATOM   475  C CB  . ASN A 1 66  ? -17.141 0.294   -12.403 1.00 28.81 ? 93  ASN A CB  1 
ATOM   476  C CG  . ASN A 1 66  ? -18.383 1.048   -12.499 1.00 34.60 ? 93  ASN A CG  1 
ATOM   477  O OD1 . ASN A 1 66  ? -19.452 0.497   -12.284 1.00 35.12 ? 93  ASN A OD1 1 
ATOM   478  N ND2 . ASN A 1 66  ? -18.255 2.325   -12.664 1.00 40.68 ? 93  ASN A ND2 1 
ATOM   479  N N   . LEU A 1 67  ? -15.654 -1.552  -9.653  1.00 19.23 ? 94  LEU A N   1 
ATOM   480  C CA  . LEU A 1 67  ? -14.951 -2.837  -9.449  1.00 18.92 ? 94  LEU A CA  1 
ATOM   481  C C   . LEU A 1 67  ? -15.804 -3.462  -8.369  1.00 19.53 ? 94  LEU A C   1 
ATOM   482  O O   . LEU A 1 67  ? -15.333 -3.645  -7.276  1.00 18.10 ? 94  LEU A O   1 
ATOM   483  C CB  . LEU A 1 67  ? -13.528 -2.611  -8.925  1.00 18.93 ? 94  LEU A CB  1 
ATOM   484  C CG  . LEU A 1 67  ? -12.769 -1.614  -9.838  1.00 23.84 ? 94  LEU A CG  1 
ATOM   485  C CD1 . LEU A 1 67  ? -11.369 -1.284  -9.341  1.00 19.21 ? 94  LEU A CD1 1 
ATOM   486  C CD2 . LEU A 1 67  ? -12.674 -2.169  -11.279 1.00 20.35 ? 94  LEU A CD2 1 
ATOM   487  N N   . PRO A 1 68  ? -17.081 -3.747  -8.680  1.00 19.66 ? 95  PRO A N   1 
ATOM   488  C CA  . PRO A 1 68  ? -17.962 -4.217  -7.625  1.00 20.83 ? 95  PRO A CA  1 
ATOM   489  C C   . PRO A 1 68  ? -17.548 -5.584  -7.078  1.00 17.57 ? 95  PRO A C   1 
ATOM   490  O O   . PRO A 1 68  ? -17.960 -5.962  -5.970  1.00 21.42 ? 95  PRO A O   1 
ATOM   491  C CB  . PRO A 1 68  ? -19.328 -4.272  -8.338  1.00 21.22 ? 95  PRO A CB  1 
ATOM   492  C CG  . PRO A 1 68  ? -18.981 -4.630  -9.731  1.00 21.66 ? 95  PRO A CG  1 
ATOM   493  C CD  . PRO A 1 68  ? -17.831 -3.620  -9.948  1.00 21.66 ? 95  PRO A CD  1 
ATOM   494  N N   . ASP A 1 69  ? -16.771 -6.358  -7.817  1.00 18.30 ? 96  ASP A N   1 
ATOM   495  C CA  . ASP A 1 69  ? -16.211 -7.605  -7.311  1.00 17.65 ? 96  ASP A CA  1 
ATOM   496  C C   . ASP A 1 69  ? -14.944 -7.528  -6.462  1.00 15.69 ? 96  ASP A C   1 
ATOM   497  O O   . ASP A 1 69  ? -14.350 -8.594  -6.109  1.00 15.63 ? 96  ASP A O   1 
ATOM   498  C CB  . ASP A 1 69  ? -15.959 -8.596  -8.487  1.00 18.45 ? 96  ASP A CB  1 
ATOM   499  C CG  . ASP A 1 69  ? -15.036 -8.027  -9.567  1.00 17.76 ? 96  ASP A CG  1 
ATOM   500  O OD1 . ASP A 1 69  ? -14.677 -6.835  -9.540  1.00 21.46 ? 96  ASP A OD1 1 
ATOM   501  O OD2 . ASP A 1 69  ? -14.690 -8.784  -10.455 1.00 18.69 ? 96  ASP A OD2 1 
ATOM   502  N N   . TYR A 1 70  ? -14.405 -6.302  -6.298  1.00 15.97 ? 97  TYR A N   1 
ATOM   503  C CA  . TYR A 1 70  ? -13.052 -6.158  -5.797  1.00 16.40 ? 97  TYR A CA  1 
ATOM   504  C C   . TYR A 1 70  ? -12.892 -6.801  -4.391  1.00 15.73 ? 97  TYR A C   1 
ATOM   505  O O   . TYR A 1 70  ? -11.990 -7.613  -4.149  1.00 15.11 ? 97  TYR A O   1 
ATOM   506  C CB  . TYR A 1 70  ? -12.613 -4.677  -5.712  1.00 15.83 ? 97  TYR A CB  1 
ATOM   507  C CG  . TYR A 1 70  ? -11.162 -4.581  -5.372  1.00 16.03 ? 97  TYR A CG  1 
ATOM   508  C CD1 . TYR A 1 70  ? -10.174 -4.788  -6.324  1.00 15.96 ? 97  TYR A CD1 1 
ATOM   509  C CD2 . TYR A 1 70  ? -10.769 -4.234  -4.099  1.00 16.38 ? 97  TYR A CD2 1 
ATOM   510  C CE1 . TYR A 1 70  ? -8.832  -4.748  -6.009  1.00 17.37 ? 97  TYR A CE1 1 
ATOM   511  C CE2 . TYR A 1 70  ? -9.441  -4.188  -3.750  1.00 18.90 ? 97  TYR A CE2 1 
ATOM   512  C CZ  . TYR A 1 70  ? -8.444  -4.410  -4.707  1.00 18.09 ? 97  TYR A CZ  1 
ATOM   513  O OH  . TYR A 1 70  ? -7.104  -4.301  -4.374  1.00 17.90 ? 97  TYR A OH  1 
ATOM   514  N N   . TYR A 1 71  ? -13.787 -6.413  -3.481  1.00 15.97 ? 98  TYR A N   1 
ATOM   515  C CA  . TYR A 1 71  ? -13.782 -6.844  -2.089  1.00 15.20 ? 98  TYR A CA  1 
ATOM   516  C C   . TYR A 1 71  ? -14.559 -8.202  -1.902  1.00 16.44 ? 98  TYR A C   1 
ATOM   517  O O   . TYR A 1 71  ? -14.636 -8.666  -0.829  1.00 19.24 ? 98  TYR A O   1 
ATOM   518  C CB  . TYR A 1 71  ? -14.334 -5.723  -1.152  1.00 16.09 ? 98  TYR A CB  1 
ATOM   519  C CG  . TYR A 1 71  ? -13.433 -4.451  -1.151  1.00 15.65 ? 98  TYR A CG  1 
ATOM   520  C CD1 . TYR A 1 71  ? -12.150 -4.468  -0.585  1.00 15.97 ? 98  TYR A CD1 1 
ATOM   521  C CD2 . TYR A 1 71  ? -13.840 -3.286  -1.731  1.00 16.27 ? 98  TYR A CD2 1 
ATOM   522  C CE1 . TYR A 1 71  ? -11.315 -3.349  -0.586  1.00 16.44 ? 98  TYR A CE1 1 
ATOM   523  C CE2 . TYR A 1 71  ? -12.991 -2.120  -1.737  1.00 14.96 ? 98  TYR A CE2 1 
ATOM   524  C CZ  . TYR A 1 71  ? -11.746 -2.160  -1.124  1.00 16.31 ? 98  TYR A CZ  1 
ATOM   525  O OH  . TYR A 1 71  ? -10.829 -1.091  -1.115  1.00 17.41 ? 98  TYR A OH  1 
ATOM   526  N N   . LYS A 1 72  ? -15.084 -8.782  -2.971  1.00 15.97 ? 99  LYS A N   1 
ATOM   527  C CA  . LYS A 1 72  ? -15.301 -10.269 -3.029  1.00 17.39 ? 99  LYS A CA  1 
ATOM   528  C C   . LYS A 1 72  ? -14.028 -11.104 -3.163  1.00 18.31 ? 99  LYS A C   1 
ATOM   529  O O   . LYS A 1 72  ? -13.937 -12.269 -2.679  1.00 19.91 ? 99  LYS A O   1 
ATOM   530  C CB  . LYS A 1 72  ? -16.261 -10.598 -4.192  1.00 18.38 ? 99  LYS A CB  1 
ATOM   531  C CG  . LYS A 1 72  ? -17.504 -9.777  -4.344  1.00 20.73 ? 99  LYS A CG  1 
ATOM   532  C CD  . LYS A 1 72  ? -18.345 -9.840  -3.104  1.00 21.49 ? 99  LYS A CD  1 
ATOM   533  C CE  . LYS A 1 72  ? -19.627 -9.028  -3.259  1.00 22.17 ? 99  LYS A CE  1 
ATOM   534  N NZ  . LYS A 1 72  ? -20.161 -8.647  -1.944  1.00 23.55 ? 99  LYS A NZ  1 
ATOM   535  N N   . ILE A 1 73  ? -13.025 -10.547 -3.841  1.00 16.96 ? 100 ILE A N   1 
ATOM   536  C CA  . ILE A 1 73  ? -11.791 -11.206 -4.224  1.00 17.61 ? 100 ILE A CA  1 
ATOM   537  C C   . ILE A 1 73  ? -10.648 -10.848 -3.237  1.00 16.97 ? 100 ILE A C   1 
ATOM   538  O O   . ILE A 1 73  ? -9.943  -11.742 -2.766  1.00 18.01 ? 100 ILE A O   1 
ATOM   539  C CB  . ILE A 1 73  ? -11.438 -10.865 -5.713  1.00 17.86 ? 100 ILE A CB  1 
ATOM   540  C CG1 . ILE A 1 73  ? -12.603 -11.290 -6.652  1.00 20.11 ? 100 ILE A CG1 1 
ATOM   541  C CG2 . ILE A 1 73  ? -10.100 -11.537 -6.100  1.00 17.15 ? 100 ILE A CG2 1 
ATOM   542  C CD1 . ILE A 1 73  ? -12.483 -10.724 -8.069  1.00 19.74 ? 100 ILE A CD1 1 
ATOM   543  N N   . ILE A 1 74  ? -10.485 -9.561  -2.949  1.00 14.77 ? 101 ILE A N   1 
ATOM   544  C CA  . ILE A 1 74  ? -9.420  -9.045  -2.102  1.00 16.31 ? 101 ILE A CA  1 
ATOM   545  C C   . ILE A 1 74  ? -9.972  -8.843  -0.697  1.00 16.33 ? 101 ILE A C   1 
ATOM   546  O O   . ILE A 1 74  ? -10.753 -7.929  -0.470  1.00 17.76 ? 101 ILE A O   1 
ATOM   547  C CB  . ILE A 1 74  ? -8.851  -7.740  -2.712  1.00 14.06 ? 101 ILE A CB  1 
ATOM   548  C CG1 . ILE A 1 74  ? -8.362  -8.009  -4.152  1.00 13.75 ? 101 ILE A CG1 1 
ATOM   549  C CG2 . ILE A 1 74  ? -7.793  -7.113  -1.838  1.00 15.95 ? 101 ILE A CG2 1 
ATOM   550  C CD1 . ILE A 1 74  ? -7.269  -9.083  -4.295  1.00 13.22 ? 101 ILE A CD1 1 
ATOM   551  N N   . LYS A 1 75  ? -9.542  -9.715  0.233   1.00 15.42 ? 102 LYS A N   1 
ATOM   552  C CA  . LYS A 1 75  ? -9.991  -9.679  1.646   1.00 18.77 ? 102 LYS A CA  1 
ATOM   553  C C   . LYS A 1 75  ? -8.984  -9.019  2.586   1.00 17.10 ? 102 LYS A C   1 
ATOM   554  O O   . LYS A 1 75  ? -9.338  -8.761  3.734   1.00 18.34 ? 102 LYS A O   1 
ATOM   555  C CB  . LYS A 1 75  ? -10.322 -11.082 2.134   1.00 20.68 ? 102 LYS A CB  1 
ATOM   556  C CG  . LYS A 1 75  ? -11.456 -11.788 1.383   1.00 23.04 ? 102 LYS A CG  1 
ATOM   557  C CD  . LYS A 1 75  ? -12.704 -10.941 1.330   1.00 23.79 ? 102 LYS A CD  1 
ATOM   558  C CE  . LYS A 1 75  ? -13.798 -11.672 0.551   1.00 26.36 ? 102 LYS A CE  1 
ATOM   559  N NZ  . LYS A 1 75  ? -14.796 -12.093 1.524   1.00 27.04 ? 102 LYS A NZ  1 
ATOM   560  N N   . THR A 1 76  ? -7.771  -8.728  2.084   1.00 19.54 ? 103 THR A N   1 
ATOM   561  C CA  . THR A 1 76  ? -6.683  -8.032  2.815   1.00 19.50 ? 103 THR A CA  1 
ATOM   562  C C   . THR A 1 76  ? -6.212  -6.799  1.990   1.00 15.93 ? 103 THR A C   1 
ATOM   563  O O   . THR A 1 76  ? -5.114  -6.739  1.456   1.00 14.21 ? 103 THR A O   1 
ATOM   564  C CB  . THR A 1 76  ? -5.540  -8.965  3.238   1.00 23.04 ? 103 THR A CB  1 
ATOM   565  O OG1 . THR A 1 76  ? -6.093  -10.069 3.938   1.00 29.87 ? 103 THR A OG1 1 
ATOM   566  C CG2 . THR A 1 76  ? -4.682  -8.286  4.247   1.00 26.32 ? 103 THR A CG2 1 
ATOM   567  N N   . PRO A 1 77  ? -7.084  -5.806  1.890   1.00 14.00 ? 104 PRO A N   1 
ATOM   568  C CA  . PRO A 1 77  ? -6.730  -4.659  1.082   1.00 15.37 ? 104 PRO A CA  1 
ATOM   569  C C   . PRO A 1 77  ? -5.573  -3.876  1.683   1.00 12.49 ? 104 PRO A C   1 
ATOM   570  O O   . PRO A 1 77  ? -5.433  -3.818  2.904   1.00 11.06 ? 104 PRO A O   1 
ATOM   571  C CB  . PRO A 1 77  ? -8.011  -3.823  1.051   1.00 17.14 ? 104 PRO A CB  1 
ATOM   572  C CG  . PRO A 1 77  ? -8.822  -4.320  2.133   1.00 17.84 ? 104 PRO A CG  1 
ATOM   573  C CD  . PRO A 1 77  ? -8.416  -5.693  2.481   1.00 16.67 ? 104 PRO A CD  1 
ATOM   574  N N   . MET A 1 78  ? -4.800  -3.211  0.824   1.00 13.69 ? 105 MET A N   1 
ATOM   575  C CA  . MET A 1 78  ? -3.727  -2.297  1.287   1.00 13.06 ? 105 MET A CA  1 
ATOM   576  C C   . MET A 1 78  ? -3.388  -1.338  0.184   1.00 12.95 ? 105 MET A C   1 
ATOM   577  O O   . MET A 1 78  ? -3.467  -1.671  -1.017  1.00 14.34 ? 105 MET A O   1 
ATOM   578  C CB  . MET A 1 78  ? -2.493  -3.071  1.701   1.00 14.53 ? 105 MET A CB  1 
ATOM   579  C CG  . MET A 1 78  ? -1.393  -2.293  2.400   1.00 14.75 ? 105 MET A CG  1 
ATOM   580  S SD  . MET A 1 78  ? -1.969  -1.307  3.758   1.00 14.85 ? 105 MET A SD  1 
ATOM   581  C CE  . MET A 1 78  ? -2.649  -2.501  4.902   1.00 15.05 ? 105 MET A CE  1 
ATOM   582  N N   . ASP A 1 79  ? -2.980  -0.122  0.589   1.00 14.65 ? 106 ASP A N   1 
ATOM   583  C CA  . ASP A 1 79  ? -2.677  0.931   -0.353  1.00 12.69 ? 106 ASP A CA  1 
ATOM   584  C C   . ASP A 1 79  ? -1.651  1.858   0.339   1.00 13.74 ? 106 ASP A C   1 
ATOM   585  O O   . ASP A 1 79  ? -1.372  1.777   1.573   1.00 12.00 ? 106 ASP A O   1 
ATOM   586  C CB  . ASP A 1 79  ? -3.926  1.742   -0.619  1.00 14.38 ? 106 ASP A CB  1 
ATOM   587  C CG  . ASP A 1 79  ? -4.436  2.444   0.624   1.00 14.34 ? 106 ASP A CG  1 
ATOM   588  O OD1 . ASP A 1 79  ? -5.131  1.781   1.472   1.00 15.13 ? 106 ASP A OD1 1 
ATOM   589  O OD2 . ASP A 1 79  ? -4.083  3.698   0.759   1.00 15.61 ? 106 ASP A OD2 1 
ATOM   590  N N   . MET A 1 80  ? -1.041  2.658   -0.497  1.00 14.66 ? 107 MET A N   1 
ATOM   591  C CA  . MET A 1 80  ? 0.074   3.508   -0.052  1.00 15.83 ? 107 MET A CA  1 
ATOM   592  C C   . MET A 1 80  ? -0.415  4.680   0.781   1.00 15.79 ? 107 MET A C   1 
ATOM   593  O O   . MET A 1 80  ? 0.370   5.276   1.539   1.00 16.20 ? 107 MET A O   1 
ATOM   594  C CB  . MET A 1 80  ? 0.933   4.015   -1.206  1.00 17.55 ? 107 MET A CB  1 
ATOM   595  C CG  . MET A 1 80  ? 1.800   3.016   -1.954  1.00 20.11 ? 107 MET A CG  1 
ATOM   596  S SD  . MET A 1 80  ? 3.212   3.835   -2.816  1.00 20.81 ? 107 MET A SD  1 
ATOM   597  C CE  . MET A 1 80  ? 2.370   5.169   -3.673  1.00 21.27 ? 107 MET A CE  1 
ATOM   598  N N   . GLY A 1 81  ? -1.664  5.101   0.632   1.00 14.84 ? 108 GLY A N   1 
ATOM   599  C CA  . GLY A 1 81  ? -2.192  6.084   1.547   1.00 15.07 ? 108 GLY A CA  1 
ATOM   600  C C   . GLY A 1 81  ? -2.199  5.569   2.989   1.00 16.27 ? 108 GLY A C   1 
ATOM   601  O O   . GLY A 1 81  ? -1.779  6.262   3.907   1.00 16.40 ? 108 GLY A O   1 
ATOM   602  N N   . THR A 1 82  ? -2.685  4.353   3.167   1.00 13.35 ? 109 THR A N   1 
ATOM   603  C CA  . THR A 1 82  ? -2.651  3.667   4.441   1.00 14.49 ? 109 THR A CA  1 
ATOM   604  C C   . THR A 1 82  ? -1.249  3.534   4.946   1.00 16.38 ? 109 THR A C   1 
ATOM   605  O O   . THR A 1 82  ? -0.963  3.813   6.123   1.00 15.71 ? 109 THR A O   1 
ATOM   606  C CB  . THR A 1 82  ? -3.361  2.294   4.341   1.00 15.12 ? 109 THR A CB  1 
ATOM   607  O OG1 . THR A 1 82  ? -4.724  2.507   3.989   1.00 15.77 ? 109 THR A OG1 1 
ATOM   608  C CG2 . THR A 1 82  ? -3.315  1.577   5.628   1.00 15.84 ? 109 THR A CG2 1 
ATOM   609  N N   . ILE A 1 83  ? -0.339  3.062   4.090   1.00 15.57 ? 110 ILE A N   1 
ATOM   610  C CA  . ILE A 1 83  ? 1.027   2.844   4.529   1.00 15.96 ? 110 ILE A CA  1 
ATOM   611  C C   . ILE A 1 83  ? 1.664   4.213   4.930   1.00 15.86 ? 110 ILE A C   1 
ATOM   612  O O   . ILE A 1 83  ? 2.288   4.303   5.955   1.00 14.37 ? 110 ILE A O   1 
ATOM   613  C CB  . ILE A 1 83  ? 1.853   2.148   3.433   1.00 15.67 ? 110 ILE A CB  1 
ATOM   614  C CG1 . ILE A 1 83  ? 1.361   0.738   3.143   1.00 15.14 ? 110 ILE A CG1 1 
ATOM   615  C CG2 . ILE A 1 83  ? 3.339   1.982   3.817   1.00 16.82 ? 110 ILE A CG2 1 
ATOM   616  C CD1 . ILE A 1 83  ? 1.881   0.164   1.835   1.00 14.19 ? 110 ILE A CD1 1 
ATOM   617  N N   . LYS A 1 84  ? 1.451   5.270   4.144   1.00 15.33 ? 111 LYS A N   1 
ATOM   618  C CA  . LYS A 1 84  ? 1.947   6.631   4.476   1.00 17.73 ? 111 LYS A CA  1 
ATOM   619  C C   . LYS A 1 84  ? 1.468   7.085   5.888   1.00 16.62 ? 111 LYS A C   1 
ATOM   620  O O   . LYS A 1 84  ? 2.276   7.505   6.711   1.00 16.53 ? 111 LYS A O   1 
ATOM   621  C CB  . LYS A 1 84  ? 1.502   7.633   3.422   1.00 18.73 ? 111 LYS A CB  1 
ATOM   622  C CG  . LYS A 1 84  ? 2.061   9.078   3.581   1.00 22.13 ? 111 LYS A CG  1 
ATOM   623  C CD  . LYS A 1 84  ? 1.714   9.861   2.302   1.00 25.59 ? 111 LYS A CD  1 
ATOM   624  C CE  . LYS A 1 84  ? 2.295   11.259  2.293   1.00 28.64 ? 111 LYS A CE  1 
ATOM   625  N NZ  . LYS A 1 84  ? 1.731   12.027  3.405   1.00 31.74 ? 111 LYS A NZ  1 
ATOM   626  N N   . LYS A 1 85  ? 0.178   6.922   6.179   1.00 16.61 ? 112 LYS A N   1 
ATOM   627  C CA  . LYS A 1 85  ? -0.369  7.229   7.433   1.00 17.39 ? 112 LYS A CA  1 
ATOM   628  C C   . LYS A 1 85  ? 0.235   6.385   8.587   1.00 17.29 ? 112 LYS A C   1 
ATOM   629  O O   . LYS A 1 85  ? 0.480   6.943   9.689   1.00 20.09 ? 112 LYS A O   1 
ATOM   630  C CB  . LYS A 1 85  ? -1.890  7.139   7.412   1.00 20.85 ? 112 LYS A CB  1 
ATOM   631  C CG  . LYS A 1 85  ? -2.614  8.355   6.878   1.00 29.25 ? 112 LYS A CG  1 
ATOM   632  C CD  . LYS A 1 85  ? -4.131  8.210   6.874   1.00 35.36 ? 112 LYS A CD  1 
ATOM   633  C CE  . LYS A 1 85  ? -4.661  7.674   5.547   1.00 44.29 ? 112 LYS A CE  1 
ATOM   634  N NZ  . LYS A 1 85  ? -5.854  8.435   5.085   1.00 49.58 ? 112 LYS A NZ  1 
ATOM   635  N N   . ARG A 1 86  ? 0.406   5.087   8.350   1.00 16.44 ? 113 ARG A N   1 
ATOM   636  C CA  . ARG A 1 86  ? 1.046   4.192   9.292   1.00 15.54 ? 113 ARG A CA  1 
ATOM   637  C C   . ARG A 1 86  ? 2.503   4.626   9.627   1.00 15.14 ? 113 ARG A C   1 
ATOM   638  O O   . ARG A 1 86  ? 2.874   4.727   10.800  1.00 17.56 ? 113 ARG A O   1 
ATOM   639  C CB  . ARG A 1 86  ? 0.987   2.769   8.784   1.00 13.23 ? 113 ARG A CB  1 
ATOM   640  C CG  . ARG A 1 86  ? -0.379  2.157   8.982   1.00 13.48 ? 113 ARG A CG  1 
ATOM   641  C CD  . ARG A 1 86  ? -0.457  0.713   8.438   1.00 14.13 ? 113 ARG A CD  1 
ATOM   642  N NE  . ARG A 1 86  ? -1.781  0.098   8.619   1.00 14.55 ? 113 ARG A NE  1 
ATOM   643  C CZ  . ARG A 1 86  ? -2.093  -1.203  8.459   1.00 15.46 ? 113 ARG A CZ  1 
ATOM   644  N NH1 . ARG A 1 86  ? -1.193  -2.109  8.143   1.00 14.97 ? 113 ARG A NH1 1 
ATOM   645  N NH2 . ARG A 1 86  ? -3.342  -1.635  8.723   1.00 17.47 ? 113 ARG A NH2 1 
ATOM   646  N N   . LEU A 1 87  ? 3.245   4.976   8.599   1.00 15.32 ? 114 LEU A N   1 
ATOM   647  C CA  . LEU A 1 87  ? 4.567   5.517   8.840   1.00 17.09 ? 114 LEU A CA  1 
ATOM   648  C C   . LEU A 1 87  ? 4.516   6.795   9.556   1.00 19.08 ? 114 LEU A C   1 
ATOM   649  O O   . LEU A 1 87  ? 5.324   6.972   10.493  1.00 19.99 ? 114 LEU A O   1 
ATOM   650  C CB  . LEU A 1 87  ? 5.395   5.627   7.569   1.00 16.54 ? 114 LEU A CB  1 
ATOM   651  C CG  . LEU A 1 87  ? 5.724   4.300   6.932   1.00 15.15 ? 114 LEU A CG  1 
ATOM   652  C CD1 . LEU A 1 87  ? 5.918   4.269   5.456   1.00 17.15 ? 114 LEU A CD1 1 
ATOM   653  C CD2 . LEU A 1 87  ? 6.930   3.639   7.580   1.00 17.33 ? 114 LEU A CD2 1 
ATOM   654  N N   . GLU A 1 88  ? 3.606   7.717   9.183   1.00 20.04 ? 115 GLU A N   1 
ATOM   655  C CA  . GLU A 1 88  ? 3.646   9.058   9.832   1.00 23.29 ? 115 GLU A CA  1 
ATOM   656  C C   . GLU A 1 88  ? 3.204   9.020   11.314  1.00 24.64 ? 115 GLU A C   1 
ATOM   657  O O   . GLU A 1 88  ? 3.678   9.793   12.202  1.00 26.59 ? 115 GLU A O   1 
ATOM   658  C CB  . GLU A 1 88  ? 2.750   10.018  9.079   1.00 22.71 ? 115 GLU A CB  1 
ATOM   659  C CG  . GLU A 1 88  ? 3.356   10.416  7.755   1.00 22.96 ? 115 GLU A CG  1 
ATOM   660  C CD  . GLU A 1 88  ? 2.353   11.077  6.832   1.00 25.66 ? 115 GLU A CD  1 
ATOM   661  O OE1 . GLU A 1 88  ? 1.117   11.014  7.071   1.00 27.07 ? 115 GLU A OE1 1 
ATOM   662  O OE2 . GLU A 1 88  ? 2.819   11.648  5.824   1.00 26.59 ? 115 GLU A OE2 1 
ATOM   663  N N   . ASN A 1 89  ? 2.293   8.109   11.579  1.00 24.25 ? 116 ASN A N   1 
ATOM   664  C CA  . ASN A 1 89  ? 1.792   7.826   12.887  1.00 24.43 ? 116 ASN A CA  1 
ATOM   665  C C   . ASN A 1 89  ? 2.636   6.838   13.661  1.00 24.33 ? 116 ASN A C   1 
ATOM   666  O O   . ASN A 1 89  ? 2.194   6.473   14.728  1.00 27.62 ? 116 ASN A O   1 
ATOM   667  C CB  . ASN A 1 89  ? 0.422   7.142   12.817  1.00 32.40 ? 116 ASN A CB  1 
ATOM   668  C CG  . ASN A 1 89  ? -0.657  8.008   12.294  1.00 31.19 ? 116 ASN A CG  1 
ATOM   669  O OD1 . ASN A 1 89  ? -0.429  9.154   11.962  1.00 40.04 ? 116 ASN A OD1 1 
ATOM   670  N ND2 . ASN A 1 89  ? -1.876  7.430   12.183  1.00 34.07 ? 116 ASN A ND2 1 
ATOM   671  N N   . ASN A 1 90  ? 3.813   6.407   13.198  1.00 22.55 ? 117 ASN A N   1 
ATOM   672  C CA  . ASN A 1 90  ? 4.617   5.416   13.938  1.00 26.21 ? 117 ASN A CA  1 
ATOM   673  C C   . ASN A 1 90  ? 3.748   4.207   14.345  1.00 23.75 ? 117 ASN A C   1 
ATOM   674  O O   . ASN A 1 90  ? 3.693   3.855   15.503  1.00 22.95 ? 117 ASN A O   1 
ATOM   675  C CB  . ASN A 1 90  ? 5.271   6.068   15.194  1.00 29.38 ? 117 ASN A CB  1 
ATOM   676  C CG  . ASN A 1 90  ? 5.822   7.442   14.882  1.00 36.69 ? 117 ASN A CG  1 
ATOM   677  O OD1 . ASN A 1 90  ? 6.893   7.554   14.304  1.00 38.98 ? 117 ASN A OD1 1 
ATOM   678  N ND2 . ASN A 1 90  ? 5.022   8.487   15.130  1.00 45.32 ? 117 ASN A ND2 1 
ATOM   679  N N   . TYR A 1 91  ? 3.059   3.582   13.388  1.00 21.29 ? 118 TYR A N   1 
ATOM   680  C CA  . TYR A 1 91  ? 2.224   2.376   13.647  1.00 18.11 ? 118 TYR A CA  1 
ATOM   681  C C   . TYR A 1 91  ? 3.068   1.091   13.772  1.00 17.74 ? 118 TYR A C   1 
ATOM   682  O O   . TYR A 1 91  ? 2.657   0.124   14.374  1.00 16.90 ? 118 TYR A O   1 
ATOM   683  C CB  . TYR A 1 91  ? 1.260   2.205   12.454  1.00 18.52 ? 118 TYR A CB  1 
ATOM   684  C CG  . TYR A 1 91  ? 0.285   1.015   12.425  1.00 19.20 ? 118 TYR A CG  1 
ATOM   685  C CD1 . TYR A 1 91  ? -0.929  1.083   13.086  1.00 19.74 ? 118 TYR A CD1 1 
ATOM   686  C CD2 . TYR A 1 91  ? 0.587   -0.158  11.737  1.00 16.97 ? 118 TYR A CD2 1 
ATOM   687  C CE1 . TYR A 1 91  ? -1.864  0.063   13.029  1.00 19.31 ? 118 TYR A CE1 1 
ATOM   688  C CE2 . TYR A 1 91  ? -0.330  -1.211  11.686  1.00 19.33 ? 118 TYR A CE2 1 
ATOM   689  C CZ  . TYR A 1 91  ? -1.558  -1.087  12.337  1.00 20.35 ? 118 TYR A CZ  1 
ATOM   690  O OH  . TYR A 1 91  ? -2.516  -2.037  12.333  1.00 24.57 ? 118 TYR A OH  1 
ATOM   691  N N   . TYR A 1 92  ? 4.245   1.073   13.151  1.00 17.30 ? 119 TYR A N   1 
ATOM   692  C CA  . TYR A 1 92  ? 4.940   -0.210  12.959  1.00 15.92 ? 119 TYR A CA  1 
ATOM   693  C C   . TYR A 1 92  ? 5.893   -0.477  14.101  1.00 16.68 ? 119 TYR A C   1 
ATOM   694  O O   . TYR A 1 92  ? 6.568   0.441   14.622  1.00 20.12 ? 119 TYR A O   1 
ATOM   695  C CB  . TYR A 1 92  ? 5.675   -0.210  11.652  1.00 16.15 ? 119 TYR A CB  1 
ATOM   696  C CG  . TYR A 1 92  ? 4.796   -0.109  10.397  1.00 13.96 ? 119 TYR A CG  1 
ATOM   697  C CD1 . TYR A 1 92  ? 4.017   -1.170  9.995   1.00 15.21 ? 119 TYR A CD1 1 
ATOM   698  C CD2 . TYR A 1 92  ? 4.770   1.037   9.616   1.00 14.58 ? 119 TYR A CD2 1 
ATOM   699  C CE1 . TYR A 1 92  ? 3.221   -1.108  8.855   1.00 14.31 ? 119 TYR A CE1 1 
ATOM   700  C CE2 . TYR A 1 92  ? 4.021   1.081   8.444   1.00 14.34 ? 119 TYR A CE2 1 
ATOM   701  C CZ  . TYR A 1 92  ? 3.224   -0.001  8.054   1.00 13.93 ? 119 TYR A CZ  1 
ATOM   702  O OH  . TYR A 1 92  ? 2.459   0.042   6.888   1.00 14.35 ? 119 TYR A OH  1 
ATOM   703  N N   . TRP A 1 93  ? 6.051   -1.757  14.382  1.00 16.14 ? 120 TRP A N   1 
ATOM   704  C CA  . TRP A 1 93  ? 7.154   -2.214  15.247  1.00 18.97 ? 120 TRP A CA  1 
ATOM   705  C C   . TRP A 1 93  ? 8.514   -2.346  14.524  1.00 19.29 ? 120 TRP A C   1 
ATOM   706  O O   . TRP A 1 93  ? 9.557   -2.210  15.167  1.00 15.14 ? 120 TRP A O   1 
ATOM   707  C CB  . TRP A 1 93  ? 6.811   -3.612  15.769  1.00 18.87 ? 120 TRP A CB  1 
ATOM   708  C CG  . TRP A 1 93  ? 7.806   -4.268  16.676  1.00 18.73 ? 120 TRP A CG  1 
ATOM   709  C CD1 . TRP A 1 93  ? 8.592   -5.304  16.379  1.00 18.06 ? 120 TRP A CD1 1 
ATOM   710  C CD2 . TRP A 1 93  ? 8.047   -3.958  18.064  1.00 17.92 ? 120 TRP A CD2 1 
ATOM   711  N NE1 . TRP A 1 93  ? 9.297   -5.706  17.484  1.00 19.93 ? 120 TRP A NE1 1 
ATOM   712  C CE2 . TRP A 1 93  ? 8.991   -4.886  18.538  1.00 18.57 ? 120 TRP A CE2 1 
ATOM   713  C CE3 . TRP A 1 93  ? 7.542   -3.010  18.934  1.00 18.69 ? 120 TRP A CE3 1 
ATOM   714  C CZ2 . TRP A 1 93  ? 9.470   -4.879  19.889  1.00 18.73 ? 120 TRP A CZ2 1 
ATOM   715  C CZ3 . TRP A 1 93  ? 8.015   -2.988  20.282  1.00 20.33 ? 120 TRP A CZ3 1 
ATOM   716  C CH2 . TRP A 1 93  ? 8.952   -3.927  20.737  1.00 18.02 ? 120 TRP A CH2 1 
ATOM   717  N N   . ASN A 1 94  ? 8.508   -2.725  13.242  1.00 17.62 ? 121 ASN A N   1 
ATOM   718  C CA  . ASN A 1 94  ? 9.766   -2.866  12.481  1.00 18.66 ? 121 ASN A CA  1 
ATOM   719  C C   . ASN A 1 94  ? 9.547   -2.618  11.004  1.00 17.54 ? 121 ASN A C   1 
ATOM   720  O O   . ASN A 1 94  ? 8.437   -2.620  10.541  1.00 15.30 ? 121 ASN A O   1 
ATOM   721  C CB  . ASN A 1 94  ? 10.467  -4.212  12.701  1.00 19.20 ? 121 ASN A CB  1 
ATOM   722  C CG  . ASN A 1 94  ? 9.606   -5.460  12.362  1.00 20.51 ? 121 ASN A CG  1 
ATOM   723  O OD1 . ASN A 1 94  ? 8.734   -5.445  11.478  1.00 21.40 ? 121 ASN A OD1 1 
ATOM   724  N ND2 . ASN A 1 94  ? 9.881   -6.536  13.058  1.00 21.65 ? 121 ASN A ND2 1 
ATOM   725  N N   . ALA A 1 95  ? 10.641  -2.512  10.259  1.00 19.52 ? 122 ALA A N   1 
ATOM   726  C CA  . ALA A 1 95  ? 10.583  -2.330  8.820   1.00 18.28 ? 122 ALA A CA  1 
ATOM   727  C C   . ALA A 1 95  ? 9.845   -3.455  8.141   1.00 17.89 ? 122 ALA A C   1 
ATOM   728  O O   . ALA A 1 95  ? 9.128   -3.203  7.195   1.00 18.75 ? 122 ALA A O   1 
ATOM   729  C CB  . ALA A 1 95  ? 11.997  -2.262  8.283   1.00 19.31 ? 122 ALA A CB  1 
ATOM   730  N N   . GLN A 1 96  ? 10.008  -4.708  8.599   1.00 18.36 ? 123 GLN A N   1 
ATOM   731  C CA  . GLN A 1 96  ? 9.377   -5.848  7.935   1.00 21.57 ? 123 GLN A CA  1 
ATOM   732  C C   . GLN A 1 96  ? 7.870   -5.794  7.888   1.00 20.78 ? 123 GLN A C   1 
ATOM   733  O O   . GLN A 1 96  ? 7.288   -6.242  6.914   1.00 19.08 ? 123 GLN A O   1 
ATOM   734  C CB  . GLN A 1 96  ? 9.785   -7.191  8.591   1.00 26.80 ? 123 GLN A CB  1 
ATOM   735  C CG  . GLN A 1 96  ? 9.320   -8.426  7.832   1.00 34.62 ? 123 GLN A CG  1 
ATOM   736  C CD  . GLN A 1 96  ? 8.490   -9.383  8.673   1.00 43.17 ? 123 GLN A CD  1 
ATOM   737  O OE1 . GLN A 1 96  ? 7.282   -9.156  8.900   1.00 56.54 ? 123 GLN A OE1 1 
ATOM   738  N NE2 . GLN A 1 96  ? 9.125   -10.476 9.139   1.00 46.88 ? 123 GLN A NE2 1 
ATOM   739  N N   . GLU A 1 97  ? 7.232   -5.314  8.952   1.00 19.25 ? 124 GLU A N   1 
ATOM   740  C CA  . GLU A 1 97  ? 5.781   -5.170  8.956   1.00 19.55 ? 124 GLU A CA  1 
ATOM   741  C C   . GLU A 1 97  ? 5.344   -4.184  7.878   1.00 16.87 ? 124 GLU A C   1 
ATOM   742  O O   . GLU A 1 97  ? 4.315   -4.395  7.234   1.00 16.51 ? 124 GLU A O   1 
ATOM   743  C CB  . GLU A 1 97  ? 5.199   -4.714  10.304  1.00 21.47 ? 124 GLU A CB  1 
ATOM   744  C CG  . GLU A 1 97  ? 5.357   -5.631  11.542  1.00 23.88 ? 124 GLU A CG  1 
ATOM   745  C CD  . GLU A 1 97  ? 4.834   -4.949  12.831  1.00 25.82 ? 124 GLU A CD  1 
ATOM   746  O OE1 . GLU A 1 97  ? 4.593   -3.701  12.839  1.00 21.47 ? 124 GLU A OE1 1 
ATOM   747  O OE2 . GLU A 1 97  ? 4.601   -5.680  13.829  1.00 25.72 ? 124 GLU A OE2 1 
ATOM   748  N N   . CYS A 1 98  ? 6.138   -3.136  7.653   1.00 15.09 ? 125 CYS A N   1 
ATOM   749  C CA  . CYS A 1 98  ? 5.825   -2.186  6.587   1.00 16.32 ? 125 CYS A CA  1 
ATOM   750  C C   . CYS A 1 98  ? 6.008   -2.713  5.190   1.00 14.84 ? 125 CYS A C   1 
ATOM   751  O O   . CYS A 1 98  ? 5.088   -2.571  4.352   1.00 15.01 ? 125 CYS A O   1 
ATOM   752  C CB  . CYS A 1 98  ? 6.550   -0.832  6.818   1.00 17.24 ? 125 CYS A CB  1 
ATOM   753  S SG  . CYS A 1 98  ? 6.395   0.377   5.494   1.00 17.88 ? 125 CYS A SG  1 
ATOM   754  N N   . ILE A 1 99  ? 7.109   -3.407  4.971   1.00 14.78 ? 126 ILE A N   1 
ATOM   755  C CA  . ILE A 1 99  ? 7.420   -4.119  3.728   1.00 16.30 ? 126 ILE A CA  1 
ATOM   756  C C   . ILE A 1 99  ? 6.340   -5.115  3.406   1.00 16.49 ? 126 ILE A C   1 
ATOM   757  O O   . ILE A 1 99  ? 5.947   -5.184  2.223   1.00 16.28 ? 126 ILE A O   1 
ATOM   758  C CB  . ILE A 1 99  ? 8.847   -4.713  3.727   1.00 16.65 ? 126 ILE A CB  1 
ATOM   759  C CG1 . ILE A 1 99  ? 9.908   -3.611  3.800   1.00 19.57 ? 126 ILE A CG1 1 
ATOM   760  C CG2 . ILE A 1 99  ? 9.039   -5.608  2.537   1.00 17.57 ? 126 ILE A CG2 1 
ATOM   761  C CD1 . ILE A 1 99  ? 11.297  -4.130  4.261   1.00 18.97 ? 126 ILE A CD1 1 
ATOM   762  N N   A GLN A 1 100 ? 5.838   -5.799  4.440   0.50 15.83 ? 127 GLN A N   1 
ATOM   763  N N   B GLN A 1 100 ? 5.793   -5.874  4.380   0.50 16.23 ? 127 GLN A N   1 
ATOM   764  C CA  A GLN A 1 100 ? 4.696   -6.675  4.318   0.50 16.23 ? 127 GLN A CA  1 
ATOM   765  C CA  B GLN A 1 100 ? 4.673   -6.768  4.014   0.50 17.00 ? 127 GLN A CA  1 
ATOM   766  C C   A GLN A 1 100 ? 3.473   -5.968  3.705   0.50 16.96 ? 127 GLN A C   1 
ATOM   767  C C   B GLN A 1 100 ? 3.469   -5.927  3.560   0.50 17.28 ? 127 GLN A C   1 
ATOM   768  O O   A GLN A 1 100 ? 2.808   -6.507  2.803   0.50 15.60 ? 127 GLN A O   1 
ATOM   769  O O   B GLN A 1 100 ? 2.771   -6.346  2.638   0.50 15.33 ? 127 GLN A O   1 
ATOM   770  C CB  A GLN A 1 100 ? 4.414   -7.352  5.668   0.50 17.95 ? 127 GLN A CB  1 
ATOM   771  C CB  B GLN A 1 100 ? 4.225   -7.792  5.077   0.50 19.09 ? 127 GLN A CB  1 
ATOM   772  C CG  A GLN A 1 100 ? 5.349   -8.561  5.835   0.50 18.77 ? 127 GLN A CG  1 
ATOM   773  C CG  B GLN A 1 100 ? 4.224   -9.313  4.691   0.50 19.13 ? 127 GLN A CG  1 
ATOM   774  C CD  A GLN A 1 100 ? 5.153   -9.354  7.109   0.50 20.70 ? 127 GLN A CD  1 
ATOM   775  C CD  B GLN A 1 100 ? 4.105   -9.699  3.213   0.50 20.24 ? 127 GLN A CD  1 
ATOM   776  O OE1 A GLN A 1 100 ? 5.383   -10.570 7.109   0.50 24.27 ? 127 GLN A OE1 1 
ATOM   777  O OE1 B GLN A 1 100 ? 5.069   -10.219 2.610   0.50 20.75 ? 127 GLN A OE1 1 
ATOM   778  N NE2 A GLN A 1 100 ? 4.736   -8.690  8.207   0.50 20.24 ? 127 GLN A NE2 1 
ATOM   779  N NE2 B GLN A 1 100 ? 2.921   -9.483  2.621   0.50 17.39 ? 127 GLN A NE2 1 
ATOM   780  N N   . ASP A 1 101 ? 3.226   -4.748  4.141   1.00 16.33 ? 128 ASP A N   1 
ATOM   781  C CA  . ASP A 1 101 ? 2.118   -3.936  3.624   1.00 16.45 ? 128 ASP A CA  1 
ATOM   782  C C   . ASP A 1 101 ? 2.318   -3.611  2.140   1.00 14.61 ? 128 ASP A C   1 
ATOM   783  O O   . ASP A 1 101 ? 1.396   -3.738  1.348   1.00 13.90 ? 128 ASP A O   1 
ATOM   784  C CB  . ASP A 1 101 ? 1.887   -2.694  4.454   1.00 16.10 ? 128 ASP A CB  1 
ATOM   785  C CG  . ASP A 1 101 ? 1.195   -2.971  5.760   1.00 19.24 ? 128 ASP A CG  1 
ATOM   786  O OD1 . ASP A 1 101 ? 0.574   -4.076  5.972   1.00 13.63 ? 128 ASP A OD1 1 
ATOM   787  O OD2 . ASP A 1 101 ? 1.285   -2.064  6.583   1.00 18.09 ? 128 ASP A OD2 1 
ATOM   788  N N   . PHE A 1 102 ? 3.512   -3.264  1.759   1.00 15.24 ? 129 PHE A N   1 
ATOM   789  C CA  . PHE A 1 102 ? 3.770   -2.993  0.323   1.00 15.37 ? 129 PHE A CA  1 
ATOM   790  C C   . PHE A 1 102 ? 3.539   -4.238  -0.528  1.00 14.74 ? 129 PHE A C   1 
ATOM   791  O O   . PHE A 1 102 ? 2.890   -4.149  -1.575  1.00 16.05 ? 129 PHE A O   1 
ATOM   792  C CB  . PHE A 1 102 ? 5.175   -2.438  0.084   1.00 16.00 ? 129 PHE A CB  1 
ATOM   793  C CG  . PHE A 1 102 ? 5.331   -0.937  0.333   1.00 14.30 ? 129 PHE A CG  1 
ATOM   794  C CD1 . PHE A 1 102 ? 5.002   -0.020  -0.640  1.00 15.15 ? 129 PHE A CD1 1 
ATOM   795  C CD2 . PHE A 1 102 ? 5.835   -0.481  1.497   1.00 16.27 ? 129 PHE A CD2 1 
ATOM   796  C CE1 . PHE A 1 102 ? 5.205   1.349   -0.440  1.00 15.98 ? 129 PHE A CE1 1 
ATOM   797  C CE2 . PHE A 1 102 ? 6.080   0.870   1.716   1.00 15.27 ? 129 PHE A CE2 1 
ATOM   798  C CZ  . PHE A 1 102 ? 5.729   1.797   0.742   1.00 14.53 ? 129 PHE A CZ  1 
ATOM   799  N N   . ASN A 1 103 ? 4.063   -5.371  -0.097  1.00 14.87 ? 130 ASN A N   1 
ATOM   800  C CA  . ASN A 1 103 ? 3.867   -6.626  -0.775  1.00 16.61 ? 130 ASN A CA  1 
ATOM   801  C C   . ASN A 1 103 ? 2.465   -7.103  -0.885  1.00 15.24 ? 130 ASN A C   1 
ATOM   802  O O   . ASN A 1 103 ? 2.079   -7.569  -1.951  1.00 14.85 ? 130 ASN A O   1 
ATOM   803  C CB  . ASN A 1 103 ? 4.794   -7.702  -0.222  1.00 20.43 ? 130 ASN A CB  1 
ATOM   804  C CG  . ASN A 1 103 ? 6.254   -7.424  -0.665  1.00 22.63 ? 130 ASN A CG  1 
ATOM   805  O OD1 . ASN A 1 103 ? 6.524   -7.253  -1.850  1.00 34.11 ? 130 ASN A OD1 1 
ATOM   806  N ND2 . ASN A 1 103 ? 7.152   -7.375  0.251   1.00 25.85 ? 130 ASN A ND2 1 
ATOM   807  N N   . THR A 1 104 ? 1.691   -6.894  0.162   1.00 14.42 ? 131 THR A N   1 
ATOM   808  C CA  . THR A 1 104 ? 0.276   -7.100  0.100   1.00 16.58 ? 131 THR A CA  1 
ATOM   809  C C   . THR A 1 104 ? -0.360  -6.180  -0.985  1.00 14.91 ? 131 THR A C   1 
ATOM   810  O O   . THR A 1 104 ? -1.152  -6.644  -1.766  1.00 13.21 ? 131 THR A O   1 
ATOM   811  C CB  . THR A 1 104 ? -0.375  -6.863  1.460   1.00 17.61 ? 131 THR A CB  1 
ATOM   812  O OG1 . THR A 1 104 ? 0.251   -7.794  2.361   1.00 17.56 ? 131 THR A OG1 1 
ATOM   813  C CG2 . THR A 1 104 ? -1.912  -7.086  1.374   1.00 15.01 ? 131 THR A CG2 1 
ATOM   814  N N   . MET A 1 105 ? -0.052  -4.900  -0.990  1.00 14.28 ? 132 MET A N   1 
ATOM   815  C CA  . MET A 1 105 ? -0.627  -4.035  -2.022  1.00 14.46 ? 132 MET A CA  1 
ATOM   816  C C   . MET A 1 105 ? -0.334  -4.542  -3.449  1.00 13.07 ? 132 MET A C   1 
ATOM   817  O O   . MET A 1 105 ? -1.176  -4.527  -4.313  1.00 14.87 ? 132 MET A O   1 
ATOM   818  C CB  . MET A 1 105 ? -0.065  -2.646  -1.838  1.00 14.08 ? 132 MET A CB  1 
ATOM   819  C CG  . MET A 1 105 ? -0.600  -1.611  -2.824  1.00 14.46 ? 132 MET A CG  1 
ATOM   820  S SD  . MET A 1 105 ? 0.237   -0.027  -2.574  1.00 15.91 ? 132 MET A SD  1 
ATOM   821  C CE  . MET A 1 105 ? 1.814   -0.463  -3.276  1.00 19.17 ? 132 MET A CE  1 
ATOM   822  N N   . PHE A 1 106 ? 0.902   -4.953  -3.709  1.00 13.41 ? 133 PHE A N   1 
ATOM   823  C CA  . PHE A 1 106 ? 1.264   -5.385  -5.006  1.00 14.39 ? 133 PHE A CA  1 
ATOM   824  C C   . PHE A 1 106 ? 0.559   -6.671  -5.390  1.00 15.10 ? 133 PHE A C   1 
ATOM   825  O O   . PHE A 1 106 ? 0.000   -6.763  -6.478  1.00 13.91 ? 133 PHE A O   1 
ATOM   826  C CB  . PHE A 1 106 ? 2.783   -5.554  -5.121  1.00 15.46 ? 133 PHE A CB  1 
ATOM   827  C CG  . PHE A 1 106 ? 3.546   -4.223  -5.080  1.00 16.68 ? 133 PHE A CG  1 
ATOM   828  C CD1 . PHE A 1 106 ? 3.185   -3.162  -5.931  1.00 18.52 ? 133 PHE A CD1 1 
ATOM   829  C CD2 . PHE A 1 106 ? 4.566   -4.016  -4.189  1.00 19.94 ? 133 PHE A CD2 1 
ATOM   830  C CE1 . PHE A 1 106 ? 3.819   -1.929  -5.903  1.00 20.38 ? 133 PHE A CE1 1 
ATOM   831  C CE2 . PHE A 1 106 ? 5.223   -2.791  -4.170  1.00 19.46 ? 133 PHE A CE2 1 
ATOM   832  C CZ  . PHE A 1 106 ? 4.817   -1.742  -5.012  1.00 20.09 ? 133 PHE A CZ  1 
ATOM   833  N N   . THR A 1 107 ? 0.544   -7.601  -4.467  1.00 14.44 ? 134 THR A N   1 
ATOM   834  C CA  . THR A 1 107 ? 0.038   -8.933  -4.724  1.00 18.13 ? 134 THR A CA  1 
ATOM   835  C C   . THR A 1 107 ? -1.446  -8.787  -5.023  1.00 16.48 ? 134 THR A C   1 
ATOM   836  O O   . THR A 1 107 ? -1.938  -9.482  -5.881  1.00 16.26 ? 134 THR A O   1 
ATOM   837  C CB  . THR A 1 107 ? 0.290   -9.816  -3.487  1.00 21.84 ? 134 THR A CB  1 
ATOM   838  O OG1 . THR A 1 107 ? 1.714   -9.963  -3.356  1.00 27.14 ? 134 THR A OG1 1 
ATOM   839  C CG2 . THR A 1 107 ? -0.365  -11.194 -3.649  1.00 27.38 ? 134 THR A CG2 1 
ATOM   840  N N   . ASN A 1 108 ? -2.165  -7.965  -4.250  1.00 14.09 ? 135 ASN A N   1 
ATOM   841  C CA  . ASN A 1 108 ? -3.585  -7.746  -4.508  1.00 14.24 ? 135 ASN A CA  1 
ATOM   842  C C   . ASN A 1 108 ? -3.820  -7.363  -5.951  1.00 14.18 ? 135 ASN A C   1 
ATOM   843  O O   . ASN A 1 108 ? -4.771  -7.820  -6.584  1.00 14.68 ? 135 ASN A O   1 
ATOM   844  C CB  . ASN A 1 108 ? -4.212  -6.662  -3.568  1.00 13.67 ? 135 ASN A CB  1 
ATOM   845  C CG  . ASN A 1 108 ? -4.309  -7.125  -2.108  1.00 15.28 ? 135 ASN A CG  1 
ATOM   846  O OD1 . ASN A 1 108 ? -4.233  -8.359  -1.801  1.00 16.32 ? 135 ASN A OD1 1 
ATOM   847  N ND2 . ASN A 1 108 ? -4.494  -6.153  -1.193  1.00 13.65 ? 135 ASN A ND2 1 
ATOM   848  N N   . CYS A 1 109 ? -2.966  -6.483  -6.482  1.00 14.14 ? 136 CYS A N   1 
ATOM   849  C CA  . CYS A 1 109 ? -3.141  -5.963  -7.826  1.00 13.04 ? 136 CYS A CA  1 
ATOM   850  C C   . CYS A 1 109 ? -2.994  -7.086  -8.881  1.00 13.18 ? 136 CYS A C   1 
ATOM   851  O O   . CYS A 1 109 ? -3.748  -7.178  -9.823  1.00 12.52 ? 136 CYS A O   1 
ATOM   852  C CB  . CYS A 1 109 ? -2.091  -4.861  -8.044  1.00 14.45 ? 136 CYS A CB  1 
ATOM   853  S SG  . CYS A 1 109 ? -2.375  -4.000  -9.592  1.00 16.29 ? 136 CYS A SG  1 
ATOM   854  N N   . TYR A 1 110 ? -2.054  -8.003  -8.626  1.00 12.66 ? 137 TYR A N   1 
ATOM   855  C CA  . TYR A 1 110 ? -1.666  -9.043  -9.562  1.00 14.37 ? 137 TYR A CA  1 
ATOM   856  C C   . TYR A 1 110 ? -2.651  -10.196 -9.447  1.00 16.74 ? 137 TYR A C   1 
ATOM   857  O O   . TYR A 1 110 ? -2.941  -10.883 -10.421 1.00 18.60 ? 137 TYR A O   1 
ATOM   858  C CB  . TYR A 1 110 ? -0.257  -9.550  -9.187  1.00 15.39 ? 137 TYR A CB  1 
ATOM   859  C CG  . TYR A 1 110 ? 0.872   -8.502  -9.201  1.00 16.31 ? 137 TYR A CG  1 
ATOM   860  C CD1 . TYR A 1 110 ? 0.872   -7.457  -10.130 1.00 15.88 ? 137 TYR A CD1 1 
ATOM   861  C CD2 . TYR A 1 110 ? 1.916   -8.586  -8.313  1.00 14.04 ? 137 TYR A CD2 1 
ATOM   862  C CE1 . TYR A 1 110 ? 1.908   -6.538  -10.169 1.00 16.30 ? 137 TYR A CE1 1 
ATOM   863  C CE2 . TYR A 1 110 ? 2.954   -7.668  -8.322  1.00 17.73 ? 137 TYR A CE2 1 
ATOM   864  C CZ  . TYR A 1 110 ? 2.965   -6.646  -9.280  1.00 14.97 ? 137 TYR A CZ  1 
ATOM   865  O OH  . TYR A 1 110 ? 3.935   -5.590  -9.360  1.00 19.19 ? 137 TYR A OH  1 
ATOM   866  N N   . ILE A 1 111 ? -3.271  -10.362 -8.269  1.00 16.75 ? 138 ILE A N   1 
ATOM   867  C CA  . ILE A 1 111 ? -4.406  -11.281 -8.136  1.00 15.95 ? 138 ILE A CA  1 
ATOM   868  C C   . ILE A 1 111 ? -5.672  -10.830 -8.861  1.00 18.71 ? 138 ILE A C   1 
ATOM   869  O O   . ILE A 1 111 ? -6.384  -11.612 -9.497  1.00 16.88 ? 138 ILE A O   1 
ATOM   870  C CB  . ILE A 1 111 ? -4.722  -11.508 -6.658  1.00 17.10 ? 138 ILE A CB  1 
ATOM   871  C CG1 . ILE A 1 111 ? -3.604  -12.269 -6.026  1.00 18.42 ? 138 ILE A CG1 1 
ATOM   872  C CG2 . ILE A 1 111 ? -6.060  -12.249 -6.440  1.00 20.83 ? 138 ILE A CG2 1 
ATOM   873  C CD1 . ILE A 1 111 ? -3.771  -12.368 -4.494  1.00 20.73 ? 138 ILE A CD1 1 
ATOM   874  N N   . TYR A 1 112 ? -6.016  -9.560  -8.692  1.00 16.21 ? 139 TYR A N   1 
ATOM   875  C CA  . TYR A 1 112 ? -7.242  -9.066  -9.196  1.00 15.74 ? 139 TYR A CA  1 
ATOM   876  C C   . TYR A 1 112 ? -7.254  -8.864  -10.698 1.00 15.86 ? 139 TYR A C   1 
ATOM   877  O O   . TYR A 1 112 ? -8.303  -8.963  -11.307 1.00 18.10 ? 139 TYR A O   1 
ATOM   878  C CB  . TYR A 1 112 ? -7.665  -7.804  -8.426  1.00 15.45 ? 139 TYR A CB  1 
ATOM   879  C CG  . TYR A 1 112 ? -8.932  -7.226  -8.919  1.00 14.71 ? 139 TYR A CG  1 
ATOM   880  C CD1 . TYR A 1 112 ? -10.152 -7.819  -8.596  1.00 16.60 ? 139 TYR A CD1 1 
ATOM   881  C CD2 . TYR A 1 112 ? -8.951  -6.095  -9.724  1.00 17.40 ? 139 TYR A CD2 1 
ATOM   882  C CE1 . TYR A 1 112 ? -11.356 -7.270  -9.040  1.00 17.25 ? 139 TYR A CE1 1 
ATOM   883  C CE2 . TYR A 1 112 ? -10.135 -5.525  -10.147 1.00 17.96 ? 139 TYR A CE2 1 
ATOM   884  C CZ  . TYR A 1 112 ? -11.363 -6.141  -9.844  1.00 16.19 ? 139 TYR A CZ  1 
ATOM   885  O OH  . TYR A 1 112 ? -12.584 -5.651  -10.268 1.00 16.54 ? 139 TYR A OH  1 
ATOM   886  N N   . ASN A 1 113 ? -6.120  -8.583  -11.306 1.00 16.32 ? 140 ASN A N   1 
ATOM   887  C CA  . ASN A 1 113 ? -6.080  -8.079  -12.695 1.00 21.05 ? 140 ASN A CA  1 
ATOM   888  C C   . ASN A 1 113 ? -5.355  -9.180  -13.501 1.00 22.48 ? 140 ASN A C   1 
ATOM   889  O O   . ASN A 1 113 ? -4.994  -10.208 -12.962 1.00 20.08 ? 140 ASN A O   1 
ATOM   890  C CB  . ASN A 1 113 ? -5.358  -6.723  -12.736 1.00 20.14 ? 140 ASN A CB  1 
ATOM   891  C CG  . ASN A 1 113 ? -6.125  -5.608  -12.023 1.00 18.22 ? 140 ASN A CG  1 
ATOM   892  O OD1 . ASN A 1 113 ? -7.184  -5.174  -12.488 1.00 18.53 ? 140 ASN A OD1 1 
ATOM   893  N ND2 . ASN A 1 113 ? -5.635  -5.203  -10.822 1.00 17.42 ? 140 ASN A ND2 1 
ATOM   894  N N   . LYS A 1 114 ? -5.233  -8.998  -14.792 1.00 24.83 ? 141 LYS A N   1 
ATOM   895  C CA  . LYS A 1 114 ? -4.548  -9.960  -15.640 1.00 27.48 ? 141 LYS A CA  1 
ATOM   896  C C   . LYS A 1 114 ? -3.204  -9.358  -16.003 1.00 24.50 ? 141 LYS A C   1 
ATOM   897  O O   . LYS A 1 114 ? -3.042  -8.117  -16.085 1.00 23.55 ? 141 LYS A O   1 
ATOM   898  C CB  . LYS A 1 114 ? -5.316  -10.274 -16.930 1.00 33.36 ? 141 LYS A CB  1 
ATOM   899  C CG  . LYS A 1 114 ? -6.821  -10.506 -16.763 1.00 40.98 ? 141 LYS A CG  1 
ATOM   900  C CD  . LYS A 1 114 ? -7.497  -10.921 -18.084 1.00 46.97 ? 141 LYS A CD  1 
ATOM   901  C CE  . LYS A 1 114 ? -7.374  -12.430 -18.365 1.00 54.42 ? 141 LYS A CE  1 
ATOM   902  N NZ  . LYS A 1 114 ? -8.411  -12.963 -19.321 1.00 54.49 ? 141 LYS A NZ  1 
ATOM   903  N N   . PRO A 1 115 ? -2.253  -10.226 -16.287 1.00 22.74 ? 142 PRO A N   1 
ATOM   904  C CA  . PRO A 1 115 ? -0.959  -9.733  -16.691 1.00 22.99 ? 142 PRO A CA  1 
ATOM   905  C C   . PRO A 1 115 ? -1.032  -8.896  -17.967 1.00 23.25 ? 142 PRO A C   1 
ATOM   906  O O   . PRO A 1 115 ? -1.785  -9.209  -18.880 1.00 23.87 ? 142 PRO A O   1 
ATOM   907  C CB  . PRO A 1 115 ? -0.145  -11.009 -16.917 1.00 24.47 ? 142 PRO A CB  1 
ATOM   908  C CG  . PRO A 1 115 ? -0.848  -12.049 -16.108 1.00 24.57 ? 142 PRO A CG  1 
ATOM   909  C CD  . PRO A 1 115 ? -2.299  -11.707 -16.148 1.00 24.64 ? 142 PRO A CD  1 
ATOM   910  N N   . GLY A 1 116 ? -0.282  -7.828  -17.989 1.00 25.76 ? 143 GLY A N   1 
ATOM   911  C CA  . GLY A 1 116 ? -0.266  -6.891  -19.071 1.00 25.47 ? 143 GLY A CA  1 
ATOM   912  C C   . GLY A 1 116 ? -1.288  -5.799  -19.045 1.00 23.52 ? 143 GLY A C   1 
ATOM   913  O O   . GLY A 1 116 ? -1.146  -4.905  -19.824 1.00 24.98 ? 143 GLY A O   1 
ATOM   914  N N   . ASP A 1 117 ? -2.287  -5.853  -18.142 1.00 20.10 ? 144 ASP A N   1 
ATOM   915  C CA  . ASP A 1 117 ? -3.340  -4.824  -17.976 1.00 19.30 ? 144 ASP A CA  1 
ATOM   916  C C   . ASP A 1 117 ? -2.589  -3.575  -17.553 1.00 17.83 ? 144 ASP A C   1 
ATOM   917  O O   . ASP A 1 117 ? -1.576  -3.672  -16.899 1.00 19.60 ? 144 ASP A O   1 
ATOM   918  C CB  . ASP A 1 117 ? -4.317  -5.204  -16.837 1.00 19.20 ? 144 ASP A CB  1 
ATOM   919  C CG  . ASP A 1 117 ? -5.345  -6.155  -17.237 1.00 20.40 ? 144 ASP A CG  1 
ATOM   920  O OD1 . ASP A 1 117 ? -5.410  -6.477  -18.429 1.00 19.24 ? 144 ASP A OD1 1 
ATOM   921  O OD2 . ASP A 1 117 ? -6.094  -6.594  -16.322 1.00 25.20 ? 144 ASP A OD2 1 
ATOM   922  N N   . ASP A 1 118 ? -3.065  -2.403  -17.896 1.00 16.78 ? 145 ASP A N   1 
ATOM   923  C CA  . ASP A 1 118 ? -2.337  -1.180  -17.528 1.00 15.79 ? 145 ASP A CA  1 
ATOM   924  C C   . ASP A 1 118 ? -2.063  -1.064  -16.017 1.00 15.94 ? 145 ASP A C   1 
ATOM   925  O O   . ASP A 1 118 ? -0.985  -0.585  -15.566 1.00 15.71 ? 145 ASP A O   1 
ATOM   926  C CB  . ASP A 1 118 ? -3.160  0.003   -17.924 1.00 17.31 ? 145 ASP A CB  1 
ATOM   927  C CG  . ASP A 1 118 ? -3.052  0.352   -19.413 1.00 20.03 ? 145 ASP A CG  1 
ATOM   928  O OD1 . ASP A 1 118 ? -2.142  -0.172  -20.096 1.00 21.12 ? 145 ASP A OD1 1 
ATOM   929  O OD2 . ASP A 1 118 ? -3.875  1.208   -19.860 1.00 18.56 ? 145 ASP A OD2 1 
ATOM   930  N N   . ILE A 1 119 ? -3.066  -1.391  -15.207 1.00 14.78 ? 146 ILE A N   1 
ATOM   931  C CA  . ILE A 1 119 ? -2.898  -1.302  -13.751 1.00 15.45 ? 146 ILE A CA  1 
ATOM   932  C C   . ILE A 1 119 ? -1.702  -2.200  -13.273 1.00 15.59 ? 146 ILE A C   1 
ATOM   933  O O   . ILE A 1 119 ? -0.915  -1.793  -12.389 1.00 14.87 ? 146 ILE A O   1 
ATOM   934  C CB  . ILE A 1 119 ? -4.168  -1.551  -13.002 1.00 15.02 ? 146 ILE A CB  1 
ATOM   935  C CG1 . ILE A 1 119 ? -4.037  -1.202  -11.501 1.00 15.17 ? 146 ILE A CG1 1 
ATOM   936  C CG2 . ILE A 1 119 ? -4.502  -3.035  -13.073 1.00 14.17 ? 146 ILE A CG2 1 
ATOM   937  C CD1 . ILE A 1 119 ? -3.689  0.243   -11.216 1.00 14.52 ? 146 ILE A CD1 1 
ATOM   938  N N   . VAL A 1 120 ? -1.530  -3.364  -13.920 1.00 15.27 ? 147 VAL A N   1 
ATOM   939  C CA  . VAL A 1 120 ? -0.502  -4.295  -13.511 1.00 15.75 ? 147 VAL A CA  1 
ATOM   940  C C   . VAL A 1 120 ? 0.884   -3.745  -13.935 1.00 17.19 ? 147 VAL A C   1 
ATOM   941  O O   . VAL A 1 120 ? 1.861   -3.919  -13.217 1.00 18.17 ? 147 VAL A O   1 
ATOM   942  C CB  . VAL A 1 120 ? -0.746  -5.672  -14.157 1.00 17.21 ? 147 VAL A CB  1 
ATOM   943  C CG1 . VAL A 1 120 ? 0.445   -6.609  -13.999 1.00 18.18 ? 147 VAL A CG1 1 
ATOM   944  C CG2 . VAL A 1 120 ? -2.017  -6.282  -13.572 1.00 17.23 ? 147 VAL A CG2 1 
ATOM   945  N N   . LEU A 1 121 ? 0.948   -3.090  -15.085 1.00 16.45 ? 148 LEU A N   1 
ATOM   946  C CA  . LEU A 1 121 ? 2.198   -2.512  -15.543 1.00 16.15 ? 148 LEU A CA  1 
ATOM   947  C C   . LEU A 1 121 ? 2.549   -1.375  -14.611 1.00 18.07 ? 148 LEU A C   1 
ATOM   948  O O   . LEU A 1 121 ? 3.718   -1.131  -14.332 1.00 16.29 ? 148 LEU A O   1 
ATOM   949  C CB  . LEU A 1 121 ? 2.045   -1.953  -16.968 1.00 18.28 ? 148 LEU A CB  1 
ATOM   950  C CG  . LEU A 1 121 ? 1.690   -2.945  -18.054 1.00 19.30 ? 148 LEU A CG  1 
ATOM   951  C CD1 . LEU A 1 121 ? 1.442   -2.172  -19.332 1.00 19.77 ? 148 LEU A CD1 1 
ATOM   952  C CD2 . LEU A 1 121 ? 2.778   -3.966  -18.275 1.00 22.07 ? 148 LEU A CD2 1 
ATOM   953  N N   . MET A 1 122 ? 1.531   -0.671  -14.146 1.00 16.25 ? 149 MET A N   1 
ATOM   954  C CA  . MET A 1 122 ? 1.777   0.360   -13.120 1.00 16.99 ? 149 MET A CA  1 
ATOM   955  C C   . MET A 1 122 ? 2.377   -0.215  -11.826 1.00 17.45 ? 149 MET A C   1 
ATOM   956  O O   . MET A 1 122 ? 3.322   0.326   -11.262 1.00 16.68 ? 149 MET A O   1 
ATOM   957  C CB  . MET A 1 122 ? 0.483   1.119   -12.824 1.00 16.97 ? 149 MET A CB  1 
ATOM   958  C CG  . MET A 1 122 ? 0.086   1.947   -13.994 1.00 18.10 ? 149 MET A CG  1 
ATOM   959  S SD  . MET A 1 122 ? -1.536  2.682   -13.864 1.00 18.22 ? 149 MET A SD  1 
ATOM   960  C CE  . MET A 1 122 ? -1.164  4.290   -13.219 1.00 18.11 ? 149 MET A CE  1 
ATOM   961  N N   . ALA A 1 123 ? 1.746   -1.251  -11.307 1.00 15.73 ? 150 ALA A N   1 
ATOM   962  C CA  . ALA A 1 123 ? 2.203   -1.907  -10.083 1.00 15.86 ? 150 ALA A CA  1 
ATOM   963  C C   . ALA A 1 123 ? 3.626   -2.493  -10.260 1.00 16.76 ? 150 ALA A C   1 
ATOM   964  O O   . ALA A 1 123 ? 4.474   -2.414  -9.359  1.00 17.56 ? 150 ALA A O   1 
ATOM   965  C CB  . ALA A 1 123 ? 1.191   -2.997  -9.756  1.00 14.56 ? 150 ALA A CB  1 
ATOM   966  N N   . GLU A 1 124 ? 3.882   -3.070  -11.432 1.00 16.81 ? 151 GLU A N   1 
ATOM   967  C CA  . GLU A 1 124 ? 5.178   -3.710  -11.730 1.00 17.57 ? 151 GLU A CA  1 
ATOM   968  C C   . GLU A 1 124 ? 6.277   -2.672  -11.726 1.00 16.76 ? 151 GLU A C   1 
ATOM   969  O O   . GLU A 1 124 ? 7.296   -2.875  -11.116 1.00 17.27 ? 151 GLU A O   1 
ATOM   970  C CB  . GLU A 1 124 ? 5.129   -4.476  -13.070 1.00 20.55 ? 151 GLU A CB  1 
ATOM   971  C CG  . GLU A 1 124 ? 4.427   -5.812  -12.943 1.00 20.35 ? 151 GLU A CG  1 
ATOM   972  C CD  . GLU A 1 124 ? 4.222   -6.506  -14.267 1.00 25.24 ? 151 GLU A CD  1 
ATOM   973  O OE1 . GLU A 1 124 ? 4.216   -5.835  -15.311 1.00 30.53 ? 151 GLU A OE1 1 
ATOM   974  O OE2 . GLU A 1 124 ? 4.053   -7.715  -14.228 1.00 25.63 ? 151 GLU A OE2 1 
ATOM   975  N N   . ALA A 1 125 ? 6.014   -1.524  -12.318 1.00 16.08 ? 152 ALA A N   1 
ATOM   976  C CA  . ALA A 1 125 ? 6.976   -0.465  -12.301 1.00 17.59 ? 152 ALA A CA  1 
ATOM   977  C C   . ALA A 1 125 ? 7.221   0.110   -10.919 1.00 18.69 ? 152 ALA A C   1 
ATOM   978  O O   . ALA A 1 125 ? 8.358   0.484   -10.594 1.00 17.66 ? 152 ALA A O   1 
ATOM   979  C CB  . ALA A 1 125 ? 6.579   0.645   -13.277 1.00 18.37 ? 152 ALA A CB  1 
ATOM   980  N N   . LEU A 1 126 ? 6.177   0.255   -10.102 1.00 17.59 ? 153 LEU A N   1 
ATOM   981  C CA  . LEU A 1 126 ? 6.345   0.753   -8.712  1.00 17.44 ? 153 LEU A CA  1 
ATOM   982  C C   . LEU A 1 126 ? 7.117   -0.267  -7.878  1.00 16.89 ? 153 LEU A C   1 
ATOM   983  O O   . LEU A 1 126 ? 7.959   0.077   -7.017  1.00 17.10 ? 153 LEU A O   1 
ATOM   984  C CB  . LEU A 1 126 ? 5.003   1.024   -8.096  1.00 18.55 ? 153 LEU A CB  1 
ATOM   985  C CG  . LEU A 1 126 ? 4.324   2.298   -8.579  1.00 20.34 ? 153 LEU A CG  1 
ATOM   986  C CD1 . LEU A 1 126 ? 2.934   2.444   -7.957  1.00 20.10 ? 153 LEU A CD1 1 
ATOM   987  C CD2 . LEU A 1 126 ? 5.158   3.580   -8.417  1.00 23.01 ? 153 LEU A CD2 1 
ATOM   988  N N   . GLU A 1 127 ? 6.787   -1.517  -8.094  1.00 17.85 ? 154 GLU A N   1 
ATOM   989  C CA  . GLU A 1 127 ? 7.414   -2.617  -7.408  1.00 17.64 ? 154 GLU A CA  1 
ATOM   990  C C   . GLU A 1 127 ? 8.908   -2.672  -7.745  1.00 21.06 ? 154 GLU A C   1 
ATOM   991  O O   . GLU A 1 127 ? 9.721   -2.840  -6.820  1.00 22.33 ? 154 GLU A O   1 
ATOM   992  C CB  . GLU A 1 127 ? 6.758   -3.950  -7.750  1.00 19.54 ? 154 GLU A CB  1 
ATOM   993  C CG  . GLU A 1 127 ? 7.319   -5.074  -6.889  1.00 21.38 ? 154 GLU A CG  1 
ATOM   994  C CD  . GLU A 1 127 ? 6.772   -6.436  -7.215  1.00 24.04 ? 154 GLU A CD  1 
ATOM   995  O OE1 . GLU A 1 127 ? 6.081   -6.660  -8.200  1.00 25.17 ? 154 GLU A OE1 1 
ATOM   996  O OE2 . GLU A 1 127 ? 7.039   -7.313  -6.429  1.00 30.68 ? 154 GLU A OE2 1 
ATOM   997  N N   . LYS A 1 128 ? 9.268   -2.544  -9.021  1.00 18.45 ? 155 LYS A N   1 
ATOM   998  C CA  . LYS A 1 128 ? 10.686  -2.477  -9.407  1.00 20.57 ? 155 LYS A CA  1 
ATOM   999  C C   . LYS A 1 128 ? 11.423  -1.417  -8.644  1.00 17.74 ? 155 LYS A C   1 
ATOM   1000 O O   . LYS A 1 128 ? 12.510  -1.660  -8.134  1.00 19.47 ? 155 LYS A O   1 
ATOM   1001 C CB  . LYS A 1 128 ? 10.817  -2.209  -10.915 1.00 21.78 ? 155 LYS A CB  1 
ATOM   1002 C CG  . LYS A 1 128 ? 12.200  -1.956  -11.480 1.00 25.89 ? 155 LYS A CG  1 
ATOM   1003 C CD  . LYS A 1 128 ? 12.219  -2.086  -12.993 1.00 29.32 ? 155 LYS A CD  1 
ATOM   1004 C CE  . LYS A 1 128 ? 13.658  -2.049  -13.513 1.00 35.46 ? 155 LYS A CE  1 
ATOM   1005 N NZ  . LYS A 1 128 ? 13.680  -2.723  -14.831 1.00 39.84 ? 155 LYS A NZ  1 
ATOM   1006 N N   . LEU A 1 129 ? 10.864  -0.200  -8.595  1.00 16.98 ? 156 LEU A N   1 
ATOM   1007 C CA  . LEU A 1 129 ? 11.495  0.902   -7.904  1.00 18.65 ? 156 LEU A CA  1 
ATOM   1008 C C   . LEU A 1 129 ? 11.563  0.651   -6.346  1.00 19.15 ? 156 LEU A C   1 
ATOM   1009 O O   . LEU A 1 129 ? 12.527  0.958   -5.690  1.00 16.14 ? 156 LEU A O   1 
ATOM   1010 C CB  . LEU A 1 129 ? 10.691  2.203   -8.128  1.00 20.04 ? 156 LEU A CB  1 
ATOM   1011 C CG  . LEU A 1 129 ? 11.294  3.534   -8.546  1.00 28.58 ? 156 LEU A CG  1 
ATOM   1012 C CD1 . LEU A 1 129 ? 10.333  4.655   -8.156  1.00 29.06 ? 156 LEU A CD1 1 
ATOM   1013 C CD2 . LEU A 1 129 ? 12.676  3.876   -8.022  1.00 30.00 ? 156 LEU A CD2 1 
ATOM   1014 N N   . PHE A 1 130 ? 10.431  0.173   -5.799  1.00 16.57 ? 157 PHE A N   1 
ATOM   1015 C CA  . PHE A 1 130 ? 10.356  -0.294  -4.415  1.00 18.16 ? 157 PHE A CA  1 
ATOM   1016 C C   . PHE A 1 130 ? 11.508  -1.179  -4.084  1.00 20.59 ? 157 PHE A C   1 
ATOM   1017 O O   . PHE A 1 130 ? 12.192  -0.929  -3.107  1.00 21.10 ? 157 PHE A O   1 
ATOM   1018 C CB  . PHE A 1 130 ? 9.034   -0.999  -4.162  1.00 18.63 ? 157 PHE A CB  1 
ATOM   1019 C CG  . PHE A 1 130 ? 8.894   -1.536  -2.778  1.00 18.24 ? 157 PHE A CG  1 
ATOM   1020 C CD1 . PHE A 1 130 ? 8.767   -0.676  -1.724  1.00 17.78 ? 157 PHE A CD1 1 
ATOM   1021 C CD2 . PHE A 1 130 ? 8.861   -2.896  -2.543  1.00 19.90 ? 157 PHE A CD2 1 
ATOM   1022 C CE1 . PHE A 1 130 ? 8.632   -1.143  -0.430  1.00 18.39 ? 157 PHE A CE1 1 
ATOM   1023 C CE2 . PHE A 1 130 ? 8.667   -3.374  -1.261  1.00 18.98 ? 157 PHE A CE2 1 
ATOM   1024 C CZ  . PHE A 1 130 ? 8.625   -2.519  -0.201  1.00 17.61 ? 157 PHE A CZ  1 
ATOM   1025 N N   . LEU A 1 131 ? 11.675  -2.228  -4.850  1.00 22.49 ? 158 LEU A N   1 
ATOM   1026 C CA  . LEU A 1 131 ? 12.713  -3.233  -4.592  1.00 25.05 ? 158 LEU A CA  1 
ATOM   1027 C C   . LEU A 1 131 ? 14.124  -2.663  -4.708  1.00 27.41 ? 158 LEU A C   1 
ATOM   1028 O O   . LEU A 1 131 ? 15.029  -3.032  -3.947  1.00 26.64 ? 158 LEU A O   1 
ATOM   1029 C CB  . LEU A 1 131 ? 12.544  -4.423  -5.497  1.00 25.34 ? 158 LEU A CB  1 
ATOM   1030 C CG  . LEU A 1 131 ? 11.322  -5.351  -5.231  1.00 26.82 ? 158 LEU A CG  1 
ATOM   1031 C CD1 . LEU A 1 131 ? 11.257  -6.335  -6.385  1.00 28.17 ? 158 LEU A CD1 1 
ATOM   1032 C CD2 . LEU A 1 131 ? 11.394  -6.050  -3.869  1.00 28.24 ? 158 LEU A CD2 1 
ATOM   1033 N N   . GLN A 1 132 ? 14.308  -1.759  -5.651  1.00 26.76 ? 159 GLN A N   1 
ATOM   1034 C CA  . GLN A 1 132 ? 15.562  -1.027  -5.760  1.00 28.32 ? 159 GLN A CA  1 
ATOM   1035 C C   . GLN A 1 132 ? 15.859  -0.209  -4.491  1.00 27.49 ? 159 GLN A C   1 
ATOM   1036 O O   . GLN A 1 132 ? 16.998  -0.195  -3.999  1.00 24.66 ? 159 GLN A O   1 
ATOM   1037 C CB  . GLN A 1 132 ? 15.483  -0.130  -6.989  1.00 27.76 ? 159 GLN A CB  1 
ATOM   1038 C CG  . GLN A 1 132 ? 16.748  0.517   -7.458  1.00 33.85 ? 159 GLN A CG  1 
ATOM   1039 C CD  . GLN A 1 132 ? 16.519  1.223   -8.804  1.00 38.33 ? 159 GLN A CD  1 
ATOM   1040 O OE1 . GLN A 1 132 ? 15.595  2.035   -8.966  1.00 42.77 ? 159 GLN A OE1 1 
ATOM   1041 N NE2 . GLN A 1 132 ? 17.360  0.916   -9.770  1.00 40.97 ? 159 GLN A NE2 1 
ATOM   1042 N N   . LYS A 1 133 ? 14.850  0.486   -3.964  1.00 26.26 ? 160 LYS A N   1 
ATOM   1043 C CA  . LYS A 1 133 ? 15.041  1.353   -2.809  1.00 26.26 ? 160 LYS A CA  1 
ATOM   1044 C C   . LYS A 1 133 ? 15.225  0.580   -1.528  1.00 26.55 ? 160 LYS A C   1 
ATOM   1045 O O   . LYS A 1 133 ? 16.004  0.981   -0.676  1.00 24.21 ? 160 LYS A O   1 
ATOM   1046 C CB  . LYS A 1 133 ? 13.865  2.325   -2.671  1.00 28.02 ? 160 LYS A CB  1 
ATOM   1047 C CG  . LYS A 1 133 ? 13.741  3.367   -3.784  1.00 27.85 ? 160 LYS A CG  1 
ATOM   1048 C CD  . LYS A 1 133 ? 15.073  4.063   -4.007  1.00 34.03 ? 160 LYS A CD  1 
ATOM   1049 C CE  . LYS A 1 133 ? 14.925  5.544   -4.263  1.00 36.25 ? 160 LYS A CE  1 
ATOM   1050 N NZ  . LYS A 1 133 ? 16.145  5.995   -4.980  1.00 34.75 ? 160 LYS A NZ  1 
ATOM   1051 N N   . ILE A 1 134 ? 14.464  -0.527  -1.391  1.00 25.62 ? 161 ILE A N   1 
ATOM   1052 C CA  . ILE A 1 134 ? 14.684  -1.569  -0.340  1.00 28.00 ? 161 ILE A CA  1 
ATOM   1053 C C   . ILE A 1 134 ? 16.051  -2.126  -0.275  1.00 27.91 ? 161 ILE A C   1 
ATOM   1054 O O   . ILE A 1 134 ? 16.556  -2.407  0.806   1.00 24.23 ? 161 ILE A O   1 
ATOM   1055 C CB  . ILE A 1 134 ? 13.724  -2.807  -0.540  1.00 28.57 ? 161 ILE A CB  1 
ATOM   1056 C CG1 . ILE A 1 134 ? 12.360  -2.505  0.068   1.00 32.16 ? 161 ILE A CG1 1 
ATOM   1057 C CG2 . ILE A 1 134 ? 14.271  -4.172  -0.013  1.00 34.62 ? 161 ILE A CG2 1 
ATOM   1058 C CD1 . ILE A 1 134 ? 12.285  -1.344  1.031   1.00 32.32 ? 161 ILE A CD1 1 
ATOM   1059 N N   . ASN A 1 135 ? 16.598  -2.391  -1.443  1.00 28.75 ? 162 ASN A N   1 
ATOM   1060 C CA  . ASN A 1 135 ? 17.941  -2.832  -1.567  1.00 26.64 ? 162 ASN A CA  1 
ATOM   1061 C C   . ASN A 1 135 ? 18.937  -1.971  -0.761  1.00 26.99 ? 162 ASN A C   1 
ATOM   1062 O O   . ASN A 1 135 ? 19.800  -2.479  -0.145  1.00 28.49 ? 162 ASN A O   1 
ATOM   1063 C CB  . ASN A 1 135 ? 18.327  -2.856  -3.028  1.00 32.05 ? 162 ASN A CB  1 
ATOM   1064 C CG  . ASN A 1 135 ? 19.553  -3.628  -3.224  1.00 36.48 ? 162 ASN A CG  1 
ATOM   1065 O OD1 . ASN A 1 135 ? 19.563  -4.822  -2.898  1.00 38.53 ? 162 ASN A OD1 1 
ATOM   1066 N ND2 . ASN A 1 135 ? 20.646  -2.957  -3.662  1.00 35.18 ? 162 ASN A ND2 1 
ATOM   1067 N N   . GLU A 1 136 ? 18.725  -0.662  -0.703  1.00 25.90 ? 163 GLU A N   1 
ATOM   1068 C CA  . GLU A 1 136 ? 19.568  0.224   0.078   1.00 26.59 ? 163 GLU A CA  1 
ATOM   1069 C C   . GLU A 1 136 ? 19.069  0.516   1.501   1.00 24.53 ? 163 GLU A C   1 
ATOM   1070 O O   . GLU A 1 136 ? 19.511  1.445   2.124   1.00 20.74 ? 163 GLU A O   1 
ATOM   1071 C CB  . GLU A 1 136 ? 19.824  1.497   -0.740  1.00 32.81 ? 163 GLU A CB  1 
ATOM   1072 C CG  . GLU A 1 136 ? 20.483  1.212   -2.091  1.00 36.28 ? 163 GLU A CG  1 
ATOM   1073 C CD  . GLU A 1 136 ? 21.693  0.262   -2.057  1.00 42.99 ? 163 GLU A CD  1 
ATOM   1074 O OE1 . GLU A 1 136 ? 22.573  0.351   -1.137  1.00 39.24 ? 163 GLU A OE1 1 
ATOM   1075 O OE2 . GLU A 1 136 ? 21.757  -0.611  -2.965  1.00 43.06 ? 163 GLU A OE2 1 
ATOM   1076 N N   . LEU A 1 137 ? 18.189  -0.329  2.063   1.00 24.76 ? 164 LEU A N   1 
ATOM   1077 C CA  . LEU A 1 137 ? 17.717  -0.134  3.427   1.00 22.76 ? 164 LEU A CA  1 
ATOM   1078 C C   . LEU A 1 137 ? 18.887  -0.006  4.438   1.00 22.88 ? 164 LEU A C   1 
ATOM   1079 O O   . LEU A 1 137 ? 19.691  -0.856  4.476   1.00 23.39 ? 164 LEU A O   1 
ATOM   1080 C CB  . LEU A 1 137 ? 16.781  -1.275  3.862   1.00 24.37 ? 164 LEU A CB  1 
ATOM   1081 C CG  . LEU A 1 137 ? 15.931  -1.071  5.086   1.00 24.57 ? 164 LEU A CG  1 
ATOM   1082 C CD1 . LEU A 1 137 ? 14.889  0.061   4.918   1.00 24.77 ? 164 LEU A CD1 1 
ATOM   1083 C CD2 . LEU A 1 137 ? 15.246  -2.381  5.374   1.00 26.56 ? 164 LEU A CD2 1 
ATOM   1084 N N   . PRO A 1 138 ? 18.919  1.033   5.280   1.00 22.17 ? 165 PRO A N   1 
ATOM   1085 C CA  . PRO A 1 138 ? 20.122  1.058   6.162   1.00 26.44 ? 165 PRO A CA  1 
ATOM   1086 C C   . PRO A 1 138 ? 20.163  -0.011  7.225   1.00 29.27 ? 165 PRO A C   1 
ATOM   1087 O O   . PRO A 1 138 ? 19.144  -0.636  7.590   1.00 28.73 ? 165 PRO A O   1 
ATOM   1088 C CB  . PRO A 1 138 ? 20.049  2.450   6.813   1.00 23.51 ? 165 PRO A CB  1 
ATOM   1089 C CG  . PRO A 1 138 ? 18.619  2.813   6.705   1.00 24.43 ? 165 PRO A CG  1 
ATOM   1090 C CD  . PRO A 1 138 ? 18.190  2.306   5.390   1.00 24.22 ? 165 PRO A CD  1 
ATOM   1091 N N   . THR A 1 139 ? 21.348  -0.251  7.745   1.00 31.08 ? 166 THR A N   1 
ATOM   1092 C CA  . THR A 1 139 ? 21.423  -1.248  8.825   1.00 33.58 ? 166 THR A CA  1 
ATOM   1093 C C   . THR A 1 139 ? 20.735  -0.603  10.024  1.00 33.24 ? 166 THR A C   1 
ATOM   1094 O O   . THR A 1 139 ? 20.761  0.649   10.182  1.00 34.46 ? 166 THR A O   1 
ATOM   1095 C CB  . THR A 1 139 ? 22.842  -1.758  9.164   1.00 35.39 ? 166 THR A CB  1 
ATOM   1096 O OG1 . THR A 1 139 ? 23.284  -1.157  10.364  1.00 41.21 ? 166 THR A OG1 1 
ATOM   1097 C CG2 . THR A 1 139 ? 23.821  -1.508  8.100   1.00 32.22 ? 166 THR A CG2 1 
ATOM   1098 N N   . GLU A 1 140 ? 20.037  -1.440  10.784  1.00 38.40 ? 167 GLU A N   1 
ATOM   1099 C CA  . GLU A 1 140 ? 19.458  -1.033  12.055  1.00 43.11 ? 167 GLU A CA  1 
ATOM   1100 C C   . GLU A 1 140 ? 20.555  -0.891  13.102  1.00 38.50 ? 167 GLU A C   1 
ATOM   1101 O O   . GLU A 1 140 ? 20.707  0.215   13.620  1.00 49.72 ? 167 GLU A O   1 
ATOM   1102 C CB  . GLU A 1 140 ? 18.404  -2.026  12.528  1.00 46.12 ? 167 GLU A CB  1 
ATOM   1103 C CG  . GLU A 1 140 ? 17.378  -1.341  13.424  1.00 50.54 ? 167 GLU A CG  1 
ATOM   1104 C CD  . GLU A 1 140 ? 16.631  -2.302  14.340  1.00 52.12 ? 167 GLU A CD  1 
ATOM   1105 O OE1 . GLU A 1 140 ? 16.181  -1.843  15.401  1.00 56.81 ? 167 GLU A OE1 1 
ATOM   1106 O OE2 . GLU A 1 140 ? 16.511  -3.505  14.018  1.00 52.23 ? 167 GLU A OE2 1 
HETATM 1107 C CAX . 5E3 B 2 .   ? -9.398  -1.991  -13.910 1.00 24.00 ? 201 5E3 A CAX 1 
HETATM 1108 O OAM . 5E3 B 2 .   ? -9.713  -0.990  -12.960 1.00 27.46 ? 201 5E3 A OAM 1 
HETATM 1109 C CAB . 5E3 B 2 .   ? -8.874  -0.979  -11.856 1.00 21.97 ? 201 5E3 A CAB 1 
HETATM 1110 C CAC . 5E3 B 2 .   ? -8.289  -2.106  -11.330 1.00 22.02 ? 201 5E3 A CAC 1 
HETATM 1111 C CAD . 5E3 B 2 .   ? -7.558  -2.001  -10.222 1.00 21.03 ? 201 5E3 A CAD 1 
HETATM 1112 O OAG . 5E3 B 2 .   ? -6.859  -2.991  -9.565  1.00 21.10 ? 201 5E3 A OAG 1 
HETATM 1113 N NAH . 5E3 B 2 .   ? -6.198  -2.288  -8.482  1.00 22.81 ? 201 5E3 A NAH 1 
HETATM 1114 C CAI . 5E3 B 2 .   ? -6.497  -0.997  -8.641  1.00 22.44 ? 201 5E3 A CAI 1 
HETATM 1115 C CAJ . 5E3 B 2 .   ? -5.981  0.040   -7.695  1.00 22.28 ? 201 5E3 A CAJ 1 
HETATM 1116 C CAK . 5E3 B 2 .   ? -4.972  -0.685  -6.761  1.00 23.04 ? 201 5E3 A CAK 1 
HETATM 1117 C CAE . 5E3 B 2 .   ? -7.329  -0.778  -9.667  1.00 20.97 ? 201 5E3 A CAE 1 
HETATM 1118 C CAF . 5E3 B 2 .   ? -7.911  0.371   -10.149 1.00 21.51 ? 201 5E3 A CAF 1 
HETATM 1119 C CAA . 5E3 B 2 .   ? -8.723  0.283   -11.269 1.00 21.73 ? 201 5E3 A CAA 1 
HETATM 1120 N NAL . 5E3 B 2 .   ? -9.432  1.298   -11.896 1.00 22.85 ? 201 5E3 A NAL 1 
HETATM 1121 S SAN . 5E3 B 2 .   ? -8.677  2.796   -12.195 1.00 22.51 ? 201 5E3 A SAN 1 
HETATM 1122 O OAO . 5E3 B 2 .   ? -8.138  3.384   -10.933 1.00 26.45 ? 201 5E3 A OAO 1 
HETATM 1123 O OAP . 5E3 B 2 .   ? -9.576  3.795   -12.826 1.00 25.59 ? 201 5E3 A OAP 1 
HETATM 1124 C CAQ . 5E3 B 2 .   ? -7.382  2.424   -13.353 1.00 21.09 ? 201 5E3 A CAQ 1 
HETATM 1125 C CAV . 5E3 B 2 .   ? -6.075  2.762   -13.016 1.00 21.91 ? 201 5E3 A CAV 1 
HETATM 1126 C CAU . 5E3 B 2 .   ? -5.040  2.519   -13.904 1.00 22.50 ? 201 5E3 A CAU 1 
HETATM 1127 C CAT . 5E3 B 2 .   ? -5.260  1.858   -15.099 1.00 22.47 ? 201 5E3 A CAT 1 
HETATM 1128 C CAS . 5E3 B 2 .   ? -6.568  1.510   -15.436 1.00 21.95 ? 201 5E3 A CAS 1 
HETATM 1129 C CAR . 5E3 B 2 .   ? -7.653  1.806   -14.564 1.00 20.83 ? 201 5E3 A CAR 1 
HETATM 1130 O OAY . 5E3 B 2 .   ? -9.019  1.581   -14.824 1.00 23.80 ? 201 5E3 A OAY 1 
HETATM 1131 C CAZ . 5E3 B 2 .   ? -9.468  0.930   -16.031 1.00 26.88 ? 201 5E3 A CAZ 1 
HETATM 1132 C C1  . EDO C 3 .   ? 27.116  -2.045  6.896   1.00 41.98 ? 202 EDO A C1  1 
HETATM 1133 O O1  . EDO C 3 .   ? 26.583  -2.654  5.695   1.00 38.54 ? 202 EDO A O1  1 
HETATM 1134 C C2  . EDO C 3 .   ? 27.365  -2.960  8.100   1.00 40.81 ? 202 EDO A C2  1 
HETATM 1135 O O2  . EDO C 3 .   ? 27.039  -4.349  7.920   1.00 40.94 ? 202 EDO A O2  1 
HETATM 1136 O O   . HOH D 4 .   ? -21.045 -1.255  2.232   1.00 38.40 ? 301 HOH A O   1 
HETATM 1137 O O   . HOH D 4 .   ? 2.285   -8.959  -15.424 1.00 29.40 ? 302 HOH A O   1 
HETATM 1138 O O   . HOH D 4 .   ? 15.192  -0.204  -10.189 1.00 48.47 ? 303 HOH A O   1 
HETATM 1139 O O   . HOH D 4 .   ? 9.916   15.815  -5.920  1.00 23.84 ? 304 HOH A O   1 
HETATM 1140 O O   . HOH D 4 .   ? -24.695 -4.052  -11.211 1.00 15.04 ? 305 HOH A O   1 
HETATM 1141 O O   . HOH D 4 .   ? -0.374  -6.135  4.775   1.00 26.53 ? 306 HOH A O   1 
HETATM 1142 O O   . HOH D 4 .   ? 6.943   3.329   15.011  1.00 35.59 ? 307 HOH A O   1 
HETATM 1143 O O   . HOH D 4 .   ? -10.398 5.468   -1.256  1.00 22.27 ? 308 HOH A O   1 
HETATM 1144 O O   . HOH D 4 .   ? -1.756  -2.661  -20.993 1.00 24.97 ? 309 HOH A O   1 
HETATM 1145 O O   . HOH D 4 .   ? 1.988   11.058  -7.452  1.00 26.00 ? 310 HOH A O   1 
HETATM 1146 O O   . HOH D 4 .   ? -6.146  -5.038  5.121   1.00 26.08 ? 311 HOH A O   1 
HETATM 1147 O O   . HOH D 4 .   ? -4.722  9.753   -5.928  1.00 20.41 ? 312 HOH A O   1 
HETATM 1148 O O   . HOH D 4 .   ? 8.542   -5.179  -11.385 1.00 30.93 ? 313 HOH A O   1 
HETATM 1149 O O   . HOH D 4 .   ? -15.034 3.114   3.334   1.00 35.74 ? 314 HOH A O   1 
HETATM 1150 O O   . HOH D 4 .   ? -5.247  1.485   -3.898  1.00 15.79 ? 315 HOH A O   1 
HETATM 1151 O O   . HOH D 4 .   ? -5.731  -3.486  -2.266  1.00 18.22 ? 316 HOH A O   1 
HETATM 1152 O O   . HOH D 4 .   ? 1.953   -5.067  8.225   1.00 29.58 ? 317 HOH A O   1 
HETATM 1153 O O   . HOH D 4 .   ? 10.192  1.170   -12.382 1.00 21.30 ? 318 HOH A O   1 
HETATM 1154 O O   . HOH D 4 .   ? -7.712  4.969   -8.848  1.00 21.50 ? 319 HOH A O   1 
HETATM 1155 O O   . HOH D 4 .   ? -7.490  3.425   -6.640  1.00 28.38 ? 320 HOH A O   1 
HETATM 1156 O O   . HOH D 4 .   ? -1.679  -10.718 -12.765 1.00 22.60 ? 321 HOH A O   1 
HETATM 1157 O O   . HOH D 4 .   ? -16.665 -10.005 -11.779 1.00 34.13 ? 322 HOH A O   1 
HETATM 1158 O O   . HOH D 4 .   ? 13.640  -3.424  13.832  1.00 22.83 ? 323 HOH A O   1 
HETATM 1159 O O   . HOH D 4 .   ? -18.553 -6.504  -1.773  1.00 24.22 ? 324 HOH A O   1 
HETATM 1160 O O   . HOH D 4 .   ? -6.576  3.391   5.735   1.00 30.15 ? 325 HOH A O   1 
HETATM 1161 O O   . HOH D 4 .   ? -11.796 0.687   -13.290 1.00 27.77 ? 326 HOH A O   1 
HETATM 1162 O O   . HOH D 4 .   ? 5.750   -1.917  -15.934 1.00 23.43 ? 327 HOH A O   1 
HETATM 1163 O O   . HOH D 4 .   ? -3.897  -0.670  -3.503  1.00 21.23 ? 328 HOH A O   1 
HETATM 1164 O O   . HOH D 4 .   ? -5.273  -4.043  -6.361  1.00 19.17 ? 329 HOH A O   1 
HETATM 1165 O O   . HOH D 4 .   ? -6.633  -0.472  1.263   1.00 18.84 ? 330 HOH A O   1 
HETATM 1166 O O   . HOH D 4 .   ? -1.951  -4.717  8.021   1.00 26.93 ? 331 HOH A O   1 
HETATM 1167 O O   . HOH D 4 .   ? -3.704  -7.766  -20.159 1.00 31.63 ? 332 HOH A O   1 
HETATM 1168 O O   . HOH D 4 .   ? -10.237 -2.147  4.136   1.00 17.37 ? 333 HOH A O   1 
HETATM 1169 O O   . HOH D 4 .   ? -2.358  -10.257 -1.174  1.00 24.65 ? 334 HOH A O   1 
HETATM 1170 O O   . HOH D 4 .   ? 13.149  -1.733  11.565  1.00 24.91 ? 335 HOH A O   1 
HETATM 1171 O O   . HOH D 4 .   ? -5.373  6.973   2.802   1.00 43.97 ? 336 HOH A O   1 
HETATM 1172 O O   . HOH D 4 .   ? -3.433  -3.008  -4.799  1.00 23.44 ? 337 HOH A O   1 
HETATM 1173 O O   . HOH D 4 .   ? 2.300   -6.896  -17.014 1.00 34.72 ? 338 HOH A O   1 
HETATM 1174 O O   . HOH D 4 .   ? -16.535 -5.342  -3.668  1.00 19.34 ? 339 HOH A O   1 
HETATM 1175 O O   . HOH D 4 .   ? 7.118   9.095   -12.703 1.00 36.93 ? 340 HOH A O   1 
HETATM 1176 O O   . HOH D 4 .   ? 28.136  -1.494  3.702   1.00 31.24 ? 341 HOH A O   1 
HETATM 1177 O O   . HOH D 4 .   ? -12.830 1.996   -0.278  1.00 17.68 ? 342 HOH A O   1 
HETATM 1178 O O   . HOH D 4 .   ? -7.211  -4.248  -15.127 1.00 16.84 ? 343 HOH A O   1 
HETATM 1179 O O   . HOH D 4 .   ? -1.539  1.238   -22.436 1.00 21.22 ? 344 HOH A O   1 
HETATM 1180 O O   . HOH D 4 .   ? -11.807 1.234   2.310   1.00 16.55 ? 345 HOH A O   1 
HETATM 1181 O O   . HOH D 4 .   ? -0.440  4.729   14.555  1.00 30.99 ? 346 HOH A O   1 
HETATM 1182 O O   . HOH D 4 .   ? -6.016  -9.907  -0.264  1.00 21.42 ? 347 HOH A O   1 
HETATM 1183 O O   . HOH D 4 .   ? -19.341 -1.379  3.884   1.00 27.79 ? 348 HOH A O   1 
HETATM 1184 O O   . HOH D 4 .   ? -9.445  4.121   -5.202  1.00 19.09 ? 349 HOH A O   1 
HETATM 1185 O O   . HOH D 4 .   ? -5.173  -2.413  -19.821 1.00 30.40 ? 350 HOH A O   1 
HETATM 1186 O O   . HOH D 4 .   ? -12.298 -5.456  -13.102 1.00 33.76 ? 351 HOH A O   1 
HETATM 1187 O O   . HOH D 4 .   ? 3.531   -4.903  16.367  1.00 21.63 ? 352 HOH A O   1 
HETATM 1188 O O   . HOH D 4 .   ? -6.260  2.299   -18.713 1.00 23.86 ? 353 HOH A O   1 
HETATM 1189 O O   . HOH D 4 .   ? -9.690  -6.245  -13.438 1.00 27.81 ? 354 HOH A O   1 
HETATM 1190 O O   . HOH D 4 .   ? -7.141  -0.842  -1.374  1.00 19.73 ? 355 HOH A O   1 
HETATM 1191 O O   . HOH D 4 .   ? -17.271 -9.298  0.238   1.00 20.84 ? 356 HOH A O   1 
HETATM 1192 O O   . HOH D 4 .   ? -4.563  -4.062  7.670   1.00 31.72 ? 357 HOH A O   1 
HETATM 1193 O O   . HOH D 4 .   ? 9.674   3.802   -13.361 1.00 40.13 ? 358 HOH A O   1 
HETATM 1194 O O   . HOH D 4 .   ? -4.839  -0.634  -21.928 1.00 26.00 ? 359 HOH A O   1 
HETATM 1195 O O   . HOH D 4 .   ? -1.841  9.185   3.490   1.00 20.99 ? 360 HOH A O   1 
HETATM 1196 O O   . HOH D 4 .   ? 18.278  4.909   -1.657  1.00 34.60 ? 361 HOH A O   1 
HETATM 1197 O O   . HOH D 4 .   ? 12.220  -5.766  10.306  1.00 18.93 ? 362 HOH A O   1 
HETATM 1198 O O   . HOH D 4 .   ? 3.396   -9.046  -11.610 1.00 31.62 ? 363 HOH A O   1 
HETATM 1199 O O   . HOH D 4 .   ? -1.059  11.330  5.004   1.00 28.01 ? 364 HOH A O   1 
HETATM 1200 O O   . HOH D 4 .   ? -9.745  -0.710  1.678   1.00 15.66 ? 365 HOH A O   1 
HETATM 1201 O O   . HOH D 4 .   ? -5.911  -2.051  -15.992 1.00 17.55 ? 366 HOH A O   1 
HETATM 1202 O O   . HOH D 4 .   ? 12.800  0.121   -15.550 1.00 46.29 ? 367 HOH A O   1 
HETATM 1203 O O   . HOH D 4 .   ? 23.512  1.656   6.516   1.00 26.10 ? 368 HOH A O   1 
HETATM 1204 O O   . HOH D 4 .   ? -17.702 -12.087 0.078   1.00 30.19 ? 369 HOH A O   1 
HETATM 1205 O O   . HOH D 4 .   ? 10.967  3.712   19.942  1.00 33.24 ? 370 HOH A O   1 
HETATM 1206 O O   . HOH D 4 .   ? 12.036  -7.350  18.724  1.00 25.90 ? 371 HOH A O   1 
HETATM 1207 O O   . HOH D 4 .   ? 7.980   4.861   -15.690 1.00 38.72 ? 372 HOH A O   1 
HETATM 1208 O O   . HOH D 4 .   ? 12.583  11.626  -4.293  1.00 47.01 ? 373 HOH A O   1 
HETATM 1209 O O   . HOH D 4 .   ? 19.899  5.603   0.460   1.00 38.15 ? 374 HOH A O   1 
HETATM 1210 O O   . HOH D 4 .   ? -11.747 3.988   2.477   1.00 29.25 ? 375 HOH A O   1 
HETATM 1211 O O   . HOH D 4 .   ? -9.444  -4.138  -16.645 1.00 27.81 ? 376 HOH A O   1 
HETATM 1212 O O   . HOH D 4 .   ? -7.096  -1.166  -18.161 1.00 26.10 ? 377 HOH A O   1 
HETATM 1213 O O   . HOH D 4 .   ? 8.906   -11.170 -0.809  1.00 34.77 ? 378 HOH A O   1 
HETATM 1214 O O   . HOH D 4 .   ? -10.529 6.312   -6.176  1.00 25.99 ? 379 HOH A O   1 
HETATM 1215 O O   . HOH D 4 .   ? 9.810   -0.069  -14.916 1.00 29.81 ? 380 HOH A O   1 
# 
loop_
_pdbx_poly_seq_scheme.asym_id 
_pdbx_poly_seq_scheme.entity_id 
_pdbx_poly_seq_scheme.seq_id 
_pdbx_poly_seq_scheme.mon_id 
_pdbx_poly_seq_scheme.ndb_seq_num 
_pdbx_poly_seq_scheme.pdb_seq_num 
_pdbx_poly_seq_scheme.auth_seq_num 
_pdbx_poly_seq_scheme.pdb_mon_id 
_pdbx_poly_seq_scheme.auth_mon_id 
_pdbx_poly_seq_scheme.pdb_strand_id 
_pdbx_poly_seq_scheme.pdb_ins_code 
_pdbx_poly_seq_scheme.hetero 
A 1 1   MET 1   28  ?   ?   ?   A . n 
A 1 2   LYS 2   29  ?   ?   ?   A . n 
A 1 3   LYS 3   30  ?   ?   ?   A . n 
A 1 4   GLY 4   31  ?   ?   ?   A . n 
A 1 5   HIS 5   32  ?   ?   ?   A . n 
A 1 6   HIS 6   33  ?   ?   ?   A . n 
A 1 7   HIS 7   34  ?   ?   ?   A . n 
A 1 8   HIS 8   35  ?   ?   ?   A . n 
A 1 9   HIS 9   36  ?   ?   ?   A . n 
A 1 10  HIS 10  37  37  HIS HIS A . n 
A 1 11  LEU 11  38  38  LEU LEU A . n 
A 1 12  VAL 12  39  39  VAL VAL A . n 
A 1 13  PRO 13  40  40  PRO PRO A . n 
A 1 14  ARG 14  41  41  ARG ARG A . n 
A 1 15  GLY 15  42  42  GLY GLY A . n 
A 1 16  SER 16  43  43  SER SER A . n 
A 1 17  ASN 17  44  44  ASN ASN A . n 
A 1 18  PRO 18  45  45  PRO PRO A . n 
A 1 19  PRO 19  46  46  PRO PRO A . n 
A 1 20  PRO 20  47  47  PRO PRO A . n 
A 1 21  PRO 21  48  48  PRO PRO A . n 
A 1 22  GLU 22  49  49  GLU GLU A . n 
A 1 23  THR 23  50  50  THR THR A . n 
A 1 24  SER 24  51  51  SER SER A . n 
A 1 25  ASN 25  52  52  ASN ASN A . n 
A 1 26  PRO 26  53  53  PRO PRO A . n 
A 1 27  ASN 27  54  54  ASN ASN A . n 
A 1 28  LYS 28  55  55  LYS LYS A . n 
A 1 29  PRO 29  56  56  PRO PRO A . n 
A 1 30  LYS 30  57  57  LYS LYS A . n 
A 1 31  ARG 31  58  58  ARG ARG A . n 
A 1 32  GLN 32  59  59  GLN GLN A . n 
A 1 33  THR 33  60  60  THR THR A . n 
A 1 34  ASN 34  61  61  ASN ASN A . n 
A 1 35  GLN 35  62  62  GLN GLN A . n 
A 1 36  LEU 36  63  63  LEU LEU A . n 
A 1 37  GLN 37  64  64  GLN GLN A . n 
A 1 38  TYR 38  65  65  TYR TYR A . n 
A 1 39  LEU 39  66  66  LEU LEU A . n 
A 1 40  LEU 40  67  67  LEU LEU A . n 
A 1 41  ARG 41  68  68  ARG ARG A . n 
A 1 42  VAL 42  69  69  VAL VAL A . n 
A 1 43  VAL 43  70  70  VAL VAL A . n 
A 1 44  LEU 44  71  71  LEU LEU A . n 
A 1 45  LYS 45  72  72  LYS LYS A . n 
A 1 46  THR 46  73  73  THR THR A . n 
A 1 47  LEU 47  74  74  LEU LEU A . n 
A 1 48  TRP 48  75  75  TRP TRP A . n 
A 1 49  LYS 49  76  76  LYS LYS A . n 
A 1 50  HIS 50  77  77  HIS HIS A . n 
A 1 51  GLN 51  78  78  GLN GLN A . n 
A 1 52  PHE 52  79  79  PHE PHE A . n 
A 1 53  ALA 53  80  80  ALA ALA A . n 
A 1 54  TRP 54  81  81  TRP TRP A . n 
A 1 55  PRO 55  82  82  PRO PRO A . n 
A 1 56  PHE 56  83  83  PHE PHE A . n 
A 1 57  GLN 57  84  84  GLN GLN A . n 
A 1 58  GLN 58  85  85  GLN GLN A . n 
A 1 59  PRO 59  86  86  PRO PRO A . n 
A 1 60  VAL 60  87  87  VAL VAL A . n 
A 1 61  ASP 61  88  88  ASP ASP A . n 
A 1 62  ALA 62  89  89  ALA ALA A . n 
A 1 63  VAL 63  90  90  VAL VAL A . n 
A 1 64  LYS 64  91  91  LYS LYS A . n 
A 1 65  LEU 65  92  92  LEU LEU A . n 
A 1 66  ASN 66  93  93  ASN ASN A . n 
A 1 67  LEU 67  94  94  LEU LEU A . n 
A 1 68  PRO 68  95  95  PRO PRO A . n 
A 1 69  ASP 69  96  96  ASP ASP A . n 
A 1 70  TYR 70  97  97  TYR TYR A . n 
A 1 71  TYR 71  98  98  TYR TYR A . n 
A 1 72  LYS 72  99  99  LYS LYS A . n 
A 1 73  ILE 73  100 100 ILE ILE A . n 
A 1 74  ILE 74  101 101 ILE ILE A . n 
A 1 75  LYS 75  102 102 LYS LYS A . n 
A 1 76  THR 76  103 103 THR THR A . n 
A 1 77  PRO 77  104 104 PRO PRO A . n 
A 1 78  MET 78  105 105 MET MET A . n 
A 1 79  ASP 79  106 106 ASP ASP A . n 
A 1 80  MET 80  107 107 MET MET A . n 
A 1 81  GLY 81  108 108 GLY GLY A . n 
A 1 82  THR 82  109 109 THR THR A . n 
A 1 83  ILE 83  110 110 ILE ILE A . n 
A 1 84  LYS 84  111 111 LYS LYS A . n 
A 1 85  LYS 85  112 112 LYS LYS A . n 
A 1 86  ARG 86  113 113 ARG ARG A . n 
A 1 87  LEU 87  114 114 LEU LEU A . n 
A 1 88  GLU 88  115 115 GLU GLU A . n 
A 1 89  ASN 89  116 116 ASN ASN A . n 
A 1 90  ASN 90  117 117 ASN ASN A . n 
A 1 91  TYR 91  118 118 TYR TYR A . n 
A 1 92  TYR 92  119 119 TYR TYR A . n 
A 1 93  TRP 93  120 120 TRP TRP A . n 
A 1 94  ASN 94  121 121 ASN ASN A . n 
A 1 95  ALA 95  122 122 ALA ALA A . n 
A 1 96  GLN 96  123 123 GLN GLN A . n 
A 1 97  GLU 97  124 124 GLU GLU A . n 
A 1 98  CYS 98  125 125 CYS CYS A . n 
A 1 99  ILE 99  126 126 ILE ILE A . n 
A 1 100 GLN 100 127 127 GLN GLN A . n 
A 1 101 ASP 101 128 128 ASP ASP A . n 
A 1 102 PHE 102 129 129 PHE PHE A . n 
A 1 103 ASN 103 130 130 ASN ASN A . n 
A 1 104 THR 104 131 131 THR THR A . n 
A 1 105 MET 105 132 132 MET MET A . n 
A 1 106 PHE 106 133 133 PHE PHE A . n 
A 1 107 THR 107 134 134 THR THR A . n 
A 1 108 ASN 108 135 135 ASN ASN A . n 
A 1 109 CYS 109 136 136 CYS CYS A . n 
A 1 110 TYR 110 137 137 TYR TYR A . n 
A 1 111 ILE 111 138 138 ILE ILE A . n 
A 1 112 TYR 112 139 139 TYR TYR A . n 
A 1 113 ASN 113 140 140 ASN ASN A . n 
A 1 114 LYS 114 141 141 LYS LYS A . n 
A 1 115 PRO 115 142 142 PRO PRO A . n 
A 1 116 GLY 116 143 143 GLY GLY A . n 
A 1 117 ASP 117 144 144 ASP ASP A . n 
A 1 118 ASP 118 145 145 ASP ASP A . n 
A 1 119 ILE 119 146 146 ILE ILE A . n 
A 1 120 VAL 120 147 147 VAL VAL A . n 
A 1 121 LEU 121 148 148 LEU LEU A . n 
A 1 122 MET 122 149 149 MET MET A . n 
A 1 123 ALA 123 150 150 ALA ALA A . n 
A 1 124 GLU 124 151 151 GLU GLU A . n 
A 1 125 ALA 125 152 152 ALA ALA A . n 
A 1 126 LEU 126 153 153 LEU LEU A . n 
A 1 127 GLU 127 154 154 GLU GLU A . n 
A 1 128 LYS 128 155 155 LYS LYS A . n 
A 1 129 LEU 129 156 156 LEU LEU A . n 
A 1 130 PHE 130 157 157 PHE PHE A . n 
A 1 131 LEU 131 158 158 LEU LEU A . n 
A 1 132 GLN 132 159 159 GLN GLN A . n 
A 1 133 LYS 133 160 160 LYS LYS A . n 
A 1 134 ILE 134 161 161 ILE ILE A . n 
A 1 135 ASN 135 162 162 ASN ASN A . n 
A 1 136 GLU 136 163 163 GLU GLU A . n 
A 1 137 LEU 137 164 164 LEU LEU A . n 
A 1 138 PRO 138 165 165 PRO PRO A . n 
A 1 139 THR 139 166 166 THR THR A . n 
A 1 140 GLU 140 167 167 GLU GLU A . n 
A 1 141 GLU 141 168 ?   ?   ?   A . n 
# 
loop_
_pdbx_nonpoly_scheme.asym_id 
_pdbx_nonpoly_scheme.entity_id 
_pdbx_nonpoly_scheme.mon_id 
_pdbx_nonpoly_scheme.ndb_seq_num 
_pdbx_nonpoly_scheme.pdb_seq_num 
_pdbx_nonpoly_scheme.auth_seq_num 
_pdbx_nonpoly_scheme.pdb_mon_id 
_pdbx_nonpoly_scheme.auth_mon_id 
_pdbx_nonpoly_scheme.pdb_strand_id 
_pdbx_nonpoly_scheme.pdb_ins_code 
B 2 5E3 1  201 1  5E3 JF9 A . 
C 3 EDO 1  202 1  EDO EDO A . 
D 4 HOH 1  301 24 HOH HOH A . 
D 4 HOH 2  302 83 HOH HOH A . 
D 4 HOH 3  303 46 HOH HOH A . 
D 4 HOH 4  304 41 HOH HOH A . 
D 4 HOH 5  305 27 HOH HOH A . 
D 4 HOH 6  306 58 HOH HOH A . 
D 4 HOH 7  307 48 HOH HOH A . 
D 4 HOH 8  308 14 HOH HOH A . 
D 4 HOH 9  309 54 HOH HOH A . 
D 4 HOH 10 310 50 HOH HOH A . 
D 4 HOH 11 311 52 HOH HOH A . 
D 4 HOH 12 312 15 HOH HOH A . 
D 4 HOH 13 313 71 HOH HOH A . 
D 4 HOH 14 314 19 HOH HOH A . 
D 4 HOH 15 315 5  HOH HOH A . 
D 4 HOH 16 316 2  HOH HOH A . 
D 4 HOH 17 317 55 HOH HOH A . 
D 4 HOH 18 318 36 HOH HOH A . 
D 4 HOH 19 319 16 HOH HOH A . 
D 4 HOH 20 320 6  HOH HOH A . 
D 4 HOH 21 321 62 HOH HOH A . 
D 4 HOH 22 322 30 HOH HOH A . 
D 4 HOH 23 323 42 HOH HOH A . 
D 4 HOH 24 324 44 HOH HOH A . 
D 4 HOH 25 325 47 HOH HOH A . 
D 4 HOH 26 326 78 HOH HOH A . 
D 4 HOH 27 327 69 HOH HOH A . 
D 4 HOH 28 328 4  HOH HOH A . 
D 4 HOH 29 329 1  HOH HOH A . 
D 4 HOH 30 330 9  HOH HOH A . 
D 4 HOH 31 331 56 HOH HOH A . 
D 4 HOH 32 332 66 HOH HOH A . 
D 4 HOH 33 333 11 HOH HOH A . 
D 4 HOH 34 334 61 HOH HOH A . 
D 4 HOH 35 335 49 HOH HOH A . 
D 4 HOH 36 336 53 HOH HOH A . 
D 4 HOH 37 337 3  HOH HOH A . 
D 4 HOH 38 338 67 HOH HOH A . 
D 4 HOH 39 339 29 HOH HOH A . 
D 4 HOH 40 340 28 HOH HOH A . 
D 4 HOH 41 341 76 HOH HOH A . 
D 4 HOH 42 342 13 HOH HOH A . 
D 4 HOH 43 343 33 HOH HOH A . 
D 4 HOH 44 344 21 HOH HOH A . 
D 4 HOH 45 345 12 HOH HOH A . 
D 4 HOH 46 346 22 HOH HOH A . 
D 4 HOH 47 347 43 HOH HOH A . 
D 4 HOH 48 348 18 HOH HOH A . 
D 4 HOH 49 349 7  HOH HOH A . 
D 4 HOH 50 350 68 HOH HOH A . 
D 4 HOH 51 351 80 HOH HOH A . 
D 4 HOH 52 352 17 HOH HOH A . 
D 4 HOH 53 353 39 HOH HOH A . 
D 4 HOH 54 354 64 HOH HOH A . 
D 4 HOH 55 355 8  HOH HOH A . 
D 4 HOH 56 356 31 HOH HOH A . 
D 4 HOH 57 357 57 HOH HOH A . 
D 4 HOH 58 358 86 HOH HOH A . 
D 4 HOH 59 359 38 HOH HOH A . 
D 4 HOH 60 360 37 HOH HOH A . 
D 4 HOH 61 361 82 HOH HOH A . 
D 4 HOH 62 362 34 HOH HOH A . 
D 4 HOH 63 363 45 HOH HOH A . 
D 4 HOH 64 364 89 HOH HOH A . 
D 4 HOH 65 365 10 HOH HOH A . 
D 4 HOH 66 366 32 HOH HOH A . 
D 4 HOH 67 367 84 HOH HOH A . 
D 4 HOH 68 368 73 HOH HOH A . 
D 4 HOH 69 369 40 HOH HOH A . 
D 4 HOH 70 370 26 HOH HOH A . 
D 4 HOH 71 371 81 HOH HOH A . 
D 4 HOH 72 372 87 HOH HOH A . 
D 4 HOH 73 373 72 HOH HOH A . 
D 4 HOH 74 374 63 HOH HOH A . 
D 4 HOH 75 375 20 HOH HOH A . 
D 4 HOH 76 376 65 HOH HOH A . 
D 4 HOH 77 377 91 HOH HOH A . 
D 4 HOH 78 378 88 HOH HOH A . 
D 4 HOH 79 379 79 HOH HOH A . 
D 4 HOH 80 380 85 HOH HOH A . 
# 
_pdbx_struct_assembly.id                   1 
_pdbx_struct_assembly.details              author_defined_assembly 
_pdbx_struct_assembly.method_details       ? 
_pdbx_struct_assembly.oligomeric_details   monomeric 
_pdbx_struct_assembly.oligomeric_count     1 
# 
_pdbx_struct_assembly_gen.assembly_id       1 
_pdbx_struct_assembly_gen.oper_expression   1 
_pdbx_struct_assembly_gen.asym_id_list      A,B,C,D 
# 
_pdbx_struct_oper_list.id                   1 
_pdbx_struct_oper_list.type                 'identity operation' 
_pdbx_struct_oper_list.name                 1_555 
_pdbx_struct_oper_list.symmetry_operation   x,y,z 
_pdbx_struct_oper_list.matrix[1][1]         1.0000000000 
_pdbx_struct_oper_list.matrix[1][2]         0.0000000000 
_pdbx_struct_oper_list.matrix[1][3]         0.0000000000 
_pdbx_struct_oper_list.vector[1]            0.0000000000 
_pdbx_struct_oper_list.matrix[2][1]         0.0000000000 
_pdbx_struct_oper_list.matrix[2][2]         1.0000000000 
_pdbx_struct_oper_list.matrix[2][3]         0.0000000000 
_pdbx_struct_oper_list.vector[2]            0.0000000000 
_pdbx_struct_oper_list.matrix[3][1]         0.0000000000 
_pdbx_struct_oper_list.matrix[3][2]         0.0000000000 
_pdbx_struct_oper_list.matrix[3][3]         1.0000000000 
_pdbx_struct_oper_list.vector[3]            0.0000000000 
# 
loop_
_pdbx_audit_revision_history.ordinal 
_pdbx_audit_revision_history.data_content_type 
_pdbx_audit_revision_history.major_revision 
_pdbx_audit_revision_history.minor_revision 
_pdbx_audit_revision_history.revision_date 
1 'Structure model' 1 0 2022-08-10 
2 'Structure model' 1 1 2023-03-01 
3 'Structure model' 1 2 2023-11-29 
# 
_pdbx_audit_revision_details.ordinal             1 
_pdbx_audit_revision_details.revision_ordinal    1 
_pdbx_audit_revision_details.data_content_type   'Structure model' 
_pdbx_audit_revision_details.provider            repository 
_pdbx_audit_revision_details.type                'Initial release' 
_pdbx_audit_revision_details.description         ? 
_pdbx_audit_revision_details.details             ? 
# 
loop_
_pdbx_audit_revision_group.ordinal 
_pdbx_audit_revision_group.revision_ordinal 
_pdbx_audit_revision_group.data_content_type 
_pdbx_audit_revision_group.group 
1 2 'Structure model' 'Database references'    
2 3 'Structure model' 'Data collection'        
3 3 'Structure model' 'Refinement description' 
# 
loop_
_pdbx_audit_revision_category.ordinal 
_pdbx_audit_revision_category.revision_ordinal 
_pdbx_audit_revision_category.data_content_type 
_pdbx_audit_revision_category.category 
1 2 'Structure model' citation                      
2 2 'Structure model' citation_author               
3 3 'Structure model' chem_comp_atom                
4 3 'Structure model' chem_comp_bond                
5 3 'Structure model' pdbx_initial_refinement_model 
# 
loop_
_pdbx_audit_revision_item.ordinal 
_pdbx_audit_revision_item.revision_ordinal 
_pdbx_audit_revision_item.data_content_type 
_pdbx_audit_revision_item.item 
1  2 'Structure model' '_citation.country'                 
2  2 'Structure model' '_citation.journal_abbrev'          
3  2 'Structure model' '_citation.journal_id_CSD'          
4  2 'Structure model' '_citation.journal_id_ISSN'         
5  2 'Structure model' '_citation.journal_volume'          
6  2 'Structure model' '_citation.page_first'              
7  2 'Structure model' '_citation.page_last'               
8  2 'Structure model' '_citation.pdbx_database_id_DOI'    
9  2 'Structure model' '_citation.pdbx_database_id_PubMed' 
10 2 'Structure model' '_citation.title'                   
11 2 'Structure model' '_citation.year'                    
# 
loop_
_software.citation_id 
_software.classification 
_software.compiler_name 
_software.compiler_version 
_software.contact_author 
_software.contact_author_email 
_software.date 
_software.description 
_software.dependencies 
_software.hardware 
_software.language 
_software.location 
_software.mods 
_software.name 
_software.os 
_software.os_version 
_software.type 
_software.version 
_software.pdbx_ordinal 
? 'data scaling'    ? ? ? ? ? ? ? ? ? ? ? Aimless     ? ? ? 0.5.32   1 
? refinement        ? ? ? ? ? ? ? ? ? ? ? REFMAC      ? ? ? 5.8.0189 2 
? 'data extraction' ? ? ? ? ? ? ? ? ? ? ? PDB_EXTRACT ? ? ? 3.27     3 
? 'data reduction'  ? ? ? ? ? ? ? ? ? ? ? iMOSFLM     ? ? ? .        4 
? phasing           ? ? ? ? ? ? ? ? ? ? ? MOLREP      ? ? ? .        5 
# 
_pdbx_entry_details.entry_id                 7V1U 
_pdbx_entry_details.has_ligand_of_interest   Y 
_pdbx_entry_details.compound_details         ? 
_pdbx_entry_details.source_details           ? 
_pdbx_entry_details.nonpolymer_details       ? 
_pdbx_entry_details.sequence_details         ? 
# 
_pdbx_validate_rmsd_angle.id                         1 
_pdbx_validate_rmsd_angle.PDB_model_num              1 
_pdbx_validate_rmsd_angle.auth_atom_id_1             NE 
_pdbx_validate_rmsd_angle.auth_asym_id_1             A 
_pdbx_validate_rmsd_angle.auth_comp_id_1             ARG 
_pdbx_validate_rmsd_angle.auth_seq_id_1              58 
_pdbx_validate_rmsd_angle.PDB_ins_code_1             ? 
_pdbx_validate_rmsd_angle.label_alt_id_1             ? 
_pdbx_validate_rmsd_angle.auth_atom_id_2             CZ 
_pdbx_validate_rmsd_angle.auth_asym_id_2             A 
_pdbx_validate_rmsd_angle.auth_comp_id_2             ARG 
_pdbx_validate_rmsd_angle.auth_seq_id_2              58 
_pdbx_validate_rmsd_angle.PDB_ins_code_2             ? 
_pdbx_validate_rmsd_angle.label_alt_id_2             ? 
_pdbx_validate_rmsd_angle.auth_atom_id_3             NH1 
_pdbx_validate_rmsd_angle.auth_asym_id_3             A 
_pdbx_validate_rmsd_angle.auth_comp_id_3             ARG 
_pdbx_validate_rmsd_angle.auth_seq_id_3              58 
_pdbx_validate_rmsd_angle.PDB_ins_code_3             ? 
_pdbx_validate_rmsd_angle.label_alt_id_3             ? 
_pdbx_validate_rmsd_angle.angle_value                116.11 
_pdbx_validate_rmsd_angle.angle_target_value         120.30 
_pdbx_validate_rmsd_angle.angle_deviation            -4.19 
_pdbx_validate_rmsd_angle.angle_standard_deviation   0.50 
_pdbx_validate_rmsd_angle.linker_flag                N 
# 
loop_
_pdbx_validate_torsion.id 
_pdbx_validate_torsion.PDB_model_num 
_pdbx_validate_torsion.auth_comp_id 
_pdbx_validate_torsion.auth_asym_id 
_pdbx_validate_torsion.auth_seq_id 
_pdbx_validate_torsion.PDB_ins_code 
_pdbx_validate_torsion.label_alt_id 
_pdbx_validate_torsion.phi 
_pdbx_validate_torsion.psi 
1 1 ASN A 52 ? ? -168.35 89.90  
2 1 ASN A 52 ? ? -156.98 89.90  
3 1 VAL A 69 ? ? -97.40  -64.42 
# 
loop_
_pdbx_unobs_or_zero_occ_residues.id 
_pdbx_unobs_or_zero_occ_residues.PDB_model_num 
_pdbx_unobs_or_zero_occ_residues.polymer_flag 
_pdbx_unobs_or_zero_occ_residues.occupancy_flag 
_pdbx_unobs_or_zero_occ_residues.auth_asym_id 
_pdbx_unobs_or_zero_occ_residues.auth_comp_id 
_pdbx_unobs_or_zero_occ_residues.auth_seq_id 
_pdbx_unobs_or_zero_occ_residues.PDB_ins_code 
_pdbx_unobs_or_zero_occ_residues.label_asym_id 
_pdbx_unobs_or_zero_occ_residues.label_comp_id 
_pdbx_unobs_or_zero_occ_residues.label_seq_id 
1  1 Y 1 A MET 28  ? A MET 1   
2  1 Y 1 A LYS 29  ? A LYS 2   
3  1 Y 1 A LYS 30  ? A LYS 3   
4  1 Y 1 A GLY 31  ? A GLY 4   
5  1 Y 1 A HIS 32  ? A HIS 5   
6  1 Y 1 A HIS 33  ? A HIS 6   
7  1 Y 1 A HIS 34  ? A HIS 7   
8  1 Y 1 A HIS 35  ? A HIS 8   
9  1 Y 1 A HIS 36  ? A HIS 9   
10 1 Y 1 A GLU 168 ? A GLU 141 
# 
loop_
_chem_comp_atom.comp_id 
_chem_comp_atom.atom_id 
_chem_comp_atom.type_symbol 
_chem_comp_atom.pdbx_aromatic_flag 
_chem_comp_atom.pdbx_stereo_config 
_chem_comp_atom.pdbx_ordinal 
5E3 CAX  C N N 1   
5E3 OAM  O N N 2   
5E3 CAB  C Y N 3   
5E3 CAC  C Y N 4   
5E3 CAD  C Y N 5   
5E3 OAG  O Y N 6   
5E3 NAH  N Y N 7   
5E3 CAI  C Y N 8   
5E3 CAJ  C N N 9   
5E3 CAK  C N N 10  
5E3 CAE  C Y N 11  
5E3 CAF  C Y N 12  
5E3 CAA  C Y N 13  
5E3 NAL  N N N 14  
5E3 SAN  S N N 15  
5E3 OAO  O N N 16  
5E3 OAP  O N N 17  
5E3 CAQ  C Y N 18  
5E3 CAV  C Y N 19  
5E3 CAU  C Y N 20  
5E3 CAT  C Y N 21  
5E3 CAS  C Y N 22  
5E3 CAR  C Y N 23  
5E3 OAY  O N N 24  
5E3 CAZ  C N N 25  
5E3 H1   H N N 26  
5E3 H2   H N N 27  
5E3 H3   H N N 28  
5E3 H4   H N N 29  
5E3 H5   H N N 30  
5E3 H6   H N N 31  
5E3 H7   H N N 32  
5E3 H8   H N N 33  
5E3 H9   H N N 34  
5E3 H10  H N N 35  
5E3 H11  H N N 36  
5E3 H12  H N N 37  
5E3 H13  H N N 38  
5E3 H14  H N N 39  
5E3 H15  H N N 40  
5E3 H16  H N N 41  
5E3 H17  H N N 42  
5E3 H18  H N N 43  
ALA N    N N N 44  
ALA CA   C N S 45  
ALA C    C N N 46  
ALA O    O N N 47  
ALA CB   C N N 48  
ALA OXT  O N N 49  
ALA H    H N N 50  
ALA H2   H N N 51  
ALA HA   H N N 52  
ALA HB1  H N N 53  
ALA HB2  H N N 54  
ALA HB3  H N N 55  
ALA HXT  H N N 56  
ARG N    N N N 57  
ARG CA   C N S 58  
ARG C    C N N 59  
ARG O    O N N 60  
ARG CB   C N N 61  
ARG CG   C N N 62  
ARG CD   C N N 63  
ARG NE   N N N 64  
ARG CZ   C N N 65  
ARG NH1  N N N 66  
ARG NH2  N N N 67  
ARG OXT  O N N 68  
ARG H    H N N 69  
ARG H2   H N N 70  
ARG HA   H N N 71  
ARG HB2  H N N 72  
ARG HB3  H N N 73  
ARG HG2  H N N 74  
ARG HG3  H N N 75  
ARG HD2  H N N 76  
ARG HD3  H N N 77  
ARG HE   H N N 78  
ARG HH11 H N N 79  
ARG HH12 H N N 80  
ARG HH21 H N N 81  
ARG HH22 H N N 82  
ARG HXT  H N N 83  
ASN N    N N N 84  
ASN CA   C N S 85  
ASN C    C N N 86  
ASN O    O N N 87  
ASN CB   C N N 88  
ASN CG   C N N 89  
ASN OD1  O N N 90  
ASN ND2  N N N 91  
ASN OXT  O N N 92  
ASN H    H N N 93  
ASN H2   H N N 94  
ASN HA   H N N 95  
ASN HB2  H N N 96  
ASN HB3  H N N 97  
ASN HD21 H N N 98  
ASN HD22 H N N 99  
ASN HXT  H N N 100 
ASP N    N N N 101 
ASP CA   C N S 102 
ASP C    C N N 103 
ASP O    O N N 104 
ASP CB   C N N 105 
ASP CG   C N N 106 
ASP OD1  O N N 107 
ASP OD2  O N N 108 
ASP OXT  O N N 109 
ASP H    H N N 110 
ASP H2   H N N 111 
ASP HA   H N N 112 
ASP HB2  H N N 113 
ASP HB3  H N N 114 
ASP HD2  H N N 115 
ASP HXT  H N N 116 
CYS N    N N N 117 
CYS CA   C N R 118 
CYS C    C N N 119 
CYS O    O N N 120 
CYS CB   C N N 121 
CYS SG   S N N 122 
CYS OXT  O N N 123 
CYS H    H N N 124 
CYS H2   H N N 125 
CYS HA   H N N 126 
CYS HB2  H N N 127 
CYS HB3  H N N 128 
CYS HG   H N N 129 
CYS HXT  H N N 130 
EDO C1   C N N 131 
EDO O1   O N N 132 
EDO C2   C N N 133 
EDO O2   O N N 134 
EDO H11  H N N 135 
EDO H12  H N N 136 
EDO HO1  H N N 137 
EDO H21  H N N 138 
EDO H22  H N N 139 
EDO HO2  H N N 140 
GLN N    N N N 141 
GLN CA   C N S 142 
GLN C    C N N 143 
GLN O    O N N 144 
GLN CB   C N N 145 
GLN CG   C N N 146 
GLN CD   C N N 147 
GLN OE1  O N N 148 
GLN NE2  N N N 149 
GLN OXT  O N N 150 
GLN H    H N N 151 
GLN H2   H N N 152 
GLN HA   H N N 153 
GLN HB2  H N N 154 
GLN HB3  H N N 155 
GLN HG2  H N N 156 
GLN HG3  H N N 157 
GLN HE21 H N N 158 
GLN HE22 H N N 159 
GLN HXT  H N N 160 
GLU N    N N N 161 
GLU CA   C N S 162 
GLU C    C N N 163 
GLU O    O N N 164 
GLU CB   C N N 165 
GLU CG   C N N 166 
GLU CD   C N N 167 
GLU OE1  O N N 168 
GLU OE2  O N N 169 
GLU OXT  O N N 170 
GLU H    H N N 171 
GLU H2   H N N 172 
GLU HA   H N N 173 
GLU HB2  H N N 174 
GLU HB3  H N N 175 
GLU HG2  H N N 176 
GLU HG3  H N N 177 
GLU HE2  H N N 178 
GLU HXT  H N N 179 
GLY N    N N N 180 
GLY CA   C N N 181 
GLY C    C N N 182 
GLY O    O N N 183 
GLY OXT  O N N 184 
GLY H    H N N 185 
GLY H2   H N N 186 
GLY HA2  H N N 187 
GLY HA3  H N N 188 
GLY HXT  H N N 189 
HIS N    N N N 190 
HIS CA   C N S 191 
HIS C    C N N 192 
HIS O    O N N 193 
HIS CB   C N N 194 
HIS CG   C Y N 195 
HIS ND1  N Y N 196 
HIS CD2  C Y N 197 
HIS CE1  C Y N 198 
HIS NE2  N Y N 199 
HIS OXT  O N N 200 
HIS H    H N N 201 
HIS H2   H N N 202 
HIS HA   H N N 203 
HIS HB2  H N N 204 
HIS HB3  H N N 205 
HIS HD1  H N N 206 
HIS HD2  H N N 207 
HIS HE1  H N N 208 
HIS HE2  H N N 209 
HIS HXT  H N N 210 
HOH O    O N N 211 
HOH H1   H N N 212 
HOH H2   H N N 213 
ILE N    N N N 214 
ILE CA   C N S 215 
ILE C    C N N 216 
ILE O    O N N 217 
ILE CB   C N S 218 
ILE CG1  C N N 219 
ILE CG2  C N N 220 
ILE CD1  C N N 221 
ILE OXT  O N N 222 
ILE H    H N N 223 
ILE H2   H N N 224 
ILE HA   H N N 225 
ILE HB   H N N 226 
ILE HG12 H N N 227 
ILE HG13 H N N 228 
ILE HG21 H N N 229 
ILE HG22 H N N 230 
ILE HG23 H N N 231 
ILE HD11 H N N 232 
ILE HD12 H N N 233 
ILE HD13 H N N 234 
ILE HXT  H N N 235 
LEU N    N N N 236 
LEU CA   C N S 237 
LEU C    C N N 238 
LEU O    O N N 239 
LEU CB   C N N 240 
LEU CG   C N N 241 
LEU CD1  C N N 242 
LEU CD2  C N N 243 
LEU OXT  O N N 244 
LEU H    H N N 245 
LEU H2   H N N 246 
LEU HA   H N N 247 
LEU HB2  H N N 248 
LEU HB3  H N N 249 
LEU HG   H N N 250 
LEU HD11 H N N 251 
LEU HD12 H N N 252 
LEU HD13 H N N 253 
LEU HD21 H N N 254 
LEU HD22 H N N 255 
LEU HD23 H N N 256 
LEU HXT  H N N 257 
LYS N    N N N 258 
LYS CA   C N S 259 
LYS C    C N N 260 
LYS O    O N N 261 
LYS CB   C N N 262 
LYS CG   C N N 263 
LYS CD   C N N 264 
LYS CE   C N N 265 
LYS NZ   N N N 266 
LYS OXT  O N N 267 
LYS H    H N N 268 
LYS H2   H N N 269 
LYS HA   H N N 270 
LYS HB2  H N N 271 
LYS HB3  H N N 272 
LYS HG2  H N N 273 
LYS HG3  H N N 274 
LYS HD2  H N N 275 
LYS HD3  H N N 276 
LYS HE2  H N N 277 
LYS HE3  H N N 278 
LYS HZ1  H N N 279 
LYS HZ2  H N N 280 
LYS HZ3  H N N 281 
LYS HXT  H N N 282 
MET N    N N N 283 
MET CA   C N S 284 
MET C    C N N 285 
MET O    O N N 286 
MET CB   C N N 287 
MET CG   C N N 288 
MET SD   S N N 289 
MET CE   C N N 290 
MET OXT  O N N 291 
MET H    H N N 292 
MET H2   H N N 293 
MET HA   H N N 294 
MET HB2  H N N 295 
MET HB3  H N N 296 
MET HG2  H N N 297 
MET HG3  H N N 298 
MET HE1  H N N 299 
MET HE2  H N N 300 
MET HE3  H N N 301 
MET HXT  H N N 302 
PHE N    N N N 303 
PHE CA   C N S 304 
PHE C    C N N 305 
PHE O    O N N 306 
PHE CB   C N N 307 
PHE CG   C Y N 308 
PHE CD1  C Y N 309 
PHE CD2  C Y N 310 
PHE CE1  C Y N 311 
PHE CE2  C Y N 312 
PHE CZ   C Y N 313 
PHE OXT  O N N 314 
PHE H    H N N 315 
PHE H2   H N N 316 
PHE HA   H N N 317 
PHE HB2  H N N 318 
PHE HB3  H N N 319 
PHE HD1  H N N 320 
PHE HD2  H N N 321 
PHE HE1  H N N 322 
PHE HE2  H N N 323 
PHE HZ   H N N 324 
PHE HXT  H N N 325 
PRO N    N N N 326 
PRO CA   C N S 327 
PRO C    C N N 328 
PRO O    O N N 329 
PRO CB   C N N 330 
PRO CG   C N N 331 
PRO CD   C N N 332 
PRO OXT  O N N 333 
PRO H    H N N 334 
PRO HA   H N N 335 
PRO HB2  H N N 336 
PRO HB3  H N N 337 
PRO HG2  H N N 338 
PRO HG3  H N N 339 
PRO HD2  H N N 340 
PRO HD3  H N N 341 
PRO HXT  H N N 342 
SER N    N N N 343 
SER CA   C N S 344 
SER C    C N N 345 
SER O    O N N 346 
SER CB   C N N 347 
SER OG   O N N 348 
SER OXT  O N N 349 
SER H    H N N 350 
SER H2   H N N 351 
SER HA   H N N 352 
SER HB2  H N N 353 
SER HB3  H N N 354 
SER HG   H N N 355 
SER HXT  H N N 356 
THR N    N N N 357 
THR CA   C N S 358 
THR C    C N N 359 
THR O    O N N 360 
THR CB   C N R 361 
THR OG1  O N N 362 
THR CG2  C N N 363 
THR OXT  O N N 364 
THR H    H N N 365 
THR H2   H N N 366 
THR HA   H N N 367 
THR HB   H N N 368 
THR HG1  H N N 369 
THR HG21 H N N 370 
THR HG22 H N N 371 
THR HG23 H N N 372 
THR HXT  H N N 373 
TRP N    N N N 374 
TRP CA   C N S 375 
TRP C    C N N 376 
TRP O    O N N 377 
TRP CB   C N N 378 
TRP CG   C Y N 379 
TRP CD1  C Y N 380 
TRP CD2  C Y N 381 
TRP NE1  N Y N 382 
TRP CE2  C Y N 383 
TRP CE3  C Y N 384 
TRP CZ2  C Y N 385 
TRP CZ3  C Y N 386 
TRP CH2  C Y N 387 
TRP OXT  O N N 388 
TRP H    H N N 389 
TRP H2   H N N 390 
TRP HA   H N N 391 
TRP HB2  H N N 392 
TRP HB3  H N N 393 
TRP HD1  H N N 394 
TRP HE1  H N N 395 
TRP HE3  H N N 396 
TRP HZ2  H N N 397 
TRP HZ3  H N N 398 
TRP HH2  H N N 399 
TRP HXT  H N N 400 
TYR N    N N N 401 
TYR CA   C N S 402 
TYR C    C N N 403 
TYR O    O N N 404 
TYR CB   C N N 405 
TYR CG   C Y N 406 
TYR CD1  C Y N 407 
TYR CD2  C Y N 408 
TYR CE1  C Y N 409 
TYR CE2  C Y N 410 
TYR CZ   C Y N 411 
TYR OH   O N N 412 
TYR OXT  O N N 413 
TYR H    H N N 414 
TYR H2   H N N 415 
TYR HA   H N N 416 
TYR HB2  H N N 417 
TYR HB3  H N N 418 
TYR HD1  H N N 419 
TYR HD2  H N N 420 
TYR HE1  H N N 421 
TYR HE2  H N N 422 
TYR HH   H N N 423 
TYR HXT  H N N 424 
VAL N    N N N 425 
VAL CA   C N S 426 
VAL C    C N N 427 
VAL O    O N N 428 
VAL CB   C N N 429 
VAL CG1  C N N 430 
VAL CG2  C N N 431 
VAL OXT  O N N 432 
VAL H    H N N 433 
VAL H2   H N N 434 
VAL HA   H N N 435 
VAL HB   H N N 436 
VAL HG11 H N N 437 
VAL HG12 H N N 438 
VAL HG13 H N N 439 
VAL HG21 H N N 440 
VAL HG22 H N N 441 
VAL HG23 H N N 442 
VAL HXT  H N N 443 
# 
loop_
_chem_comp_bond.comp_id 
_chem_comp_bond.atom_id_1 
_chem_comp_bond.atom_id_2 
_chem_comp_bond.value_order 
_chem_comp_bond.pdbx_aromatic_flag 
_chem_comp_bond.pdbx_stereo_config 
_chem_comp_bond.pdbx_ordinal 
5E3 CAZ OAY  sing N N 1   
5E3 CAS CAT  doub Y N 2   
5E3 CAS CAR  sing Y N 3   
5E3 CAT CAU  sing Y N 4   
5E3 OAY CAR  sing N N 5   
5E3 CAR CAQ  doub Y N 6   
5E3 CAU CAV  doub Y N 7   
5E3 CAX OAM  sing N N 8   
5E3 CAQ CAV  sing Y N 9   
5E3 CAQ SAN  sing N N 10  
5E3 OAM CAB  sing N N 11  
5E3 OAP SAN  doub N N 12  
5E3 CAB CAC  doub Y N 13  
5E3 CAB CAA  sing Y N 14  
5E3 SAN NAL  sing N N 15  
5E3 SAN OAO  doub N N 16  
5E3 CAC CAD  sing Y N 17  
5E3 NAL CAA  sing N N 18  
5E3 CAA CAF  doub Y N 19  
5E3 CAD OAG  sing Y N 20  
5E3 CAD CAE  doub Y N 21  
5E3 CAF CAE  sing Y N 22  
5E3 OAG NAH  sing Y N 23  
5E3 CAE CAI  sing Y N 24  
5E3 NAH CAI  doub Y N 25  
5E3 CAI CAJ  sing N N 26  
5E3 CAJ CAK  sing N N 27  
5E3 CAX H1   sing N N 28  
5E3 CAX H2   sing N N 29  
5E3 CAX H3   sing N N 30  
5E3 CAC H4   sing N N 31  
5E3 CAJ H5   sing N N 32  
5E3 CAJ H6   sing N N 33  
5E3 CAK H7   sing N N 34  
5E3 CAK H8   sing N N 35  
5E3 CAK H9   sing N N 36  
5E3 CAF H10  sing N N 37  
5E3 NAL H11  sing N N 38  
5E3 CAV H12  sing N N 39  
5E3 CAU H13  sing N N 40  
5E3 CAT H14  sing N N 41  
5E3 CAS H15  sing N N 42  
5E3 CAZ H16  sing N N 43  
5E3 CAZ H17  sing N N 44  
5E3 CAZ H18  sing N N 45  
ALA N   CA   sing N N 46  
ALA N   H    sing N N 47  
ALA N   H2   sing N N 48  
ALA CA  C    sing N N 49  
ALA CA  CB   sing N N 50  
ALA CA  HA   sing N N 51  
ALA C   O    doub N N 52  
ALA C   OXT  sing N N 53  
ALA CB  HB1  sing N N 54  
ALA CB  HB2  sing N N 55  
ALA CB  HB3  sing N N 56  
ALA OXT HXT  sing N N 57  
ARG N   CA   sing N N 58  
ARG N   H    sing N N 59  
ARG N   H2   sing N N 60  
ARG CA  C    sing N N 61  
ARG CA  CB   sing N N 62  
ARG CA  HA   sing N N 63  
ARG C   O    doub N N 64  
ARG C   OXT  sing N N 65  
ARG CB  CG   sing N N 66  
ARG CB  HB2  sing N N 67  
ARG CB  HB3  sing N N 68  
ARG CG  CD   sing N N 69  
ARG CG  HG2  sing N N 70  
ARG CG  HG3  sing N N 71  
ARG CD  NE   sing N N 72  
ARG CD  HD2  sing N N 73  
ARG CD  HD3  sing N N 74  
ARG NE  CZ   sing N N 75  
ARG NE  HE   sing N N 76  
ARG CZ  NH1  sing N N 77  
ARG CZ  NH2  doub N N 78  
ARG NH1 HH11 sing N N 79  
ARG NH1 HH12 sing N N 80  
ARG NH2 HH21 sing N N 81  
ARG NH2 HH22 sing N N 82  
ARG OXT HXT  sing N N 83  
ASN N   CA   sing N N 84  
ASN N   H    sing N N 85  
ASN N   H2   sing N N 86  
ASN CA  C    sing N N 87  
ASN CA  CB   sing N N 88  
ASN CA  HA   sing N N 89  
ASN C   O    doub N N 90  
ASN C   OXT  sing N N 91  
ASN CB  CG   sing N N 92  
ASN CB  HB2  sing N N 93  
ASN CB  HB3  sing N N 94  
ASN CG  OD1  doub N N 95  
ASN CG  ND2  sing N N 96  
ASN ND2 HD21 sing N N 97  
ASN ND2 HD22 sing N N 98  
ASN OXT HXT  sing N N 99  
ASP N   CA   sing N N 100 
ASP N   H    sing N N 101 
ASP N   H2   sing N N 102 
ASP CA  C    sing N N 103 
ASP CA  CB   sing N N 104 
ASP CA  HA   sing N N 105 
ASP C   O    doub N N 106 
ASP C   OXT  sing N N 107 
ASP CB  CG   sing N N 108 
ASP CB  HB2  sing N N 109 
ASP CB  HB3  sing N N 110 
ASP CG  OD1  doub N N 111 
ASP CG  OD2  sing N N 112 
ASP OD2 HD2  sing N N 113 
ASP OXT HXT  sing N N 114 
CYS N   CA   sing N N 115 
CYS N   H    sing N N 116 
CYS N   H2   sing N N 117 
CYS CA  C    sing N N 118 
CYS CA  CB   sing N N 119 
CYS CA  HA   sing N N 120 
CYS C   O    doub N N 121 
CYS C   OXT  sing N N 122 
CYS CB  SG   sing N N 123 
CYS CB  HB2  sing N N 124 
CYS CB  HB3  sing N N 125 
CYS SG  HG   sing N N 126 
CYS OXT HXT  sing N N 127 
EDO C1  O1   sing N N 128 
EDO C1  C2   sing N N 129 
EDO C1  H11  sing N N 130 
EDO C1  H12  sing N N 131 
EDO O1  HO1  sing N N 132 
EDO C2  O2   sing N N 133 
EDO C2  H21  sing N N 134 
EDO C2  H22  sing N N 135 
EDO O2  HO2  sing N N 136 
GLN N   CA   sing N N 137 
GLN N   H    sing N N 138 
GLN N   H2   sing N N 139 
GLN CA  C    sing N N 140 
GLN CA  CB   sing N N 141 
GLN CA  HA   sing N N 142 
GLN C   O    doub N N 143 
GLN C   OXT  sing N N 144 
GLN CB  CG   sing N N 145 
GLN CB  HB2  sing N N 146 
GLN CB  HB3  sing N N 147 
GLN CG  CD   sing N N 148 
GLN CG  HG2  sing N N 149 
GLN CG  HG3  sing N N 150 
GLN CD  OE1  doub N N 151 
GLN CD  NE2  sing N N 152 
GLN NE2 HE21 sing N N 153 
GLN NE2 HE22 sing N N 154 
GLN OXT HXT  sing N N 155 
GLU N   CA   sing N N 156 
GLU N   H    sing N N 157 
GLU N   H2   sing N N 158 
GLU CA  C    sing N N 159 
GLU CA  CB   sing N N 160 
GLU CA  HA   sing N N 161 
GLU C   O    doub N N 162 
GLU C   OXT  sing N N 163 
GLU CB  CG   sing N N 164 
GLU CB  HB2  sing N N 165 
GLU CB  HB3  sing N N 166 
GLU CG  CD   sing N N 167 
GLU CG  HG2  sing N N 168 
GLU CG  HG3  sing N N 169 
GLU CD  OE1  doub N N 170 
GLU CD  OE2  sing N N 171 
GLU OE2 HE2  sing N N 172 
GLU OXT HXT  sing N N 173 
GLY N   CA   sing N N 174 
GLY N   H    sing N N 175 
GLY N   H2   sing N N 176 
GLY CA  C    sing N N 177 
GLY CA  HA2  sing N N 178 
GLY CA  HA3  sing N N 179 
GLY C   O    doub N N 180 
GLY C   OXT  sing N N 181 
GLY OXT HXT  sing N N 182 
HIS N   CA   sing N N 183 
HIS N   H    sing N N 184 
HIS N   H2   sing N N 185 
HIS CA  C    sing N N 186 
HIS CA  CB   sing N N 187 
HIS CA  HA   sing N N 188 
HIS C   O    doub N N 189 
HIS C   OXT  sing N N 190 
HIS CB  CG   sing N N 191 
HIS CB  HB2  sing N N 192 
HIS CB  HB3  sing N N 193 
HIS CG  ND1  sing Y N 194 
HIS CG  CD2  doub Y N 195 
HIS ND1 CE1  doub Y N 196 
HIS ND1 HD1  sing N N 197 
HIS CD2 NE2  sing Y N 198 
HIS CD2 HD2  sing N N 199 
HIS CE1 NE2  sing Y N 200 
HIS CE1 HE1  sing N N 201 
HIS NE2 HE2  sing N N 202 
HIS OXT HXT  sing N N 203 
HOH O   H1   sing N N 204 
HOH O   H2   sing N N 205 
ILE N   CA   sing N N 206 
ILE N   H    sing N N 207 
ILE N   H2   sing N N 208 
ILE CA  C    sing N N 209 
ILE CA  CB   sing N N 210 
ILE CA  HA   sing N N 211 
ILE C   O    doub N N 212 
ILE C   OXT  sing N N 213 
ILE CB  CG1  sing N N 214 
ILE CB  CG2  sing N N 215 
ILE CB  HB   sing N N 216 
ILE CG1 CD1  sing N N 217 
ILE CG1 HG12 sing N N 218 
ILE CG1 HG13 sing N N 219 
ILE CG2 HG21 sing N N 220 
ILE CG2 HG22 sing N N 221 
ILE CG2 HG23 sing N N 222 
ILE CD1 HD11 sing N N 223 
ILE CD1 HD12 sing N N 224 
ILE CD1 HD13 sing N N 225 
ILE OXT HXT  sing N N 226 
LEU N   CA   sing N N 227 
LEU N   H    sing N N 228 
LEU N   H2   sing N N 229 
LEU CA  C    sing N N 230 
LEU CA  CB   sing N N 231 
LEU CA  HA   sing N N 232 
LEU C   O    doub N N 233 
LEU C   OXT  sing N N 234 
LEU CB  CG   sing N N 235 
LEU CB  HB2  sing N N 236 
LEU CB  HB3  sing N N 237 
LEU CG  CD1  sing N N 238 
LEU CG  CD2  sing N N 239 
LEU CG  HG   sing N N 240 
LEU CD1 HD11 sing N N 241 
LEU CD1 HD12 sing N N 242 
LEU CD1 HD13 sing N N 243 
LEU CD2 HD21 sing N N 244 
LEU CD2 HD22 sing N N 245 
LEU CD2 HD23 sing N N 246 
LEU OXT HXT  sing N N 247 
LYS N   CA   sing N N 248 
LYS N   H    sing N N 249 
LYS N   H2   sing N N 250 
LYS CA  C    sing N N 251 
LYS CA  CB   sing N N 252 
LYS CA  HA   sing N N 253 
LYS C   O    doub N N 254 
LYS C   OXT  sing N N 255 
LYS CB  CG   sing N N 256 
LYS CB  HB2  sing N N 257 
LYS CB  HB3  sing N N 258 
LYS CG  CD   sing N N 259 
LYS CG  HG2  sing N N 260 
LYS CG  HG3  sing N N 261 
LYS CD  CE   sing N N 262 
LYS CD  HD2  sing N N 263 
LYS CD  HD3  sing N N 264 
LYS CE  NZ   sing N N 265 
LYS CE  HE2  sing N N 266 
LYS CE  HE3  sing N N 267 
LYS NZ  HZ1  sing N N 268 
LYS NZ  HZ2  sing N N 269 
LYS NZ  HZ3  sing N N 270 
LYS OXT HXT  sing N N 271 
MET N   CA   sing N N 272 
MET N   H    sing N N 273 
MET N   H2   sing N N 274 
MET CA  C    sing N N 275 
MET CA  CB   sing N N 276 
MET CA  HA   sing N N 277 
MET C   O    doub N N 278 
MET C   OXT  sing N N 279 
MET CB  CG   sing N N 280 
MET CB  HB2  sing N N 281 
MET CB  HB3  sing N N 282 
MET CG  SD   sing N N 283 
MET CG  HG2  sing N N 284 
MET CG  HG3  sing N N 285 
MET SD  CE   sing N N 286 
MET CE  HE1  sing N N 287 
MET CE  HE2  sing N N 288 
MET CE  HE3  sing N N 289 
MET OXT HXT  sing N N 290 
PHE N   CA   sing N N 291 
PHE N   H    sing N N 292 
PHE N   H2   sing N N 293 
PHE CA  C    sing N N 294 
PHE CA  CB   sing N N 295 
PHE CA  HA   sing N N 296 
PHE C   O    doub N N 297 
PHE C   OXT  sing N N 298 
PHE CB  CG   sing N N 299 
PHE CB  HB2  sing N N 300 
PHE CB  HB3  sing N N 301 
PHE CG  CD1  doub Y N 302 
PHE CG  CD2  sing Y N 303 
PHE CD1 CE1  sing Y N 304 
PHE CD1 HD1  sing N N 305 
PHE CD2 CE2  doub Y N 306 
PHE CD2 HD2  sing N N 307 
PHE CE1 CZ   doub Y N 308 
PHE CE1 HE1  sing N N 309 
PHE CE2 CZ   sing Y N 310 
PHE CE2 HE2  sing N N 311 
PHE CZ  HZ   sing N N 312 
PHE OXT HXT  sing N N 313 
PRO N   CA   sing N N 314 
PRO N   CD   sing N N 315 
PRO N   H    sing N N 316 
PRO CA  C    sing N N 317 
PRO CA  CB   sing N N 318 
PRO CA  HA   sing N N 319 
PRO C   O    doub N N 320 
PRO C   OXT  sing N N 321 
PRO CB  CG   sing N N 322 
PRO CB  HB2  sing N N 323 
PRO CB  HB3  sing N N 324 
PRO CG  CD   sing N N 325 
PRO CG  HG2  sing N N 326 
PRO CG  HG3  sing N N 327 
PRO CD  HD2  sing N N 328 
PRO CD  HD3  sing N N 329 
PRO OXT HXT  sing N N 330 
SER N   CA   sing N N 331 
SER N   H    sing N N 332 
SER N   H2   sing N N 333 
SER CA  C    sing N N 334 
SER CA  CB   sing N N 335 
SER CA  HA   sing N N 336 
SER C   O    doub N N 337 
SER C   OXT  sing N N 338 
SER CB  OG   sing N N 339 
SER CB  HB2  sing N N 340 
SER CB  HB3  sing N N 341 
SER OG  HG   sing N N 342 
SER OXT HXT  sing N N 343 
THR N   CA   sing N N 344 
THR N   H    sing N N 345 
THR N   H2   sing N N 346 
THR CA  C    sing N N 347 
THR CA  CB   sing N N 348 
THR CA  HA   sing N N 349 
THR C   O    doub N N 350 
THR C   OXT  sing N N 351 
THR CB  OG1  sing N N 352 
THR CB  CG2  sing N N 353 
THR CB  HB   sing N N 354 
THR OG1 HG1  sing N N 355 
THR CG2 HG21 sing N N 356 
THR CG2 HG22 sing N N 357 
THR CG2 HG23 sing N N 358 
THR OXT HXT  sing N N 359 
TRP N   CA   sing N N 360 
TRP N   H    sing N N 361 
TRP N   H2   sing N N 362 
TRP CA  C    sing N N 363 
TRP CA  CB   sing N N 364 
TRP CA  HA   sing N N 365 
TRP C   O    doub N N 366 
TRP C   OXT  sing N N 367 
TRP CB  CG   sing N N 368 
TRP CB  HB2  sing N N 369 
TRP CB  HB3  sing N N 370 
TRP CG  CD1  doub Y N 371 
TRP CG  CD2  sing Y N 372 
TRP CD1 NE1  sing Y N 373 
TRP CD1 HD1  sing N N 374 
TRP CD2 CE2  doub Y N 375 
TRP CD2 CE3  sing Y N 376 
TRP NE1 CE2  sing Y N 377 
TRP NE1 HE1  sing N N 378 
TRP CE2 CZ2  sing Y N 379 
TRP CE3 CZ3  doub Y N 380 
TRP CE3 HE3  sing N N 381 
TRP CZ2 CH2  doub Y N 382 
TRP CZ2 HZ2  sing N N 383 
TRP CZ3 CH2  sing Y N 384 
TRP CZ3 HZ3  sing N N 385 
TRP CH2 HH2  sing N N 386 
TRP OXT HXT  sing N N 387 
TYR N   CA   sing N N 388 
TYR N   H    sing N N 389 
TYR N   H2   sing N N 390 
TYR CA  C    sing N N 391 
TYR CA  CB   sing N N 392 
TYR CA  HA   sing N N 393 
TYR C   O    doub N N 394 
TYR C   OXT  sing N N 395 
TYR CB  CG   sing N N 396 
TYR CB  HB2  sing N N 397 
TYR CB  HB3  sing N N 398 
TYR CG  CD1  doub Y N 399 
TYR CG  CD2  sing Y N 400 
TYR CD1 CE1  sing Y N 401 
TYR CD1 HD1  sing N N 402 
TYR CD2 CE2  doub Y N 403 
TYR CD2 HD2  sing N N 404 
TYR CE1 CZ   doub Y N 405 
TYR CE1 HE1  sing N N 406 
TYR CE2 CZ   sing Y N 407 
TYR CE2 HE2  sing N N 408 
TYR CZ  OH   sing N N 409 
TYR OH  HH   sing N N 410 
TYR OXT HXT  sing N N 411 
VAL N   CA   sing N N 412 
VAL N   H    sing N N 413 
VAL N   H2   sing N N 414 
VAL CA  C    sing N N 415 
VAL CA  CB   sing N N 416 
VAL CA  HA   sing N N 417 
VAL C   O    doub N N 418 
VAL C   OXT  sing N N 419 
VAL CB  CG1  sing N N 420 
VAL CB  CG2  sing N N 421 
VAL CB  HB   sing N N 422 
VAL CG1 HG11 sing N N 423 
VAL CG1 HG12 sing N N 424 
VAL CG1 HG13 sing N N 425 
VAL CG2 HG21 sing N N 426 
VAL CG2 HG22 sing N N 427 
VAL CG2 HG23 sing N N 428 
VAL OXT HXT  sing N N 429 
# 
_pdbx_audit_support.funding_organization   'National Natural Science Foundation of China (NSFC)' 
_pdbx_audit_support.country                China 
_pdbx_audit_support.grant_number           81673357 
_pdbx_audit_support.ordinal                1 
# 
_pdbx_entity_instance_feature.ordinal        1 
_pdbx_entity_instance_feature.comp_id        5E3 
_pdbx_entity_instance_feature.asym_id        ? 
_pdbx_entity_instance_feature.seq_num        ? 
_pdbx_entity_instance_feature.auth_comp_id   5E3 
_pdbx_entity_instance_feature.auth_asym_id   ? 
_pdbx_entity_instance_feature.auth_seq_num   ? 
_pdbx_entity_instance_feature.feature_type   'SUBJECT OF INVESTIGATION' 
_pdbx_entity_instance_feature.details        ? 
# 
loop_
_pdbx_entity_nonpoly.entity_id 
_pdbx_entity_nonpoly.name 
_pdbx_entity_nonpoly.comp_id 
2 '~{N}-(3-ethyl-6-methoxy-1,2-benzoxazol-5-yl)-2-methoxy-benzenesulfonamide' 5E3 
3 1,2-ETHANEDIOL                                                              EDO 
4 water                                                                       HOH 
# 
_pdbx_initial_refinement_model.id               1 
_pdbx_initial_refinement_model.entity_id_list   ? 
_pdbx_initial_refinement_model.type             'experimental model' 
_pdbx_initial_refinement_model.source_name      PDB 
_pdbx_initial_refinement_model.accession_code   5Z1S 
_pdbx_initial_refinement_model.details          ? 
# 
_pdbx_struct_assembly_auth_evidence.id                     1 
_pdbx_struct_assembly_auth_evidence.assembly_id            1 
_pdbx_struct_assembly_auth_evidence.experimental_support   none 
_pdbx_struct_assembly_auth_evidence.details                ? 
# 
